data_8VR1
#
_entry.id   8VR1
#
_cell.length_a   83.739
_cell.length_b   101.339
_cell.length_c   123.980
_cell.angle_alpha   90.00
_cell.angle_beta   95.93
_cell.angle_gamma   90.00
#
_symmetry.space_group_name_H-M   'P 1 21 1'
#
loop_
_entity.id
_entity.type
_entity.pdbx_description
1 polymer 'Betaine aldehyde dehydrogenase'
2 non-polymer "CYTIDINE-5'-TRIPHOSPHATE"
3 non-polymer 'PHOSPHATE ION'
4 water water
#
_entity_poly.entity_id   1
_entity_poly.type   'polypeptide(L)'
_entity_poly.pdbx_seq_one_letter_code
;MAHHHHHHHMSRMAEQQLYIHGKFVAATSGKTFETINPATGEVLATVQAAGREDVDRAVKSAQQGQKVWAAMSAMARSRI
LRKAVDILRERNDELARLETLDTGKPLSETAAVDIVTGADVLEYYAGLIPALEGSQIPLRDSSFVYTRREPLGVVAGIGA
WNYPIQIALWKSAPALAAGNAMIFKPSEVTPLTALKLAEIYREAGLPDGVFNVLPGIGAETGQYLTEHPDIAKISFTGGV
ASGKKVMANSAASSLKEVTMELGGKSPLIIAEDANLDLAADIAMMANFYSSGQVCTNGTRVFVPAKFKAEFEHKILERVG
RIRAGDLFADDTNFGPLVSFPHRQNVLRYIESGKSEGARLLCGGDVLKGEGFDNGAWVAPTVFTDCTDDMTIVREEIFGP
VMSILSYDDEAEVIRRANATEYGLAAGVVTPDLNRAHRIIHQLEAGICWINSWGESPAEMPVGGYKHSGIGRENGVMTLQ
SYTQVKSIQVEMGPFQSIF
;
_entity_poly.pdbx_strand_id   A,B,C,D
#
# COMPACT_ATOMS: atom_id res chain seq x y z
N ARG A 12 -3.02 51.32 -7.64
CA ARG A 12 -4.18 50.54 -8.07
C ARG A 12 -3.75 49.61 -9.21
N MET A 13 -4.45 48.49 -9.34
CA MET A 13 -4.24 47.52 -10.41
C MET A 13 -5.45 47.57 -11.33
N ALA A 14 -5.32 46.90 -12.47
CA ALA A 14 -6.46 46.81 -13.39
C ALA A 14 -7.57 45.99 -12.74
N GLU A 15 -8.80 46.25 -13.17
CA GLU A 15 -9.95 45.50 -12.68
C GLU A 15 -9.80 44.01 -12.93
N GLN A 16 -10.04 43.22 -11.89
CA GLN A 16 -9.87 41.78 -11.93
C GLN A 16 -11.18 41.10 -12.29
N GLN A 17 -11.12 40.19 -13.25
CA GLN A 17 -12.30 39.49 -13.77
C GLN A 17 -12.30 38.03 -13.31
N LEU A 18 -13.33 37.30 -13.73
CA LEU A 18 -13.38 35.87 -13.50
C LEU A 18 -12.43 35.16 -14.46
N TYR A 19 -11.98 33.97 -14.07
CA TYR A 19 -11.18 33.13 -14.95
C TYR A 19 -12.00 31.89 -15.26
N ILE A 20 -12.52 31.81 -16.48
CA ILE A 20 -13.32 30.69 -16.93
C ILE A 20 -12.82 30.23 -18.29
N HIS A 21 -12.50 28.94 -18.39
CA HIS A 21 -12.13 28.30 -19.64
C HIS A 21 -10.92 28.97 -20.28
N GLY A 22 -9.86 29.16 -19.49
CA GLY A 22 -8.58 29.57 -20.01
C GLY A 22 -8.48 31.04 -20.37
N LYS A 23 -9.41 31.86 -19.91
CA LYS A 23 -9.33 33.28 -20.23
C LYS A 23 -10.13 34.06 -19.20
N PHE A 24 -9.72 35.31 -19.00
CA PHE A 24 -10.48 36.22 -18.15
C PHE A 24 -11.77 36.62 -18.86
N VAL A 25 -12.85 36.67 -18.08
CA VAL A 25 -14.17 36.96 -18.61
C VAL A 25 -14.94 37.77 -17.57
N ALA A 26 -15.77 38.69 -18.07
CA ALA A 26 -16.63 39.50 -17.21
C ALA A 26 -17.70 38.65 -16.54
N ALA A 27 -18.02 38.99 -15.30
CA ALA A 27 -19.13 38.37 -14.60
C ALA A 27 -20.46 38.83 -15.18
N THR A 28 -21.45 37.94 -15.18
CA THR A 28 -22.80 38.28 -15.62
C THR A 28 -23.68 38.68 -14.44
N SER A 29 -23.09 38.78 -13.26
CA SER A 29 -23.85 39.15 -12.07
C SER A 29 -24.08 40.65 -11.99
N GLY A 30 -23.23 41.43 -12.64
CA GLY A 30 -23.28 42.87 -12.48
C GLY A 30 -22.77 43.37 -11.16
N LYS A 31 -22.10 42.51 -10.39
CA LYS A 31 -21.66 42.78 -9.04
C LYS A 31 -20.14 42.80 -8.96
N THR A 32 -19.63 43.63 -8.04
CA THR A 32 -18.21 43.78 -7.80
C THR A 32 -17.96 43.99 -6.32
N PHE A 33 -16.70 43.83 -5.93
CA PHE A 33 -16.24 44.15 -4.59
C PHE A 33 -14.81 44.67 -4.72
N GLU A 34 -14.30 45.24 -3.63
CA GLU A 34 -12.94 45.78 -3.62
C GLU A 34 -12.08 44.97 -2.66
N THR A 35 -10.82 44.77 -3.03
CA THR A 35 -9.83 44.23 -2.12
C THR A 35 -8.88 45.36 -1.74
N ILE A 36 -8.58 45.44 -0.45
CA ILE A 36 -7.84 46.51 0.19
C ILE A 36 -6.44 46.02 0.55
N ASN A 37 -5.48 46.96 0.54
CA ASN A 37 -4.14 46.71 1.08
C ASN A 37 -4.21 46.85 2.60
N PRO A 38 -4.02 45.77 3.37
CA PRO A 38 -4.21 45.87 4.83
C PRO A 38 -3.18 46.75 5.53
N ALA A 39 -2.08 47.11 4.89
CA ALA A 39 -1.10 48.00 5.52
C ALA A 39 -1.40 49.48 5.32
N THR A 40 -2.10 49.84 4.24
CA THR A 40 -2.31 51.23 3.87
C THR A 40 -3.77 51.62 3.79
N GLY A 41 -4.69 50.68 3.64
CA GLY A 41 -6.09 50.98 3.43
C GLY A 41 -6.50 51.30 2.02
N GLU A 42 -5.54 51.39 1.09
CA GLU A 42 -5.85 51.73 -0.30
C GLU A 42 -6.48 50.56 -1.03
N VAL A 43 -7.31 50.89 -2.03
CA VAL A 43 -7.93 49.86 -2.85
C VAL A 43 -6.89 49.29 -3.78
N LEU A 44 -6.64 47.99 -3.66
CA LEU A 44 -5.72 47.33 -4.58
C LEU A 44 -6.35 47.13 -5.94
N ALA A 45 -7.62 46.71 -5.97
CA ALA A 45 -8.30 46.43 -7.21
C ALA A 45 -9.80 46.29 -6.98
N THR A 46 -10.56 46.57 -8.03
CA THR A 46 -11.96 46.22 -8.10
C THR A 46 -12.07 44.84 -8.72
N VAL A 47 -12.89 43.99 -8.13
CA VAL A 47 -12.95 42.58 -8.48
C VAL A 47 -14.38 42.20 -8.77
N GLN A 48 -14.60 41.54 -9.90
CA GLN A 48 -15.93 41.06 -10.21
C GLN A 48 -16.30 39.84 -9.38
N ALA A 49 -17.58 39.76 -9.01
CA ALA A 49 -18.11 38.70 -8.17
C ALA A 49 -18.94 37.76 -9.01
N ALA A 50 -18.70 36.45 -8.86
CA ALA A 50 -19.38 35.46 -9.66
C ALA A 50 -20.82 35.26 -9.18
N GLY A 51 -21.77 35.33 -10.11
CA GLY A 51 -23.15 35.04 -9.80
C GLY A 51 -23.51 33.59 -10.06
N ARG A 52 -24.80 33.29 -9.93
CA ARG A 52 -25.25 31.91 -10.13
CA ARG A 52 -25.26 31.92 -10.13
C ARG A 52 -25.01 31.45 -11.56
N GLU A 53 -25.26 32.34 -12.53
CA GLU A 53 -25.04 31.99 -13.93
C GLU A 53 -23.55 31.80 -14.22
N ASP A 54 -22.70 32.60 -13.59
CA ASP A 54 -21.26 32.45 -13.76
C ASP A 54 -20.78 31.10 -13.22
N VAL A 55 -21.33 30.68 -12.08
CA VAL A 55 -20.98 29.38 -11.53
C VAL A 55 -21.39 28.26 -12.46
N ASP A 56 -22.60 28.35 -13.05
CA ASP A 56 -23.03 27.32 -13.96
C ASP A 56 -22.15 27.28 -15.22
N ARG A 57 -21.76 28.47 -15.74
CA ARG A 57 -20.80 28.50 -16.84
C ARG A 57 -19.49 27.86 -16.43
N ALA A 58 -19.01 28.17 -15.23
CA ALA A 58 -17.74 27.59 -14.78
C ALA A 58 -17.85 26.09 -14.65
N VAL A 59 -19.01 25.59 -14.23
CA VAL A 59 -19.19 24.14 -14.11
C VAL A 59 -19.18 23.50 -15.49
N LYS A 60 -19.92 24.09 -16.46
CA LYS A 60 -19.94 23.50 -17.78
C LYS A 60 -18.56 23.55 -18.42
N SER A 61 -17.84 24.66 -18.23
CA SER A 61 -16.46 24.71 -18.69
C SER A 61 -15.61 23.63 -18.04
N ALA A 62 -15.73 23.47 -16.71
CA ALA A 62 -14.93 22.47 -16.02
C ALA A 62 -15.26 21.06 -16.51
N GLN A 63 -16.53 20.79 -16.76
CA GLN A 63 -16.90 19.46 -17.26
C GLN A 63 -16.22 19.17 -18.60
N GLN A 64 -16.19 20.13 -19.51
CA GLN A 64 -15.53 19.90 -20.78
C GLN A 64 -14.01 19.74 -20.62
N GLY A 65 -13.39 20.58 -19.80
CA GLY A 65 -11.95 20.48 -19.60
C GLY A 65 -11.54 19.19 -18.89
N GLN A 66 -12.34 18.75 -17.92
CA GLN A 66 -11.98 17.56 -17.18
C GLN A 66 -11.88 16.34 -18.09
N LYS A 67 -12.76 16.26 -19.10
CA LYS A 67 -12.74 15.10 -19.99
C LYS A 67 -11.46 15.05 -20.82
N VAL A 68 -11.01 16.20 -21.33
CA VAL A 68 -9.73 16.27 -22.03
C VAL A 68 -8.59 15.87 -21.08
N TRP A 69 -8.61 16.43 -19.88
CA TRP A 69 -7.55 16.21 -18.89
C TRP A 69 -7.45 14.75 -18.50
N ALA A 70 -8.59 14.13 -18.21
CA ALA A 70 -8.59 12.75 -17.76
C ALA A 70 -8.19 11.79 -18.88
N ALA A 71 -8.45 12.16 -20.14
CA ALA A 71 -8.12 11.29 -21.27
C ALA A 71 -6.62 11.27 -21.59
N MET A 72 -5.87 12.28 -21.14
CA MET A 72 -4.42 12.30 -21.33
C MET A 72 -3.76 11.19 -20.52
N SER A 73 -2.52 10.87 -20.88
CA SER A 73 -1.76 9.90 -20.09
C SER A 73 -1.33 10.49 -18.74
N ALA A 74 -1.00 9.57 -17.83
CA ALA A 74 -0.59 9.98 -16.49
C ALA A 74 0.63 10.88 -16.54
N MET A 75 1.63 10.51 -17.35
CA MET A 75 2.85 11.31 -17.43
C MET A 75 2.60 12.62 -18.17
N ALA A 76 1.66 12.65 -19.11
CA ALA A 76 1.32 13.91 -19.75
C ALA A 76 0.77 14.92 -18.76
N ARG A 77 -0.11 14.46 -17.86
CA ARG A 77 -0.56 15.30 -16.76
C ARG A 77 0.60 15.67 -15.84
N SER A 78 1.48 14.72 -15.52
CA SER A 78 2.58 15.03 -14.64
CA SER A 78 2.60 15.03 -14.65
C SER A 78 3.45 16.15 -15.22
N ARG A 79 3.76 16.08 -16.51
CA ARG A 79 4.64 17.07 -17.12
C ARG A 79 4.03 18.48 -17.08
N ILE A 80 2.71 18.58 -17.28
CA ILE A 80 2.07 19.88 -17.26
C ILE A 80 2.11 20.49 -15.87
N LEU A 81 1.83 19.70 -14.84
CA LEU A 81 1.89 20.26 -13.51
C LEU A 81 3.32 20.67 -13.17
N ARG A 82 4.31 19.93 -13.67
CA ARG A 82 5.71 20.27 -13.37
CA ARG A 82 5.71 20.27 -13.38
C ARG A 82 6.10 21.58 -14.04
N LYS A 83 5.57 21.85 -15.24
CA LYS A 83 5.82 23.13 -15.89
C LYS A 83 5.26 24.26 -15.06
N ALA A 84 4.08 24.05 -14.46
CA ALA A 84 3.51 25.04 -13.56
C ALA A 84 4.40 25.26 -12.34
N VAL A 85 4.97 24.17 -11.80
CA VAL A 85 5.91 24.31 -10.68
C VAL A 85 7.09 25.20 -11.08
N ASP A 86 7.69 24.94 -12.24
CA ASP A 86 8.82 25.73 -12.70
C ASP A 86 8.48 27.22 -12.79
N ILE A 87 7.29 27.53 -13.31
CA ILE A 87 6.89 28.93 -13.38
C ILE A 87 6.75 29.52 -11.99
N LEU A 88 6.18 28.76 -11.06
CA LEU A 88 6.00 29.25 -9.70
C LEU A 88 7.33 29.52 -9.02
N ARG A 89 8.34 28.66 -9.25
CA ARG A 89 9.66 28.91 -8.70
C ARG A 89 10.25 30.19 -9.26
N GLU A 90 10.10 30.40 -10.57
CA GLU A 90 10.69 31.56 -11.22
C GLU A 90 10.04 32.85 -10.77
N ARG A 91 8.73 32.84 -10.54
CA ARG A 91 8.01 34.05 -10.17
CA ARG A 91 8.01 34.05 -10.17
C ARG A 91 7.76 34.14 -8.66
N ASN A 92 8.47 33.33 -7.87
CA ASN A 92 8.25 33.29 -6.43
C ASN A 92 8.21 34.69 -5.81
N ASP A 93 9.22 35.51 -6.12
CA ASP A 93 9.32 36.82 -5.48
C ASP A 93 8.19 37.75 -5.90
N GLU A 94 7.84 37.76 -7.18
CA GLU A 94 6.72 38.59 -7.65
C GLU A 94 5.41 38.18 -6.99
N LEU A 95 5.14 36.87 -6.96
CA LEU A 95 3.89 36.40 -6.36
C LEU A 95 3.89 36.67 -4.86
N ALA A 96 5.04 36.54 -4.21
CA ALA A 96 5.11 36.82 -2.78
C ALA A 96 4.79 38.28 -2.50
N ARG A 97 5.28 39.20 -3.32
CA ARG A 97 4.98 40.62 -3.13
C ARG A 97 3.51 40.91 -3.33
N LEU A 98 2.90 40.28 -4.31
CA LEU A 98 1.46 40.43 -4.48
C LEU A 98 0.70 39.89 -3.28
N GLU A 99 1.14 38.74 -2.76
CA GLU A 99 0.50 38.16 -1.59
C GLU A 99 0.62 39.08 -0.38
N THR A 100 1.79 39.70 -0.20
CA THR A 100 1.98 40.65 0.88
C THR A 100 1.03 41.85 0.74
N LEU A 101 0.89 42.39 -0.48
CA LEU A 101 -0.02 43.51 -0.68
C LEU A 101 -1.45 43.14 -0.30
N ASP A 102 -1.87 41.93 -0.65
CA ASP A 102 -3.26 41.52 -0.46
C ASP A 102 -3.57 41.07 0.97
N THR A 103 -2.59 40.47 1.68
CA THR A 103 -2.85 39.91 2.99
C THR A 103 -2.26 40.71 4.15
N GLY A 104 -1.25 41.54 3.89
CA GLY A 104 -0.55 42.19 4.96
C GLY A 104 0.53 41.36 5.63
N LYS A 105 0.80 40.17 5.14
CA LYS A 105 1.88 39.40 5.76
C LYS A 105 3.24 39.89 5.26
N PRO A 106 4.26 39.89 6.14
CA PRO A 106 5.57 40.38 5.73
C PRO A 106 6.15 39.57 4.56
N LEU A 107 6.86 40.27 3.69
CA LEU A 107 7.56 39.63 2.58
C LEU A 107 8.56 38.60 3.07
N SER A 108 9.14 38.80 4.25
CA SER A 108 10.06 37.82 4.81
C SER A 108 9.38 36.50 5.03
N GLU A 109 8.07 36.51 5.23
CA GLU A 109 7.32 35.27 5.30
C GLU A 109 6.90 34.79 3.91
N THR A 110 6.26 35.67 3.13
CA THR A 110 5.63 35.23 1.89
C THR A 110 6.67 34.73 0.88
N ALA A 111 7.84 35.35 0.85
CA ALA A 111 8.85 34.96 -0.14
C ALA A 111 9.57 33.68 0.24
N ALA A 112 9.46 33.24 1.49
CA ALA A 112 10.14 32.04 1.96
C ALA A 112 9.21 30.86 2.21
N VAL A 113 7.90 31.10 2.35
CA VAL A 113 6.98 30.05 2.74
C VAL A 113 5.84 29.86 1.73
N ASP A 114 5.09 30.93 1.45
CA ASP A 114 3.77 30.76 0.84
C ASP A 114 3.83 30.07 -0.53
N ILE A 115 4.63 30.62 -1.45
CA ILE A 115 4.72 30.00 -2.77
C ILE A 115 5.63 28.79 -2.74
N VAL A 116 6.70 28.84 -1.94
CA VAL A 116 7.64 27.72 -1.87
C VAL A 116 6.93 26.43 -1.49
N THR A 117 6.14 26.48 -0.40
CA THR A 117 5.44 25.29 0.09
C THR A 117 4.20 24.95 -0.74
N GLY A 118 3.56 25.95 -1.35
CA GLY A 118 2.52 25.65 -2.31
C GLY A 118 3.04 24.91 -3.52
N ALA A 119 4.15 25.41 -4.08
CA ALA A 119 4.74 24.73 -5.22
C ALA A 119 5.31 23.37 -4.83
N ASP A 120 5.84 23.23 -3.60
CA ASP A 120 6.32 21.93 -3.15
C ASP A 120 5.23 20.87 -3.21
N VAL A 121 4.00 21.25 -2.83
CA VAL A 121 2.91 20.28 -2.84
C VAL A 121 2.51 19.93 -4.27
N LEU A 122 2.46 20.93 -5.16
CA LEU A 122 2.16 20.65 -6.57
C LEU A 122 3.24 19.77 -7.18
N GLU A 123 4.51 20.06 -6.89
CA GLU A 123 5.62 19.24 -7.38
C GLU A 123 5.48 17.80 -6.87
N TYR A 124 5.14 17.66 -5.59
CA TYR A 124 4.94 16.35 -5.01
C TYR A 124 3.87 15.56 -5.76
N TYR A 125 2.68 16.14 -5.93
CA TYR A 125 1.59 15.39 -6.55
C TYR A 125 1.84 15.18 -8.04
N ALA A 126 2.55 16.10 -8.69
CA ALA A 126 2.85 15.90 -10.11
C ALA A 126 3.57 14.58 -10.34
N GLY A 127 4.51 14.23 -9.46
CA GLY A 127 5.27 12.99 -9.60
C GLY A 127 4.51 11.76 -9.18
N LEU A 128 3.49 11.89 -8.33
CA LEU A 128 2.75 10.72 -7.89
C LEU A 128 1.66 10.28 -8.87
N ILE A 129 1.30 11.13 -9.83
CA ILE A 129 0.17 10.77 -10.74
C ILE A 129 0.37 9.33 -11.27
N PRO A 130 1.54 8.92 -11.81
CA PRO A 130 1.66 7.57 -12.40
C PRO A 130 1.56 6.45 -11.39
N ALA A 131 1.68 6.74 -10.10
CA ALA A 131 1.59 5.74 -9.05
C ALA A 131 0.17 5.49 -8.57
N LEU A 132 -0.81 6.23 -9.09
CA LEU A 132 -2.19 6.05 -8.70
C LEU A 132 -2.73 4.77 -9.33
N GLU A 133 -3.02 3.76 -8.51
CA GLU A 133 -3.37 2.44 -9.00
C GLU A 133 -4.62 1.94 -8.28
N GLY A 134 -5.40 1.13 -8.98
CA GLY A 134 -6.44 0.32 -8.37
C GLY A 134 -5.91 -1.01 -7.88
N SER A 135 -6.84 -1.93 -7.60
CA SER A 135 -6.52 -3.23 -7.04
CA SER A 135 -6.52 -3.23 -7.04
C SER A 135 -7.11 -4.33 -7.90
N GLN A 136 -6.67 -5.56 -7.62
CA GLN A 136 -7.24 -6.75 -8.23
C GLN A 136 -7.37 -7.78 -7.13
N ILE A 137 -8.52 -8.44 -7.10
CA ILE A 137 -8.84 -9.37 -6.02
C ILE A 137 -9.34 -10.67 -6.66
N PRO A 138 -8.61 -11.77 -6.55
CA PRO A 138 -9.15 -13.03 -7.07
C PRO A 138 -10.23 -13.54 -6.13
N LEU A 139 -11.34 -13.98 -6.70
CA LEU A 139 -12.37 -14.64 -5.89
C LEU A 139 -12.28 -16.16 -6.01
N ARG A 140 -12.08 -16.65 -7.22
CA ARG A 140 -12.08 -18.06 -7.55
C ARG A 140 -11.54 -18.15 -8.97
N ASP A 141 -11.32 -19.38 -9.44
CA ASP A 141 -10.76 -19.54 -10.78
C ASP A 141 -11.62 -18.86 -11.83
N SER A 142 -12.93 -18.83 -11.65
CA SER A 142 -13.84 -18.33 -12.66
C SER A 142 -14.29 -16.89 -12.43
N SER A 143 -13.75 -16.17 -11.45
CA SER A 143 -14.18 -14.80 -11.25
C SER A 143 -13.13 -14.00 -10.49
N PHE A 144 -13.00 -12.73 -10.85
CA PHE A 144 -12.13 -11.82 -10.14
C PHE A 144 -12.73 -10.43 -10.17
N VAL A 145 -12.21 -9.59 -9.27
CA VAL A 145 -12.60 -8.20 -9.13
C VAL A 145 -11.38 -7.34 -9.40
N TYR A 146 -11.59 -6.21 -10.07
CA TYR A 146 -10.57 -5.16 -10.12
C TYR A 146 -11.26 -3.83 -9.85
N THR A 147 -10.47 -2.85 -9.37
CA THR A 147 -11.00 -1.55 -9.02
C THR A 147 -10.28 -0.47 -9.84
N ARG A 148 -11.01 0.61 -10.11
CA ARG A 148 -10.49 1.81 -10.73
C ARG A 148 -10.62 2.96 -9.74
N ARG A 149 -9.60 3.82 -9.72
CA ARG A 149 -9.64 5.08 -8.98
C ARG A 149 -10.01 6.12 -10.02
N GLU A 150 -11.29 6.35 -10.16
CA GLU A 150 -11.74 7.31 -11.16
C GLU A 150 -11.82 8.73 -10.60
N PRO A 151 -11.62 9.73 -11.45
CA PRO A 151 -11.83 11.11 -11.00
C PRO A 151 -13.25 11.32 -10.49
N LEU A 152 -13.38 12.23 -9.52
CA LEU A 152 -14.69 12.67 -9.06
C LEU A 152 -15.43 13.45 -10.14
N GLY A 153 -14.69 14.15 -10.99
CA GLY A 153 -15.28 15.00 -12.00
C GLY A 153 -14.93 16.48 -11.82
N VAL A 154 -15.92 17.27 -11.42
CA VAL A 154 -15.72 18.68 -11.10
C VAL A 154 -15.79 18.81 -9.58
N VAL A 155 -14.75 19.39 -9.00
CA VAL A 155 -14.69 19.60 -7.56
C VAL A 155 -14.50 21.09 -7.36
N ALA A 156 -14.85 21.56 -6.16
CA ALA A 156 -14.73 22.97 -5.82
C ALA A 156 -13.87 23.14 -4.59
N GLY A 157 -12.98 24.13 -4.63
CA GLY A 157 -12.21 24.53 -3.47
C GLY A 157 -12.60 25.95 -3.05
N ILE A 158 -12.79 26.12 -1.74
CA ILE A 158 -13.11 27.45 -1.16
C ILE A 158 -11.94 27.80 -0.24
N GLY A 159 -11.26 28.89 -0.54
CA GLY A 159 -10.04 29.22 0.20
C GLY A 159 -10.23 30.18 1.34
N ALA A 160 -9.19 30.31 2.16
CA ALA A 160 -9.17 31.28 3.25
C ALA A 160 -8.18 32.39 2.91
N TRP A 161 -8.18 33.42 3.75
CA TRP A 161 -7.41 34.61 3.41
C TRP A 161 -6.01 34.65 4.02
N ASN A 162 -5.68 33.74 4.94
CA ASN A 162 -4.38 33.86 5.60
C ASN A 162 -3.25 33.32 4.74
N TYR A 163 -3.47 32.24 3.97
CA TYR A 163 -2.46 31.70 3.04
C TYR A 163 -3.10 31.49 1.67
N PRO A 164 -3.40 32.58 0.96
CA PRO A 164 -4.28 32.45 -0.21
C PRO A 164 -3.74 31.53 -1.28
N ILE A 165 -2.54 31.79 -1.80
CA ILE A 165 -2.06 30.96 -2.91
C ILE A 165 -1.61 29.59 -2.41
N GLN A 166 -1.08 29.49 -1.18
CA GLN A 166 -0.71 28.17 -0.66
C GLN A 166 -1.91 27.25 -0.60
N ILE A 167 -3.04 27.77 -0.08
CA ILE A 167 -4.26 26.98 -0.02
C ILE A 167 -4.75 26.64 -1.43
N ALA A 168 -4.72 27.62 -2.35
CA ALA A 168 -5.12 27.32 -3.73
C ALA A 168 -4.29 26.18 -4.30
N LEU A 169 -2.99 26.16 -4.00
CA LEU A 169 -2.15 25.07 -4.47
C LEU A 169 -2.43 23.76 -3.72
N TRP A 170 -2.61 23.81 -2.40
CA TRP A 170 -2.81 22.57 -1.66
C TRP A 170 -4.12 21.90 -2.04
N LYS A 171 -5.11 22.67 -2.46
CA LYS A 171 -6.37 22.10 -2.92
C LYS A 171 -6.30 21.69 -4.40
N SER A 172 -5.77 22.54 -5.27
CA SER A 172 -5.80 22.23 -6.71
C SER A 172 -4.79 21.15 -7.11
N ALA A 173 -3.66 21.07 -6.42
CA ALA A 173 -2.64 20.10 -6.82
C ALA A 173 -3.14 18.67 -6.75
N PRO A 174 -3.67 18.17 -5.64
CA PRO A 174 -4.16 16.78 -5.65
C PRO A 174 -5.41 16.60 -6.49
N ALA A 175 -6.29 17.60 -6.54
CA ALA A 175 -7.50 17.49 -7.34
C ALA A 175 -7.17 17.31 -8.81
N LEU A 176 -6.28 18.17 -9.35
CA LEU A 176 -5.85 18.07 -10.73
C LEU A 176 -5.01 16.82 -10.97
N ALA A 177 -4.12 16.49 -10.04
CA ALA A 177 -3.30 15.28 -10.21
C ALA A 177 -4.16 14.03 -10.24
N ALA A 178 -5.30 14.04 -9.54
CA ALA A 178 -6.21 12.89 -9.56
C ALA A 178 -7.12 12.86 -10.79
N GLY A 179 -7.00 13.82 -11.70
CA GLY A 179 -7.79 13.82 -12.92
C GLY A 179 -9.04 14.66 -12.89
N ASN A 180 -9.24 15.46 -11.85
CA ASN A 180 -10.42 16.32 -11.77
C ASN A 180 -10.15 17.71 -12.33
N ALA A 181 -11.24 18.44 -12.60
CA ALA A 181 -11.22 19.89 -12.72
C ALA A 181 -11.66 20.49 -11.39
N MET A 182 -11.05 21.61 -11.03
CA MET A 182 -11.41 22.35 -9.83
C MET A 182 -11.86 23.76 -10.16
N ILE A 183 -12.97 24.17 -9.57
CA ILE A 183 -13.38 25.56 -9.55
C ILE A 183 -12.98 26.09 -8.18
N PHE A 184 -12.14 27.11 -8.16
CA PHE A 184 -11.64 27.63 -6.91
C PHE A 184 -12.23 29.00 -6.62
N LYS A 185 -12.77 29.16 -5.41
CA LYS A 185 -13.29 30.47 -4.98
C LYS A 185 -12.35 30.98 -3.90
N PRO A 186 -11.53 32.01 -4.16
CA PRO A 186 -10.68 32.59 -3.12
C PRO A 186 -11.54 33.39 -2.15
N SER A 187 -10.96 33.70 -0.99
CA SER A 187 -11.64 34.60 -0.04
C SER A 187 -11.81 35.98 -0.67
N GLU A 188 -12.93 36.64 -0.36
CA GLU A 188 -13.18 38.01 -0.87
C GLU A 188 -12.08 38.95 -0.36
N VAL A 189 -11.48 38.62 0.77
CA VAL A 189 -10.42 39.46 1.29
C VAL A 189 -9.17 39.40 0.40
N THR A 190 -8.89 38.24 -0.21
CA THR A 190 -7.60 37.99 -0.84
C THR A 190 -7.74 37.22 -2.16
N PRO A 191 -8.32 37.84 -3.19
CA PRO A 191 -8.54 37.12 -4.44
C PRO A 191 -7.40 37.16 -5.45
N LEU A 192 -6.36 37.95 -5.23
CA LEU A 192 -5.47 38.31 -6.35
C LEU A 192 -4.54 37.17 -6.76
N THR A 193 -3.96 36.43 -5.81
CA THR A 193 -2.95 35.45 -6.25
C THR A 193 -3.62 34.24 -6.91
N ALA A 194 -4.86 33.94 -6.56
CA ALA A 194 -5.52 32.82 -7.22
C ALA A 194 -5.74 33.11 -8.70
N LEU A 195 -5.98 34.36 -9.06
CA LEU A 195 -6.13 34.68 -10.47
C LEU A 195 -4.80 34.52 -11.20
N LYS A 196 -3.71 34.95 -10.55
CA LYS A 196 -2.39 34.74 -11.15
C LYS A 196 -2.10 33.25 -11.33
N LEU A 197 -2.48 32.42 -10.35
CA LEU A 197 -2.23 30.99 -10.46
C LEU A 197 -2.97 30.40 -11.66
N ALA A 198 -4.19 30.87 -11.91
CA ALA A 198 -4.97 30.37 -13.03
C ALA A 198 -4.25 30.61 -14.34
N GLU A 199 -3.66 31.81 -14.50
CA GLU A 199 -2.89 32.11 -15.70
C GLU A 199 -1.68 31.21 -15.81
N ILE A 200 -1.00 30.96 -14.69
CA ILE A 200 0.19 30.12 -14.69
C ILE A 200 -0.16 28.70 -15.13
N TYR A 201 -1.25 28.15 -14.61
CA TYR A 201 -1.66 26.81 -15.04
C TYR A 201 -1.86 26.76 -16.55
N ARG A 202 -2.59 27.73 -17.12
CA ARG A 202 -2.80 27.73 -18.57
C ARG A 202 -1.48 27.83 -19.32
N GLU A 203 -0.59 28.71 -18.86
CA GLU A 203 0.71 28.85 -19.51
C GLU A 203 1.51 27.56 -19.45
N ALA A 204 1.29 26.75 -18.42
CA ALA A 204 1.97 25.47 -18.29
C ALA A 204 1.37 24.40 -19.21
N GLY A 205 0.22 24.67 -19.81
CA GLY A 205 -0.42 23.71 -20.68
C GLY A 205 -1.64 23.03 -20.11
N LEU A 206 -2.13 23.45 -18.96
CA LEU A 206 -3.35 22.86 -18.42
C LEU A 206 -4.50 23.12 -19.38
N PRO A 207 -5.29 22.11 -19.74
CA PRO A 207 -6.40 22.36 -20.67
C PRO A 207 -7.38 23.37 -20.09
N ASP A 208 -7.99 24.15 -21.00
CA ASP A 208 -8.97 25.15 -20.62
C ASP A 208 -10.11 24.54 -19.82
N GLY A 209 -10.49 25.19 -18.74
CA GLY A 209 -11.58 24.75 -17.90
C GLY A 209 -11.17 23.88 -16.73
N VAL A 210 -9.95 23.34 -16.74
CA VAL A 210 -9.54 22.40 -15.69
C VAL A 210 -9.33 23.14 -14.36
N PHE A 211 -8.93 24.40 -14.40
CA PHE A 211 -8.85 25.24 -13.21
C PHE A 211 -9.46 26.61 -13.51
N ASN A 212 -10.68 26.81 -13.03
CA ASN A 212 -11.39 28.07 -13.11
C ASN A 212 -11.42 28.73 -11.75
N VAL A 213 -11.37 30.07 -11.74
CA VAL A 213 -11.33 30.85 -10.51
C VAL A 213 -12.48 31.84 -10.51
N LEU A 214 -13.29 31.80 -9.45
CA LEU A 214 -14.49 32.62 -9.29
C LEU A 214 -14.37 33.43 -8.01
N PRO A 215 -13.84 34.65 -8.07
CA PRO A 215 -13.92 35.54 -6.91
C PRO A 215 -15.38 35.83 -6.57
N GLY A 216 -15.59 36.15 -5.30
CA GLY A 216 -16.91 36.52 -4.86
C GLY A 216 -16.96 36.51 -3.34
N ILE A 217 -18.15 36.74 -2.84
CA ILE A 217 -18.40 36.75 -1.40
C ILE A 217 -18.99 35.40 -0.98
N GLY A 218 -18.75 35.03 0.26
CA GLY A 218 -19.21 33.71 0.72
C GLY A 218 -20.70 33.56 0.68
N ALA A 219 -21.41 34.63 1.01
CA ALA A 219 -22.87 34.50 1.10
C ALA A 219 -23.48 34.15 -0.25
N GLU A 220 -22.82 34.51 -1.36
CA GLU A 220 -23.37 34.24 -2.69
C GLU A 220 -22.52 33.25 -3.46
N THR A 221 -21.30 33.62 -3.85
CA THR A 221 -20.55 32.77 -4.75
C THR A 221 -20.24 31.44 -4.08
N GLY A 222 -19.86 31.48 -2.80
CA GLY A 222 -19.58 30.25 -2.08
C GLY A 222 -20.80 29.35 -2.01
N GLN A 223 -21.96 29.92 -1.72
CA GLN A 223 -23.18 29.13 -1.60
C GLN A 223 -23.58 28.53 -2.94
N TYR A 224 -23.44 29.30 -4.03
CA TYR A 224 -23.80 28.77 -5.34
C TYR A 224 -22.95 27.55 -5.68
N LEU A 225 -21.67 27.55 -5.26
CA LEU A 225 -20.82 26.39 -5.51
C LEU A 225 -21.25 25.19 -4.68
N THR A 226 -21.53 25.41 -3.39
CA THR A 226 -21.92 24.29 -2.55
C THR A 226 -23.26 23.70 -2.96
N GLU A 227 -24.11 24.48 -3.62
CA GLU A 227 -25.44 24.02 -4.01
C GLU A 227 -25.49 23.39 -5.40
N HIS A 228 -24.46 23.57 -6.21
CA HIS A 228 -24.58 23.19 -7.59
C HIS A 228 -24.70 21.66 -7.73
N PRO A 229 -25.65 21.16 -8.51
CA PRO A 229 -25.87 19.71 -8.55
C PRO A 229 -24.77 18.92 -9.25
N ASP A 230 -23.92 19.54 -10.07
CA ASP A 230 -22.94 18.80 -10.85
C ASP A 230 -21.52 18.88 -10.28
N ILE A 231 -21.36 19.43 -9.09
CA ILE A 231 -20.07 19.47 -8.40
C ILE A 231 -20.05 18.29 -7.43
N ALA A 232 -19.01 17.47 -7.52
CA ALA A 232 -18.96 16.21 -6.78
C ALA A 232 -18.29 16.32 -5.42
N LYS A 233 -17.51 17.37 -5.17
CA LYS A 233 -16.81 17.48 -3.90
C LYS A 233 -16.51 18.93 -3.61
N ILE A 234 -16.60 19.29 -2.32
CA ILE A 234 -16.27 20.61 -1.82
C ILE A 234 -15.13 20.45 -0.84
N SER A 235 -14.07 21.23 -1.03
CA SER A 235 -12.98 21.30 -0.05
C SER A 235 -12.91 22.72 0.47
N PHE A 236 -13.06 22.85 1.77
CA PHE A 236 -13.12 24.18 2.41
C PHE A 236 -12.11 24.36 3.52
N THR A 237 -11.49 25.52 3.54
CA THR A 237 -10.59 25.94 4.61
C THR A 237 -11.12 27.26 5.17
N GLY A 238 -11.23 27.34 6.49
CA GLY A 238 -11.78 28.53 7.12
C GLY A 238 -12.06 28.30 8.59
N GLY A 239 -12.97 29.10 9.15
CA GLY A 239 -13.32 28.97 10.55
C GLY A 239 -14.28 27.81 10.83
N VAL A 240 -14.33 27.43 12.11
CA VAL A 240 -15.12 26.26 12.52
C VAL A 240 -16.61 26.50 12.24
N ALA A 241 -17.11 27.68 12.59
CA ALA A 241 -18.53 27.97 12.40
C ALA A 241 -18.90 28.00 10.93
N SER A 242 -18.07 28.69 10.14
CA SER A 242 -18.32 28.77 8.69
C SER A 242 -18.28 27.35 8.09
N GLY A 243 -17.42 26.50 8.66
CA GLY A 243 -17.31 25.14 8.17
C GLY A 243 -18.61 24.36 8.30
N LYS A 244 -19.29 24.49 9.44
CA LYS A 244 -20.53 23.73 9.63
C LYS A 244 -21.58 24.14 8.62
N LYS A 245 -21.70 25.44 8.34
CA LYS A 245 -22.68 25.92 7.37
C LYS A 245 -22.40 25.34 5.98
N VAL A 246 -21.14 25.39 5.55
CA VAL A 246 -20.79 24.86 4.24
C VAL A 246 -21.09 23.37 4.17
N MET A 247 -20.79 22.64 5.25
CA MET A 247 -20.97 21.18 5.20
C MET A 247 -22.47 20.83 5.16
N ALA A 248 -23.31 21.68 5.75
CA ALA A 248 -24.77 21.44 5.71
C ALA A 248 -25.28 21.61 4.28
N ASN A 249 -24.93 22.71 3.63
CA ASN A 249 -25.50 22.98 2.27
C ASN A 249 -24.98 21.97 1.26
N SER A 250 -23.74 21.53 1.40
CA SER A 250 -23.13 20.56 0.44
C SER A 250 -23.87 19.23 0.52
N ALA A 251 -24.40 18.89 1.70
CA ALA A 251 -25.12 17.61 1.89
C ALA A 251 -26.55 17.76 1.42
N ALA A 252 -27.24 18.79 1.90
CA ALA A 252 -28.67 18.95 1.58
C ALA A 252 -28.87 19.12 0.07
N SER A 253 -27.98 19.87 -0.58
CA SER A 253 -28.12 20.13 -2.03
C SER A 253 -27.96 18.86 -2.86
N SER A 254 -26.78 18.23 -2.83
CA SER A 254 -26.54 17.09 -3.76
C SER A 254 -25.66 16.00 -3.14
N LEU A 255 -25.64 15.88 -1.83
CA LEU A 255 -24.84 14.82 -1.15
C LEU A 255 -23.41 14.81 -1.71
N LYS A 256 -22.67 15.88 -1.48
CA LYS A 256 -21.32 15.97 -2.03
C LYS A 256 -20.28 15.49 -1.03
N GLU A 257 -19.21 14.87 -1.52
CA GLU A 257 -18.05 14.56 -0.69
C GLU A 257 -17.47 15.88 -0.16
N VAL A 258 -16.85 15.81 1.01
CA VAL A 258 -16.46 17.02 1.72
C VAL A 258 -15.11 16.83 2.37
N THR A 259 -14.28 17.87 2.30
CA THR A 259 -13.06 18.01 3.09
C THR A 259 -13.12 19.36 3.78
N MET A 260 -12.75 19.41 5.06
CA MET A 260 -12.77 20.64 5.83
C MET A 260 -11.52 20.78 6.67
N GLU A 261 -10.83 21.90 6.50
CA GLU A 261 -9.66 22.27 7.29
C GLU A 261 -10.04 23.53 8.05
N LEU A 262 -10.39 23.38 9.32
CA LEU A 262 -10.89 24.45 10.15
C LEU A 262 -9.84 24.86 11.17
N GLY A 263 -10.23 25.69 12.12
CA GLY A 263 -9.32 26.22 13.11
C GLY A 263 -9.07 25.28 14.28
N GLY A 264 -8.33 25.78 15.26
CA GLY A 264 -8.06 24.99 16.44
C GLY A 264 -7.75 25.86 17.64
N LYS A 265 -7.54 25.18 18.79
CA LYS A 265 -6.94 25.78 19.96
C LYS A 265 -5.87 24.81 20.44
N SER A 266 -4.76 24.76 19.71
CA SER A 266 -3.85 23.65 19.81
C SER A 266 -2.93 23.81 21.03
N PRO A 267 -2.67 22.74 21.77
CA PRO A 267 -1.82 22.82 22.95
C PRO A 267 -0.35 22.59 22.64
N LEU A 268 0.50 23.39 23.27
CA LEU A 268 1.93 23.18 23.29
C LEU A 268 2.32 22.82 24.71
N ILE A 269 2.79 21.58 24.90
CA ILE A 269 3.10 21.06 26.23
C ILE A 269 4.62 21.12 26.43
N ILE A 270 5.05 21.93 27.38
CA ILE A 270 6.46 22.02 27.75
C ILE A 270 6.69 21.07 28.93
N ALA A 271 7.56 20.07 28.72
CA ALA A 271 7.81 19.10 29.77
C ALA A 271 8.75 19.65 30.83
N GLU A 272 8.77 18.99 31.99
CA GLU A 272 9.62 19.46 33.09
C GLU A 272 11.10 19.35 32.79
N ASP A 273 11.51 18.53 31.83
CA ASP A 273 12.92 18.44 31.46
C ASP A 273 13.26 19.27 30.23
N ALA A 274 12.39 20.17 29.80
CA ALA A 274 12.66 20.92 28.58
C ALA A 274 13.64 22.05 28.87
N ASN A 275 14.53 22.29 27.91
CA ASN A 275 15.29 23.53 27.87
C ASN A 275 14.34 24.70 27.57
N LEU A 276 14.36 25.73 28.43
CA LEU A 276 13.36 26.79 28.37
C LEU A 276 13.61 27.78 27.25
N ASP A 277 14.84 27.93 26.79
CA ASP A 277 15.09 28.73 25.58
C ASP A 277 14.47 28.07 24.36
N LEU A 278 14.65 26.76 24.19
CA LEU A 278 14.00 26.06 23.09
C LEU A 278 12.49 26.14 23.22
N ALA A 279 11.97 25.92 24.43
CA ALA A 279 10.53 25.97 24.63
C ALA A 279 9.97 27.35 24.27
N ALA A 280 10.68 28.41 24.69
CA ALA A 280 10.23 29.77 24.38
C ALA A 280 10.30 30.05 22.89
N ASP A 281 11.37 29.60 22.21
CA ASP A 281 11.47 29.78 20.76
C ASP A 281 10.32 29.09 20.03
N ILE A 282 9.97 27.87 20.43
CA ILE A 282 8.87 27.15 19.80
C ILE A 282 7.55 27.87 20.07
N ALA A 283 7.34 28.32 21.31
CA ALA A 283 6.11 29.04 21.64
C ALA A 283 5.99 30.32 20.82
N MET A 284 7.09 31.05 20.66
CA MET A 284 7.07 32.25 19.82
C MET A 284 6.65 31.90 18.39
N MET A 285 7.28 30.90 17.79
CA MET A 285 6.95 30.54 16.42
C MET A 285 5.53 29.96 16.31
N ALA A 286 5.00 29.40 17.40
CA ALA A 286 3.68 28.80 17.39
C ALA A 286 2.55 29.81 17.60
N ASN A 287 2.87 31.08 17.87
CA ASN A 287 1.86 32.06 18.21
C ASN A 287 1.89 33.35 17.41
N PHE A 288 3.07 33.75 16.92
CA PHE A 288 3.23 35.07 16.34
C PHE A 288 3.63 35.07 14.87
N TYR A 289 3.76 33.91 14.23
CA TYR A 289 3.93 33.88 12.79
C TYR A 289 2.65 34.32 12.09
N SER A 290 2.80 35.03 10.96
CA SER A 290 1.65 35.59 10.23
C SER A 290 0.73 36.37 11.17
N SER A 291 1.34 37.10 12.12
CA SER A 291 0.62 37.94 13.08
C SER A 291 -0.46 37.16 13.82
N GLY A 292 -0.21 35.87 14.05
CA GLY A 292 -1.11 35.00 14.79
C GLY A 292 -2.27 34.44 14.02
N GLN A 293 -2.29 34.63 12.70
CA GLN A 293 -3.42 34.25 11.86
C GLN A 293 -3.15 32.90 11.18
N VAL A 294 -2.99 31.87 11.99
CA VAL A 294 -2.66 30.53 11.53
C VAL A 294 -3.49 29.51 12.29
N CYS A 295 -4.14 28.60 11.55
CA CYS A 295 -5.07 27.65 12.17
C CYS A 295 -4.38 26.71 13.16
N THR A 296 -3.12 26.33 12.90
CA THR A 296 -2.38 25.36 13.70
C THR A 296 -1.65 25.96 14.89
N ASN A 297 -1.85 27.23 15.18
CA ASN A 297 -1.02 27.87 16.20
C ASN A 297 -1.22 27.23 17.57
N GLY A 298 -0.11 27.13 18.32
CA GLY A 298 -0.09 26.56 19.65
C GLY A 298 -0.45 27.59 20.71
N THR A 299 -1.72 27.94 20.77
CA THR A 299 -2.18 29.10 21.54
C THR A 299 -2.47 28.81 22.99
N ARG A 300 -2.45 27.56 23.41
CA ARG A 300 -2.46 27.16 24.82
C ARG A 300 -1.09 26.58 25.13
N VAL A 301 -0.27 27.34 25.84
CA VAL A 301 1.08 26.92 26.19
C VAL A 301 1.07 26.45 27.64
N PHE A 302 1.25 25.15 27.83
CA PHE A 302 1.27 24.55 29.15
C PHE A 302 2.72 24.43 29.63
N VAL A 303 3.00 25.06 30.77
CA VAL A 303 4.36 25.10 31.32
C VAL A 303 4.31 24.59 32.74
N PRO A 304 5.29 23.81 33.19
CA PRO A 304 5.28 23.37 34.59
C PRO A 304 5.30 24.55 35.53
N ALA A 305 4.57 24.41 36.65
CA ALA A 305 4.50 25.47 37.65
C ALA A 305 5.89 25.89 38.11
N LYS A 306 6.80 24.93 38.31
CA LYS A 306 8.12 25.28 38.82
C LYS A 306 8.93 26.11 37.84
N PHE A 307 8.58 26.09 36.55
CA PHE A 307 9.30 26.86 35.54
C PHE A 307 8.51 28.04 35.00
N LYS A 308 7.32 28.31 35.53
CA LYS A 308 6.43 29.28 34.90
C LYS A 308 7.04 30.68 34.91
N ALA A 309 7.56 31.11 36.07
CA ALA A 309 8.08 32.46 36.18
C ALA A 309 9.25 32.66 35.22
N GLU A 310 10.17 31.69 35.18
CA GLU A 310 11.32 31.80 34.28
C GLU A 310 10.89 31.77 32.83
N PHE A 311 9.91 30.92 32.48
CA PHE A 311 9.42 30.87 31.11
C PHE A 311 8.81 32.21 30.69
N GLU A 312 8.03 32.84 31.58
CA GLU A 312 7.45 34.15 31.26
C GLU A 312 8.53 35.18 30.95
N HIS A 313 9.60 35.20 31.74
N HIS A 313 9.60 35.20 31.74
CA HIS A 313 10.67 36.15 31.46
CA HIS A 313 10.68 36.15 31.46
C HIS A 313 11.27 35.92 30.08
C HIS A 313 11.24 35.91 30.06
N LYS A 314 11.46 34.65 29.70
CA LYS A 314 12.02 34.35 28.39
C LYS A 314 11.06 34.73 27.27
N ILE A 315 9.75 34.60 27.48
CA ILE A 315 8.78 35.06 26.50
C ILE A 315 8.84 36.59 26.37
N LEU A 316 8.89 37.30 27.49
CA LEU A 316 8.97 38.76 27.44
C LEU A 316 10.19 39.21 26.64
N GLU A 317 11.35 38.57 26.86
CA GLU A 317 12.54 38.95 26.11
C GLU A 317 12.30 38.78 24.62
N ARG A 318 11.70 37.66 24.21
CA ARG A 318 11.56 37.39 22.79
C ARG A 318 10.49 38.26 22.16
N VAL A 319 9.39 38.52 22.88
CA VAL A 319 8.34 39.39 22.35
C VAL A 319 8.90 40.79 22.09
N GLY A 320 9.80 41.26 22.96
CA GLY A 320 10.40 42.56 22.74
C GLY A 320 11.16 42.68 21.45
N ARG A 321 11.59 41.56 20.88
CA ARG A 321 12.33 41.56 19.62
C ARG A 321 11.45 41.58 18.38
N ILE A 322 10.13 41.39 18.52
CA ILE A 322 9.29 41.37 17.34
C ILE A 322 9.39 42.72 16.66
N ARG A 323 9.56 42.71 15.33
CA ARG A 323 9.80 43.92 14.55
C ARG A 323 8.64 44.17 13.59
N ALA A 324 7.72 45.03 14.00
CA ALA A 324 6.66 45.51 13.13
C ALA A 324 7.15 46.71 12.33
N GLY A 325 6.74 46.80 11.08
CA GLY A 325 7.18 47.90 10.24
C GLY A 325 6.90 47.60 8.77
N ASP A 326 7.67 48.26 7.91
CA ASP A 326 7.53 48.13 6.46
C ASP A 326 7.52 46.66 6.04
N LEU A 327 6.41 46.23 5.45
CA LEU A 327 6.26 44.81 5.14
C LEU A 327 7.24 44.33 4.07
N PHE A 328 7.86 45.23 3.32
CA PHE A 328 8.84 44.82 2.31
C PHE A 328 10.28 44.90 2.79
N ALA A 329 10.53 45.39 4.02
CA ALA A 329 11.86 45.40 4.58
C ALA A 329 12.25 44.01 5.07
N ASP A 330 13.53 43.65 4.92
CA ASP A 330 13.98 42.31 5.27
C ASP A 330 13.80 42.02 6.77
N ASP A 331 14.03 43.01 7.63
CA ASP A 331 13.98 42.72 9.06
C ASP A 331 12.57 42.77 9.65
N THR A 332 11.55 43.17 8.88
CA THR A 332 10.19 43.10 9.40
C THR A 332 9.74 41.65 9.52
N ASN A 333 9.21 41.26 10.69
CA ASN A 333 8.73 39.91 10.90
C ASN A 333 7.33 39.88 11.52
N PHE A 334 6.62 41.01 11.49
CA PHE A 334 5.29 41.09 12.08
C PHE A 334 4.49 42.08 11.26
N GLY A 335 3.26 41.69 10.93
CA GLY A 335 2.40 42.52 10.10
C GLY A 335 1.11 42.88 10.78
N PRO A 336 0.31 43.72 10.13
CA PRO A 336 -1.02 44.02 10.63
C PRO A 336 -1.91 42.81 10.44
N LEU A 337 -3.03 42.80 11.17
CA LEU A 337 -4.07 41.83 10.88
C LEU A 337 -4.73 42.18 9.54
N VAL A 338 -5.44 41.20 8.98
CA VAL A 338 -5.87 41.29 7.60
C VAL A 338 -6.91 42.38 7.37
N SER A 339 -7.64 42.81 8.41
CA SER A 339 -8.69 43.80 8.22
C SER A 339 -9.06 44.41 9.56
N PHE A 340 -9.71 45.58 9.50
CA PHE A 340 -10.16 46.26 10.71
C PHE A 340 -11.24 45.46 11.43
N PRO A 341 -12.20 44.83 10.72
CA PRO A 341 -13.13 43.93 11.44
C PRO A 341 -12.44 42.75 12.13
N HIS A 342 -11.44 42.14 11.51
CA HIS A 342 -10.80 41.03 12.21
C HIS A 342 -10.06 41.53 13.46
N ARG A 343 -9.38 42.67 13.36
CA ARG A 343 -8.72 43.21 14.55
C ARG A 343 -9.72 43.51 15.67
N GLN A 344 -10.90 44.03 15.31
CA GLN A 344 -11.91 44.29 16.33
C GLN A 344 -12.24 43.03 17.10
N ASN A 345 -12.38 41.92 16.39
CA ASN A 345 -12.67 40.66 17.05
CA ASN A 345 -12.67 40.65 17.04
C ASN A 345 -11.52 40.24 17.95
N VAL A 346 -10.28 40.44 17.51
CA VAL A 346 -9.15 40.09 18.37
C VAL A 346 -9.12 41.01 19.59
N LEU A 347 -9.44 42.30 19.40
CA LEU A 347 -9.44 43.23 20.52
C LEU A 347 -10.49 42.85 21.55
N ARG A 348 -11.65 42.34 21.11
CA ARG A 348 -12.66 41.89 22.07
C ARG A 348 -12.17 40.69 22.88
N TYR A 349 -11.46 39.75 22.25
CA TYR A 349 -10.93 38.64 23.03
C TYR A 349 -9.92 39.14 24.05
N ILE A 350 -9.06 40.09 23.67
CA ILE A 350 -8.11 40.63 24.62
C ILE A 350 -8.84 41.28 25.79
N GLU A 351 -9.90 42.06 25.52
CA GLU A 351 -10.63 42.69 26.62
C GLU A 351 -11.29 41.64 27.50
N SER A 352 -11.76 40.54 26.90
CA SER A 352 -12.31 39.45 27.67
C SER A 352 -11.26 38.82 28.58
N GLY A 353 -10.04 38.66 28.10
CA GLY A 353 -8.99 38.13 28.96
C GLY A 353 -8.75 39.00 30.18
N LYS A 354 -8.70 40.32 29.98
CA LYS A 354 -8.48 41.23 31.10
C LYS A 354 -9.63 41.15 32.10
N SER A 355 -10.88 41.16 31.62
CA SER A 355 -12.00 41.22 32.54
C SER A 355 -12.23 39.88 33.23
N GLU A 356 -11.75 38.78 32.67
CA GLU A 356 -11.91 37.48 33.32
C GLU A 356 -10.75 37.16 34.26
N GLY A 357 -9.80 38.07 34.46
CA GLY A 357 -8.79 37.91 35.47
C GLY A 357 -7.48 37.30 35.05
N ALA A 358 -7.26 37.07 33.76
CA ALA A 358 -5.94 36.65 33.31
C ALA A 358 -4.97 37.83 33.43
N ARG A 359 -3.72 37.52 33.71
CA ARG A 359 -2.69 38.54 33.87
C ARG A 359 -2.07 38.85 32.51
N LEU A 360 -2.14 40.11 32.13
CA LEU A 360 -1.56 40.59 30.87
C LEU A 360 -0.06 40.70 31.07
N LEU A 361 0.69 39.87 30.35
CA LEU A 361 2.15 39.89 30.45
C LEU A 361 2.75 40.94 29.51
N CYS A 362 2.17 41.11 28.32
CA CYS A 362 2.64 42.17 27.43
C CYS A 362 1.64 42.38 26.31
N GLY A 363 1.78 43.53 25.65
CA GLY A 363 0.93 43.88 24.52
C GLY A 363 -0.49 44.25 24.94
N GLY A 364 -1.44 43.88 24.10
CA GLY A 364 -2.83 44.10 24.39
C GLY A 364 -3.48 45.36 23.82
N ASP A 365 -2.78 46.12 22.99
CA ASP A 365 -3.34 47.35 22.45
C ASP A 365 -3.07 47.42 20.95
N VAL A 366 -3.82 48.30 20.27
CA VAL A 366 -3.52 48.61 18.87
C VAL A 366 -2.18 49.35 18.81
N LEU A 367 -1.55 49.29 17.65
CA LEU A 367 -0.33 50.07 17.41
C LEU A 367 -0.71 51.41 16.80
N LYS A 368 0.05 52.45 17.18
CA LYS A 368 -0.25 53.83 16.83
C LYS A 368 1.00 54.50 16.28
N GLY A 369 0.80 55.53 15.48
CA GLY A 369 1.89 56.34 14.96
C GLY A 369 2.04 56.20 13.46
N GLU A 370 3.00 56.96 12.93
CA GLU A 370 3.24 56.98 11.49
C GLU A 370 3.58 55.58 11.01
N GLY A 371 2.87 55.15 9.96
CA GLY A 371 3.06 53.84 9.38
C GLY A 371 2.17 52.76 9.98
N PHE A 372 1.47 53.05 11.07
CA PHE A 372 0.55 52.10 11.68
C PHE A 372 -0.90 52.56 11.68
N ASP A 373 -1.18 53.87 11.61
CA ASP A 373 -2.55 54.36 11.77
C ASP A 373 -3.48 53.87 10.65
N ASN A 374 -2.95 53.52 9.48
CA ASN A 374 -3.78 53.08 8.37
C ASN A 374 -3.91 51.58 8.28
N GLY A 375 -3.23 50.83 9.13
CA GLY A 375 -3.35 49.39 9.12
C GLY A 375 -4.01 48.89 10.40
N ALA A 376 -4.49 47.66 10.36
CA ALA A 376 -5.18 47.06 11.50
C ALA A 376 -4.19 46.30 12.39
N TRP A 377 -3.24 47.05 12.95
CA TRP A 377 -2.19 46.46 13.76
C TRP A 377 -2.63 46.26 15.20
N VAL A 378 -2.27 45.10 15.76
CA VAL A 378 -2.38 44.78 17.17
C VAL A 378 -1.02 44.35 17.67
N ALA A 379 -0.64 44.82 18.87
CA ALA A 379 0.62 44.42 19.46
C ALA A 379 0.60 42.93 19.81
N PRO A 380 1.75 42.26 19.70
CA PRO A 380 1.85 40.87 20.18
C PRO A 380 1.48 40.78 21.66
N THR A 381 0.55 39.88 21.97
CA THR A 381 -0.08 39.85 23.29
C THR A 381 0.11 38.49 23.95
N VAL A 382 0.47 38.51 25.24
CA VAL A 382 0.65 37.30 26.03
C VAL A 382 -0.12 37.46 27.33
N PHE A 383 -1.00 36.50 27.60
CA PHE A 383 -1.68 36.38 28.88
C PHE A 383 -1.09 35.20 29.65
N THR A 384 -0.99 35.36 30.96
CA THR A 384 -0.57 34.27 31.82
C THR A 384 -1.52 34.19 33.00
N ASP A 385 -1.24 33.25 33.90
CA ASP A 385 -2.17 32.91 34.98
C ASP A 385 -3.53 32.52 34.42
N CYS A 386 -3.54 31.87 33.25
CA CYS A 386 -4.79 31.51 32.60
C CYS A 386 -5.36 30.22 33.19
N THR A 387 -6.68 30.09 33.10
CA THR A 387 -7.41 28.91 33.58
C THR A 387 -8.30 28.37 32.46
N ASP A 388 -8.65 27.09 32.56
CA ASP A 388 -9.29 26.40 31.45
C ASP A 388 -10.67 26.94 31.12
N ASP A 389 -11.30 27.67 32.02
CA ASP A 389 -12.64 28.17 31.80
C ASP A 389 -12.67 29.54 31.12
N MET A 390 -11.52 30.18 30.94
CA MET A 390 -11.52 31.50 30.35
C MET A 390 -11.84 31.45 28.85
N THR A 391 -12.52 32.50 28.40
CA THR A 391 -12.90 32.59 26.99
C THR A 391 -11.68 32.57 26.08
N ILE A 392 -10.61 33.30 26.45
CA ILE A 392 -9.41 33.31 25.62
C ILE A 392 -8.72 31.96 25.55
N VAL A 393 -8.98 31.09 26.53
CA VAL A 393 -8.38 29.77 26.51
C VAL A 393 -9.23 28.79 25.73
N ARG A 394 -10.54 28.99 25.70
CA ARG A 394 -11.45 28.04 25.10
C ARG A 394 -11.69 28.27 23.62
N GLU A 395 -11.52 29.50 23.12
CA GLU A 395 -11.94 29.85 21.77
C GLU A 395 -10.76 30.29 20.93
N GLU A 396 -10.80 29.94 19.63
CA GLU A 396 -9.77 30.38 18.70
C GLU A 396 -9.89 31.88 18.46
N ILE A 397 -8.79 32.60 18.65
CA ILE A 397 -8.79 34.04 18.49
C ILE A 397 -8.34 34.44 17.09
N PHE A 398 -7.41 33.70 16.50
CA PHE A 398 -6.87 34.00 15.17
C PHE A 398 -6.18 35.36 15.15
N GLY A 399 -5.48 35.65 16.24
CA GLY A 399 -4.67 36.82 16.36
C GLY A 399 -3.49 36.49 17.22
N PRO A 400 -2.63 37.45 17.43
CA PRO A 400 -1.36 37.23 18.16
C PRO A 400 -1.56 37.32 19.66
N VAL A 401 -2.22 36.30 20.22
CA VAL A 401 -2.58 36.25 21.63
C VAL A 401 -2.22 34.86 22.16
N MET A 402 -1.14 34.79 22.93
CA MET A 402 -0.69 33.56 23.56
C MET A 402 -1.28 33.47 24.97
N SER A 403 -1.76 32.28 25.34
CA SER A 403 -2.23 31.99 26.68
C SER A 403 -1.29 31.01 27.36
N ILE A 404 -0.74 31.41 28.51
CA ILE A 404 0.17 30.56 29.28
C ILE A 404 -0.58 29.95 30.46
N LEU A 405 -0.54 28.63 30.57
CA LEU A 405 -1.23 27.87 31.61
C LEU A 405 -0.23 27.01 32.37
N SER A 406 -0.32 27.03 33.70
CA SER A 406 0.51 26.22 34.56
CA SER A 406 0.54 26.21 34.52
C SER A 406 -0.10 24.84 34.76
N TYR A 407 0.75 23.85 34.98
CA TYR A 407 0.29 22.50 35.28
C TYR A 407 1.30 21.82 36.20
N ASP A 408 0.87 20.75 36.85
CA ASP A 408 1.66 20.04 37.86
C ASP A 408 2.16 18.68 37.42
N ASP A 409 1.35 17.88 36.71
CA ASP A 409 1.75 16.52 36.37
C ASP A 409 1.29 16.14 34.97
N GLU A 410 1.91 15.09 34.44
CA GLU A 410 1.73 14.68 33.05
C GLU A 410 0.31 14.23 32.76
N ALA A 411 -0.29 13.43 33.64
CA ALA A 411 -1.66 12.99 33.42
C ALA A 411 -2.60 14.19 33.37
N GLU A 412 -2.36 15.17 34.25
CA GLU A 412 -3.18 16.36 34.27
C GLU A 412 -3.08 17.14 32.96
N VAL A 413 -1.86 17.32 32.46
CA VAL A 413 -1.72 18.16 31.28
C VAL A 413 -2.32 17.49 30.05
N ILE A 414 -2.23 16.15 29.98
CA ILE A 414 -2.85 15.44 28.86
C ILE A 414 -4.36 15.63 28.86
N ARG A 415 -4.99 15.51 30.04
CA ARG A 415 -6.43 15.70 30.14
C ARG A 415 -6.82 17.10 29.68
N ARG A 416 -6.11 18.11 30.18
CA ARG A 416 -6.49 19.49 29.90
C ARG A 416 -6.24 19.84 28.44
N ALA A 417 -5.15 19.30 27.88
CA ALA A 417 -4.87 19.49 26.46
C ALA A 417 -5.97 18.89 25.58
N ASN A 418 -6.52 17.73 25.97
CA ASN A 418 -7.55 17.07 25.19
C ASN A 418 -8.96 17.57 25.48
N ALA A 419 -9.16 18.35 26.54
CA ALA A 419 -10.51 18.75 26.97
C ALA A 419 -10.96 19.97 26.14
N THR A 420 -11.26 19.72 24.87
CA THR A 420 -11.62 20.76 23.93
C THR A 420 -12.33 20.08 22.76
N GLU A 421 -13.20 20.84 22.12
CA GLU A 421 -13.85 20.40 20.88
C GLU A 421 -12.94 20.53 19.68
N TYR A 422 -11.89 21.34 19.78
CA TYR A 422 -10.92 21.51 18.72
C TYR A 422 -9.97 20.33 18.74
N GLY A 423 -9.32 20.10 17.60
CA GLY A 423 -8.44 18.94 17.45
C GLY A 423 -7.37 19.05 16.39
N LEU A 424 -6.94 20.26 16.04
CA LEU A 424 -6.13 20.37 14.83
C LEU A 424 -4.70 19.92 15.09
N ALA A 425 -3.99 20.61 15.99
CA ALA A 425 -2.56 20.37 16.18
C ALA A 425 -2.24 20.24 17.67
N ALA A 426 -1.00 19.81 17.93
CA ALA A 426 -0.47 19.70 19.28
C ALA A 426 1.05 19.51 19.18
N GLY A 427 1.72 19.74 20.30
CA GLY A 427 3.15 19.54 20.34
C GLY A 427 3.64 19.36 21.76
N VAL A 428 4.81 18.75 21.87
CA VAL A 428 5.48 18.56 23.16
C VAL A 428 6.95 18.92 22.99
N VAL A 429 7.52 19.54 24.02
CA VAL A 429 8.93 19.87 24.09
C VAL A 429 9.53 19.05 25.24
N THR A 430 10.43 18.12 24.89
CA THR A 430 11.12 17.27 25.86
C THR A 430 12.28 16.57 25.16
N PRO A 431 13.43 16.44 25.80
CA PRO A 431 14.50 15.60 25.23
C PRO A 431 14.33 14.13 25.54
N ASP A 432 13.33 13.75 26.33
CA ASP A 432 13.21 12.38 26.78
C ASP A 432 12.45 11.54 25.75
N LEU A 433 13.07 10.41 25.36
CA LEU A 433 12.49 9.53 24.34
C LEU A 433 11.11 9.04 24.74
N ASN A 434 11.00 8.45 25.94
CA ASN A 434 9.73 7.86 26.34
C ASN A 434 8.66 8.92 26.50
N ARG A 435 9.02 10.05 27.12
CA ARG A 435 8.05 11.10 27.35
C ARG A 435 7.49 11.64 26.05
N ALA A 436 8.35 11.86 25.05
CA ALA A 436 7.90 12.47 23.79
C ALA A 436 6.85 11.61 23.11
N HIS A 437 7.16 10.33 22.90
CA HIS A 437 6.22 9.47 22.19
C HIS A 437 5.00 9.16 23.06
N ARG A 438 5.23 8.93 24.35
CA ARG A 438 4.14 8.58 25.26
C ARG A 438 3.09 9.70 25.33
N ILE A 439 3.53 10.94 25.47
CA ILE A 439 2.58 12.05 25.54
C ILE A 439 1.88 12.24 24.19
N ILE A 440 2.66 12.25 23.11
CA ILE A 440 2.07 12.55 21.80
C ILE A 440 1.01 11.52 21.44
N HIS A 441 1.24 10.26 21.77
CA HIS A 441 0.30 9.22 21.38
C HIS A 441 -1.07 9.42 22.04
N GLN A 442 -1.12 10.13 23.16
CA GLN A 442 -2.39 10.34 23.87
C GLN A 442 -3.09 11.63 23.50
N LEU A 443 -2.49 12.50 22.70
CA LEU A 443 -3.12 13.78 22.37
C LEU A 443 -4.11 13.62 21.22
N GLU A 444 -5.25 14.29 21.34
CA GLU A 444 -6.32 14.14 20.35
C GLU A 444 -6.22 15.27 19.33
N ALA A 445 -5.24 15.12 18.43
CA ALA A 445 -4.98 16.07 17.36
C ALA A 445 -4.39 15.35 16.17
N GLY A 446 -4.64 15.91 14.98
CA GLY A 446 -4.18 15.31 13.73
C GLY A 446 -2.76 15.64 13.33
N ILE A 447 -2.20 16.73 13.85
CA ILE A 447 -0.89 17.23 13.47
C ILE A 447 -0.10 17.41 14.76
N CYS A 448 0.95 16.60 14.95
CA CYS A 448 1.70 16.61 16.21
C CYS A 448 3.16 16.85 15.95
N TRP A 449 3.74 17.82 16.67
CA TRP A 449 5.13 18.21 16.52
C TRP A 449 5.91 17.95 17.80
N ILE A 450 7.05 17.28 17.66
CA ILE A 450 7.94 17.03 18.78
C ILE A 450 9.16 17.92 18.63
N ASN A 451 9.33 18.84 19.59
CA ASN A 451 10.50 19.73 19.64
C ASN A 451 10.60 20.62 18.41
N SER A 452 9.46 21.04 17.89
CA SER A 452 9.39 21.96 16.76
CA SER A 452 9.39 21.94 16.74
C SER A 452 7.96 22.46 16.67
N TRP A 453 7.68 23.27 15.65
CA TRP A 453 6.31 23.68 15.34
C TRP A 453 6.22 24.17 13.91
N GLY A 454 5.11 23.84 13.26
CA GLY A 454 4.67 24.49 12.03
C GLY A 454 5.06 23.79 10.74
N GLU A 455 6.07 22.93 10.75
CA GLU A 455 6.50 22.37 9.47
C GLU A 455 5.44 21.39 8.95
N SER A 456 5.12 21.49 7.68
CA SER A 456 4.05 20.70 7.08
C SER A 456 4.51 20.12 5.75
N PRO A 457 5.36 19.09 5.79
CA PRO A 457 5.91 18.54 4.54
C PRO A 457 4.82 18.03 3.62
N ALA A 458 5.09 18.11 2.30
CA ALA A 458 4.12 17.68 1.32
C ALA A 458 3.68 16.24 1.55
N GLU A 459 4.57 15.41 2.12
CA GLU A 459 4.33 14.00 2.35
C GLU A 459 3.43 13.71 3.54
N MET A 460 3.21 14.70 4.41
CA MET A 460 2.61 14.46 5.70
C MET A 460 1.14 14.83 5.65
N PRO A 461 0.21 13.87 5.78
CA PRO A 461 -1.22 14.23 5.81
C PRO A 461 -1.51 15.09 7.03
N VAL A 462 -2.30 16.14 6.83
CA VAL A 462 -2.62 17.10 7.88
C VAL A 462 -4.10 17.42 7.89
N GLY A 463 -4.66 17.52 9.08
CA GLY A 463 -6.07 17.82 9.23
C GLY A 463 -6.44 17.61 10.68
N GLY A 464 -7.70 17.89 10.98
CA GLY A 464 -8.16 17.98 12.34
C GLY A 464 -8.97 16.80 12.83
N TYR A 465 -8.83 16.52 14.13
CA TYR A 465 -9.78 15.73 14.89
C TYR A 465 -10.98 16.60 15.29
N LYS A 466 -12.08 15.93 15.64
CA LYS A 466 -13.24 16.55 16.30
C LYS A 466 -13.73 17.73 15.45
N HIS A 467 -13.92 18.92 16.02
CA HIS A 467 -14.53 20.04 15.31
C HIS A 467 -13.53 20.76 14.42
N SER A 468 -12.27 20.33 14.39
CA SER A 468 -11.26 21.01 13.59
C SER A 468 -11.19 20.53 12.17
N GLY A 469 -11.90 19.46 11.80
CA GLY A 469 -11.91 19.14 10.37
C GLY A 469 -12.53 17.81 10.04
N ILE A 470 -12.65 17.62 8.72
CA ILE A 470 -13.10 16.40 8.07
C ILE A 470 -12.08 16.12 7.00
N GLY A 471 -11.55 14.90 6.99
CA GLY A 471 -10.58 14.56 5.97
C GLY A 471 -9.21 15.17 6.21
N ARG A 472 -8.38 15.08 5.17
CA ARG A 472 -6.99 15.48 5.25
C ARG A 472 -6.55 16.17 3.97
N GLU A 473 -5.46 16.92 4.08
CA GLU A 473 -4.73 17.41 2.93
C GLU A 473 -3.29 16.91 3.01
N ASN A 474 -2.65 16.90 1.84
CA ASN A 474 -1.28 16.45 1.61
C ASN A 474 -1.10 14.95 1.87
N GLY A 475 0.07 14.43 1.50
CA GLY A 475 0.33 13.01 1.58
C GLY A 475 -0.33 12.21 0.46
N VAL A 476 0.08 10.95 0.35
CA VAL A 476 -0.47 10.08 -0.70
CA VAL A 476 -0.47 10.11 -0.71
C VAL A 476 -1.97 9.92 -0.55
N MET A 477 -2.47 9.94 0.68
CA MET A 477 -3.89 9.65 0.89
C MET A 477 -4.78 10.74 0.28
N THR A 478 -4.29 11.97 0.21
CA THR A 478 -5.14 13.03 -0.34
C THR A 478 -5.25 12.93 -1.85
N LEU A 479 -4.20 12.44 -2.52
CA LEU A 479 -4.37 12.11 -3.93
C LEU A 479 -5.48 11.08 -4.12
N GLN A 480 -5.50 10.05 -3.28
CA GLN A 480 -6.51 9.02 -3.42
C GLN A 480 -7.91 9.53 -3.08
N SER A 481 -7.99 10.44 -2.10
CA SER A 481 -9.29 10.96 -1.67
C SER A 481 -9.91 11.91 -2.69
N TYR A 482 -9.17 12.31 -3.71
CA TYR A 482 -9.75 13.02 -4.84
C TYR A 482 -10.11 12.09 -6.00
N THR A 483 -10.10 10.78 -5.77
CA THR A 483 -10.68 9.81 -6.68
C THR A 483 -11.82 9.09 -5.96
N GLN A 484 -12.63 8.39 -6.75
CA GLN A 484 -13.67 7.52 -6.22
C GLN A 484 -13.44 6.12 -6.75
N VAL A 485 -13.74 5.13 -5.92
CA VAL A 485 -13.48 3.73 -6.24
C VAL A 485 -14.66 3.19 -7.02
N LYS A 486 -14.36 2.54 -8.15
CA LYS A 486 -15.31 1.70 -8.86
C LYS A 486 -14.82 0.27 -8.77
N SER A 487 -15.64 -0.61 -8.21
CA SER A 487 -15.34 -2.04 -8.14
C SER A 487 -16.02 -2.77 -9.29
N ILE A 488 -15.27 -3.63 -9.97
CA ILE A 488 -15.74 -4.31 -11.17
C ILE A 488 -15.55 -5.80 -10.99
N GLN A 489 -16.65 -6.55 -11.06
CA GLN A 489 -16.57 -8.00 -10.99
C GLN A 489 -16.68 -8.58 -12.39
N VAL A 490 -15.71 -9.41 -12.76
CA VAL A 490 -15.74 -10.20 -13.98
C VAL A 490 -16.15 -11.61 -13.59
N GLU A 491 -17.36 -12.00 -13.98
CA GLU A 491 -17.87 -13.33 -13.73
C GLU A 491 -17.73 -14.13 -15.03
N MET A 492 -16.80 -15.07 -15.04
CA MET A 492 -16.55 -15.93 -16.19
C MET A 492 -17.25 -17.27 -16.12
N GLY A 493 -17.89 -17.58 -14.99
CA GLY A 493 -18.66 -18.79 -14.86
C GLY A 493 -20.10 -18.57 -15.29
N PRO A 494 -20.86 -19.66 -15.41
CA PRO A 494 -22.28 -19.54 -15.80
C PRO A 494 -23.12 -18.95 -14.66
N PHE A 495 -23.87 -17.91 -14.97
CA PHE A 495 -24.69 -17.27 -13.95
C PHE A 495 -25.92 -18.11 -13.67
N GLN A 496 -26.21 -18.31 -12.39
CA GLN A 496 -27.32 -19.13 -11.94
C GLN A 496 -28.40 -18.23 -11.34
N SER A 497 -29.61 -18.31 -11.88
CA SER A 497 -30.77 -17.64 -11.32
C SER A 497 -31.60 -18.64 -10.53
N ILE A 498 -32.11 -18.21 -9.37
CA ILE A 498 -32.97 -19.07 -8.55
C ILE A 498 -34.43 -19.00 -8.96
N PHE A 499 -34.76 -18.23 -10.00
CA PHE A 499 -36.14 -18.15 -10.45
C PHE A 499 -36.36 -19.03 -11.69
N ARG B 12 12.18 -44.90 25.03
CA ARG B 12 12.62 -44.39 23.74
C ARG B 12 11.45 -44.24 22.79
N MET B 13 11.60 -43.35 21.81
CA MET B 13 10.54 -43.08 20.86
C MET B 13 10.62 -44.09 19.71
N ALA B 14 9.51 -44.22 19.00
CA ALA B 14 9.50 -45.09 17.82
C ALA B 14 10.35 -44.48 16.72
N GLU B 15 10.84 -45.33 15.81
CA GLU B 15 11.60 -44.85 14.68
C GLU B 15 10.77 -43.84 13.89
N GLN B 16 11.36 -42.68 13.62
CA GLN B 16 10.65 -41.59 12.97
C GLN B 16 10.79 -41.72 11.46
N GLN B 17 9.68 -41.58 10.76
CA GLN B 17 9.63 -41.75 9.31
C GLN B 17 9.50 -40.39 8.63
N LEU B 18 9.51 -40.40 7.30
CA LEU B 18 9.22 -39.19 6.54
C LEU B 18 7.72 -38.91 6.59
N TYR B 19 7.36 -37.65 6.37
CA TYR B 19 5.96 -37.27 6.25
C TYR B 19 5.73 -36.74 4.84
N ILE B 20 5.06 -37.56 4.01
CA ILE B 20 4.78 -37.22 2.62
C ILE B 20 3.32 -37.52 2.33
N HIS B 21 2.61 -36.51 1.82
CA HIS B 21 1.23 -36.62 1.37
C HIS B 21 0.28 -37.11 2.47
N GLY B 22 0.37 -36.46 3.63
CA GLY B 22 -0.60 -36.66 4.70
C GLY B 22 -0.44 -37.92 5.52
N LYS B 23 0.72 -38.58 5.45
CA LYS B 23 0.96 -39.79 6.22
C LYS B 23 2.46 -40.00 6.38
N PHE B 24 2.82 -40.70 7.45
CA PHE B 24 4.20 -41.13 7.63
C PHE B 24 4.52 -42.27 6.66
N VAL B 25 5.69 -42.19 6.03
CA VAL B 25 6.08 -43.17 5.02
C VAL B 25 7.57 -43.45 5.19
N ALA B 26 7.93 -44.69 4.90
CA ALA B 26 9.32 -45.13 5.00
C ALA B 26 10.16 -44.49 3.90
N ALA B 27 11.37 -44.08 4.28
CA ALA B 27 12.34 -43.63 3.29
C ALA B 27 12.83 -44.81 2.46
N THR B 28 13.19 -44.53 1.21
CA THR B 28 13.81 -45.51 0.31
C THR B 28 15.32 -45.33 0.21
N SER B 29 15.91 -44.48 1.04
CA SER B 29 17.34 -44.28 1.00
C SER B 29 18.12 -45.41 1.67
N GLY B 30 17.48 -46.14 2.58
CA GLY B 30 18.21 -47.10 3.36
C GLY B 30 19.10 -46.49 4.41
N LYS B 31 18.97 -45.20 4.68
CA LYS B 31 19.85 -44.54 5.63
C LYS B 31 19.04 -43.95 6.77
N THR B 32 19.65 -43.90 7.94
CA THR B 32 19.04 -43.34 9.13
C THR B 32 20.10 -42.57 9.89
N PHE B 33 19.64 -41.74 10.82
CA PHE B 33 20.52 -41.03 11.74
C PHE B 33 19.83 -40.95 13.09
N GLU B 34 20.60 -40.57 14.10
CA GLU B 34 20.09 -40.51 15.47
C GLU B 34 20.10 -39.06 15.92
N THR B 35 19.10 -38.70 16.72
CA THR B 35 19.07 -37.42 17.40
C THR B 35 19.28 -37.68 18.89
N ILE B 36 20.15 -36.87 19.50
CA ILE B 36 20.63 -37.05 20.85
C ILE B 36 19.94 -36.06 21.78
N ASN B 37 19.67 -36.49 23.01
CA ASN B 37 19.23 -35.59 24.06
C ASN B 37 20.46 -34.89 24.59
N PRO B 38 20.60 -33.58 24.38
CA PRO B 38 21.85 -32.90 24.78
C PRO B 38 22.06 -32.80 26.26
N ALA B 39 21.06 -33.09 27.08
CA ALA B 39 21.25 -33.05 28.52
C ALA B 39 21.85 -34.33 29.07
N THR B 40 21.69 -35.45 28.37
CA THR B 40 22.13 -36.75 28.86
C THR B 40 23.06 -37.52 27.93
N GLY B 41 23.11 -37.18 26.65
CA GLY B 41 23.86 -37.96 25.69
C GLY B 41 23.14 -39.17 25.14
N GLU B 42 21.94 -39.49 25.64
CA GLU B 42 21.17 -40.64 25.19
C GLU B 42 20.53 -40.39 23.82
N VAL B 43 20.28 -41.48 23.10
CA VAL B 43 19.58 -41.43 21.83
C VAL B 43 18.09 -41.23 22.07
N LEU B 44 17.54 -40.13 21.56
CA LEU B 44 16.11 -39.87 21.61
C LEU B 44 15.33 -40.71 20.61
N ALA B 45 15.84 -40.81 19.38
CA ALA B 45 15.13 -41.54 18.34
C ALA B 45 16.10 -41.78 17.19
N THR B 46 15.82 -42.85 16.45
CA THR B 46 16.40 -43.05 15.14
C THR B 46 15.44 -42.47 14.10
N VAL B 47 16.00 -41.72 13.15
CA VAL B 47 15.23 -40.94 12.19
C VAL B 47 15.66 -41.33 10.79
N GLN B 48 14.69 -41.65 9.94
CA GLN B 48 14.98 -41.98 8.55
C GLN B 48 15.39 -40.75 7.75
N ALA B 49 16.32 -40.93 6.83
CA ALA B 49 16.88 -39.86 6.02
C ALA B 49 16.34 -39.96 4.60
N ALA B 50 15.87 -38.84 4.05
CA ALA B 50 15.28 -38.84 2.72
C ALA B 50 16.35 -38.86 1.65
N GLY B 51 16.24 -39.80 0.71
CA GLY B 51 17.13 -39.88 -0.43
C GLY B 51 16.60 -39.13 -1.64
N ARG B 52 17.33 -39.27 -2.75
CA ARG B 52 16.97 -38.53 -3.96
C ARG B 52 15.57 -38.89 -4.41
N GLU B 53 15.26 -40.19 -4.41
CA GLU B 53 13.94 -40.60 -4.86
C GLU B 53 12.86 -40.15 -3.88
N ASP B 54 13.16 -40.11 -2.58
CA ASP B 54 12.17 -39.63 -1.62
C ASP B 54 11.84 -38.17 -1.90
N VAL B 55 12.86 -37.37 -2.20
CA VAL B 55 12.65 -35.96 -2.52
C VAL B 55 11.81 -35.82 -3.79
N ASP B 56 12.07 -36.65 -4.80
CA ASP B 56 11.26 -36.58 -6.01
C ASP B 56 9.80 -36.91 -5.69
N ARG B 57 9.57 -37.92 -4.85
CA ARG B 57 8.23 -38.27 -4.41
C ARG B 57 7.58 -37.11 -3.67
N ALA B 58 8.33 -36.47 -2.77
CA ALA B 58 7.79 -35.34 -2.02
C ALA B 58 7.41 -34.18 -2.92
N VAL B 59 8.18 -33.93 -3.99
CA VAL B 59 7.86 -32.84 -4.90
C VAL B 59 6.57 -33.14 -5.68
N LYS B 60 6.43 -34.36 -6.21
CA LYS B 60 5.21 -34.68 -6.94
C LYS B 60 3.99 -34.61 -6.03
N SER B 61 4.12 -35.09 -4.79
CA SER B 61 3.06 -34.91 -3.80
C SER B 61 2.76 -33.43 -3.58
N ALA B 62 3.81 -32.61 -3.40
CA ALA B 62 3.57 -31.20 -3.14
C ALA B 62 2.88 -30.54 -4.32
N GLN B 63 3.24 -30.93 -5.54
CA GLN B 63 2.64 -30.34 -6.74
C GLN B 63 1.14 -30.60 -6.78
N GLN B 64 0.75 -31.83 -6.46
CA GLN B 64 -0.67 -32.20 -6.44
C GLN B 64 -1.41 -31.47 -5.33
N GLY B 65 -0.84 -31.44 -4.13
CA GLY B 65 -1.51 -30.77 -3.02
C GLY B 65 -1.63 -29.27 -3.23
N GLN B 66 -0.61 -28.66 -3.83
CA GLN B 66 -0.65 -27.21 -4.03
C GLN B 66 -1.83 -26.81 -4.92
N LYS B 67 -2.17 -27.63 -5.92
CA LYS B 67 -3.28 -27.31 -6.80
C LYS B 67 -4.60 -27.30 -6.04
N VAL B 68 -4.81 -28.28 -5.18
CA VAL B 68 -6.03 -28.30 -4.37
C VAL B 68 -6.08 -27.08 -3.46
N TRP B 69 -4.96 -26.80 -2.78
CA TRP B 69 -4.90 -25.72 -1.80
C TRP B 69 -5.17 -24.36 -2.44
N ALA B 70 -4.56 -24.12 -3.60
CA ALA B 70 -4.70 -22.82 -4.27
C ALA B 70 -6.08 -22.66 -4.89
N ALA B 71 -6.76 -23.75 -5.23
CA ALA B 71 -8.09 -23.68 -5.81
C ALA B 71 -9.16 -23.33 -4.79
N MET B 72 -8.90 -23.55 -3.51
CA MET B 72 -9.81 -23.14 -2.45
C MET B 72 -9.91 -21.62 -2.40
N SER B 73 -10.96 -21.13 -1.76
CA SER B 73 -11.08 -19.71 -1.53
C SER B 73 -10.06 -19.25 -0.48
N ALA B 74 -9.81 -17.95 -0.49
CA ALA B 74 -8.89 -17.37 0.50
C ALA B 74 -9.35 -17.64 1.92
N MET B 75 -10.64 -17.45 2.20
CA MET B 75 -11.11 -17.64 3.57
C MET B 75 -11.10 -19.12 3.98
N ALA B 76 -11.30 -20.04 3.02
CA ALA B 76 -11.16 -21.46 3.34
C ALA B 76 -9.73 -21.79 3.78
N ARG B 77 -8.73 -21.25 3.08
CA ARG B 77 -7.35 -21.43 3.51
C ARG B 77 -7.14 -20.81 4.88
N SER B 78 -7.71 -19.62 5.09
CA SER B 78 -7.55 -18.93 6.36
CA SER B 78 -7.54 -18.93 6.37
C SER B 78 -8.07 -19.78 7.51
N ARG B 79 -9.24 -20.40 7.33
CA ARG B 79 -9.85 -21.17 8.40
C ARG B 79 -9.01 -22.40 8.75
N ILE B 80 -8.44 -23.05 7.74
CA ILE B 80 -7.63 -24.24 7.99
C ILE B 80 -6.38 -23.87 8.78
N LEU B 81 -5.70 -22.78 8.40
CA LEU B 81 -4.52 -22.40 9.18
C LEU B 81 -4.91 -21.99 10.60
N ARG B 82 -6.07 -21.36 10.78
CA ARG B 82 -6.50 -20.98 12.12
CA ARG B 82 -6.49 -20.98 12.12
C ARG B 82 -6.78 -22.21 12.98
N LYS B 83 -7.29 -23.29 12.38
CA LYS B 83 -7.47 -24.51 13.17
C LYS B 83 -6.13 -25.10 13.59
N ALA B 84 -5.11 -25.01 12.73
CA ALA B 84 -3.78 -25.44 13.14
C ALA B 84 -3.29 -24.59 14.30
N VAL B 85 -3.58 -23.28 14.28
CA VAL B 85 -3.22 -22.41 15.40
C VAL B 85 -3.85 -22.92 16.69
N ASP B 86 -5.16 -23.23 16.65
CA ASP B 86 -5.87 -23.65 17.86
C ASP B 86 -5.27 -24.92 18.43
N ILE B 87 -4.90 -25.87 17.56
CA ILE B 87 -4.25 -27.09 18.03
C ILE B 87 -2.90 -26.78 18.66
N LEU B 88 -2.13 -25.89 18.04
CA LEU B 88 -0.82 -25.56 18.60
C LEU B 88 -0.95 -24.92 19.98
N ARG B 89 -1.96 -24.07 20.17
CA ARG B 89 -2.17 -23.48 21.49
C ARG B 89 -2.53 -24.56 22.51
N GLU B 90 -3.39 -25.50 22.13
CA GLU B 90 -3.79 -26.56 23.05
C GLU B 90 -2.62 -27.47 23.40
N ARG B 91 -1.77 -27.78 22.43
N ARG B 91 -1.77 -27.78 22.43
CA ARG B 91 -0.65 -28.70 22.63
CA ARG B 91 -0.66 -28.71 22.62
C ARG B 91 0.66 -27.99 22.92
C ARG B 91 0.66 -28.00 22.93
N ASN B 92 0.59 -26.74 23.40
CA ASN B 92 1.80 -25.95 23.63
C ASN B 92 2.79 -26.66 24.54
N ASP B 93 2.30 -27.15 25.70
CA ASP B 93 3.19 -27.74 26.69
C ASP B 93 3.82 -29.03 26.20
N GLU B 94 3.01 -29.89 25.56
CA GLU B 94 3.54 -31.14 25.03
C GLU B 94 4.61 -30.87 23.97
N LEU B 95 4.34 -29.93 23.06
CA LEU B 95 5.34 -29.61 22.03
C LEU B 95 6.60 -28.99 22.66
N ALA B 96 6.42 -28.14 23.66
CA ALA B 96 7.57 -27.51 24.32
C ALA B 96 8.46 -28.55 24.98
N ARG B 97 7.86 -29.53 25.64
CA ARG B 97 8.65 -30.58 26.30
C ARG B 97 9.44 -31.38 25.28
N LEU B 98 8.84 -31.71 24.14
CA LEU B 98 9.56 -32.38 23.08
C LEU B 98 10.71 -31.51 22.55
N GLU B 99 10.46 -30.21 22.38
CA GLU B 99 11.50 -29.30 21.90
C GLU B 99 12.66 -29.22 22.89
N THR B 100 12.34 -29.17 24.20
CA THR B 100 13.40 -29.16 25.21
C THR B 100 14.24 -30.43 25.15
N LEU B 101 13.62 -31.60 24.98
CA LEU B 101 14.37 -32.85 24.87
C LEU B 101 15.33 -32.84 23.70
N ASP B 102 14.90 -32.29 22.56
CA ASP B 102 15.66 -32.32 21.32
C ASP B 102 16.74 -31.24 21.25
N THR B 103 16.50 -30.08 21.87
CA THR B 103 17.41 -28.93 21.75
C THR B 103 18.23 -28.68 23.01
N GLY B 104 17.79 -29.15 24.17
CA GLY B 104 18.43 -28.78 25.40
C GLY B 104 18.01 -27.43 25.93
N LYS B 105 17.05 -26.75 25.30
CA LYS B 105 16.63 -25.46 25.82
C LYS B 105 15.70 -25.65 27.01
N PRO B 106 15.80 -24.82 28.03
CA PRO B 106 14.94 -24.99 29.20
C PRO B 106 13.47 -24.89 28.86
N LEU B 107 12.65 -25.71 29.54
CA LEU B 107 11.22 -25.63 29.34
C LEU B 107 10.70 -24.24 29.67
N SER B 108 11.37 -23.54 30.59
CA SER B 108 10.99 -22.17 30.88
C SER B 108 11.08 -21.29 29.64
N GLU B 109 11.91 -21.66 28.66
CA GLU B 109 11.94 -20.95 27.40
C GLU B 109 10.92 -21.51 26.41
N THR B 110 10.99 -22.82 26.18
CA THR B 110 10.27 -23.42 25.06
C THR B 110 8.77 -23.32 25.24
N ALA B 111 8.29 -23.42 26.48
CA ALA B 111 6.85 -23.36 26.73
C ALA B 111 6.33 -21.94 26.66
N ALA B 112 7.21 -20.95 26.74
CA ALA B 112 6.80 -19.55 26.74
C ALA B 112 7.08 -18.85 25.43
N VAL B 113 7.99 -19.39 24.60
CA VAL B 113 8.43 -18.68 23.42
C VAL B 113 8.23 -19.49 22.14
N ASP B 114 8.79 -20.70 22.11
CA ASP B 114 8.99 -21.39 20.83
C ASP B 114 7.68 -21.62 20.09
N ILE B 115 6.72 -22.27 20.74
CA ILE B 115 5.45 -22.52 20.06
C ILE B 115 4.58 -21.27 20.09
N VAL B 116 4.65 -20.48 21.17
CA VAL B 116 3.82 -19.27 21.28
C VAL B 116 4.08 -18.33 20.12
N THR B 117 5.36 -18.01 19.85
CA THR B 117 5.66 -17.06 18.78
C THR B 117 5.58 -17.72 17.40
N GLY B 118 5.82 -19.03 17.30
CA GLY B 118 5.58 -19.70 16.04
C GLY B 118 4.13 -19.67 15.64
N ALA B 119 3.23 -20.02 16.57
CA ALA B 119 1.81 -19.94 16.32
C ALA B 119 1.34 -18.50 16.14
N ASP B 120 1.98 -17.52 16.81
CA ASP B 120 1.60 -16.12 16.59
C ASP B 120 1.73 -15.75 15.12
N VAL B 121 2.81 -16.23 14.46
CA VAL B 121 3.06 -15.88 13.06
C VAL B 121 2.08 -16.58 12.12
N LEU B 122 1.78 -17.84 12.39
CA LEU B 122 0.79 -18.57 11.60
C LEU B 122 -0.57 -17.92 11.73
N GLU B 123 -0.93 -17.54 12.96
CA GLU B 123 -2.19 -16.86 13.22
C GLU B 123 -2.26 -15.56 12.46
N TYR B 124 -1.16 -14.80 12.46
CA TYR B 124 -1.07 -13.54 11.75
C TYR B 124 -1.30 -13.72 10.26
N TYR B 125 -0.57 -14.64 9.64
CA TYR B 125 -0.71 -14.83 8.20
C TYR B 125 -2.05 -15.45 7.84
N ALA B 126 -2.64 -16.26 8.72
CA ALA B 126 -3.95 -16.82 8.43
C ALA B 126 -4.97 -15.71 8.15
N GLY B 127 -4.94 -14.65 8.96
CA GLY B 127 -5.89 -13.57 8.77
C GLY B 127 -5.60 -12.66 7.60
N LEU B 128 -4.36 -12.63 7.13
CA LEU B 128 -3.98 -11.76 6.01
C LEU B 128 -4.28 -12.34 4.64
N ILE B 129 -4.57 -13.63 4.54
CA ILE B 129 -4.76 -14.24 3.19
C ILE B 129 -5.76 -13.42 2.36
N PRO B 130 -6.96 -13.03 2.88
CA PRO B 130 -7.93 -12.31 2.04
C PRO B 130 -7.49 -10.93 1.62
N ALA B 131 -6.47 -10.35 2.25
CA ALA B 131 -5.98 -9.03 1.86
C ALA B 131 -4.89 -9.09 0.80
N LEU B 132 -4.47 -10.29 0.40
CA LEU B 132 -3.46 -10.44 -0.66
C LEU B 132 -4.08 -10.05 -2.00
N GLU B 133 -3.64 -8.92 -2.55
CA GLU B 133 -4.27 -8.32 -3.72
C GLU B 133 -3.21 -7.95 -4.74
N GLY B 134 -3.60 -8.02 -6.01
CA GLY B 134 -2.85 -7.43 -7.08
C GLY B 134 -3.21 -5.96 -7.29
N SER B 135 -2.78 -5.44 -8.43
CA SER B 135 -2.93 -4.04 -8.76
CA SER B 135 -2.95 -4.04 -8.76
C SER B 135 -3.63 -3.90 -10.11
N GLN B 136 -4.17 -2.71 -10.35
CA GLN B 136 -4.72 -2.32 -11.66
C GLN B 136 -4.16 -0.96 -12.00
N ILE B 137 -3.70 -0.81 -13.24
CA ILE B 137 -3.00 0.38 -13.71
C ILE B 137 -3.64 0.81 -15.02
N PRO B 138 -4.33 1.96 -15.10
CA PRO B 138 -4.83 2.42 -16.40
C PRO B 138 -3.71 3.03 -17.22
N LEU B 139 -3.63 2.66 -18.50
CA LEU B 139 -2.69 3.26 -19.43
C LEU B 139 -3.32 4.37 -20.25
N ARG B 140 -4.53 4.14 -20.72
CA ARG B 140 -5.26 5.03 -21.62
C ARG B 140 -6.68 4.46 -21.69
N ASP B 141 -7.58 5.20 -22.33
CA ASP B 141 -8.96 4.75 -22.37
C ASP B 141 -9.09 3.35 -22.95
N SER B 142 -8.23 2.98 -23.91
CA SER B 142 -8.36 1.72 -24.63
C SER B 142 -7.45 0.59 -24.13
N SER B 143 -6.74 0.77 -23.01
CA SER B 143 -5.88 -0.29 -22.51
C SER B 143 -5.61 -0.12 -21.01
N PHE B 144 -5.52 -1.24 -20.30
CA PHE B 144 -5.16 -1.22 -18.90
C PHE B 144 -4.34 -2.47 -18.58
N VAL B 145 -3.70 -2.41 -17.43
CA VAL B 145 -2.90 -3.50 -16.88
C VAL B 145 -3.48 -3.91 -15.54
N TYR B 146 -3.54 -5.21 -15.27
CA TYR B 146 -3.77 -5.66 -13.90
C TYR B 146 -2.77 -6.77 -13.60
N THR B 147 -2.48 -6.95 -12.32
CA THR B 147 -1.50 -7.93 -11.88
C THR B 147 -2.16 -8.97 -10.98
N ARG B 148 -1.60 -10.17 -11.01
CA ARG B 148 -2.00 -11.23 -10.11
C ARG B 148 -0.79 -11.59 -9.26
N ARG B 149 -1.05 -11.85 -7.98
CA ARG B 149 -0.02 -12.35 -7.06
CA ARG B 149 -0.02 -12.35 -7.06
C ARG B 149 -0.23 -13.86 -6.97
N GLU B 150 0.45 -14.58 -7.85
CA GLU B 150 0.26 -16.02 -7.97
C GLU B 150 1.23 -16.78 -7.07
N PRO B 151 0.83 -17.98 -6.63
CA PRO B 151 1.77 -18.82 -5.89
C PRO B 151 3.00 -19.12 -6.71
N LEU B 152 4.14 -19.26 -6.02
CA LEU B 152 5.34 -19.79 -6.65
C LEU B 152 5.17 -21.24 -7.04
N GLY B 153 4.35 -21.99 -6.31
CA GLY B 153 4.19 -23.43 -6.57
C GLY B 153 4.66 -24.30 -5.40
N VAL B 154 5.77 -24.99 -5.57
CA VAL B 154 6.39 -25.78 -4.51
C VAL B 154 7.63 -25.02 -4.04
N VAL B 155 7.70 -24.77 -2.74
CA VAL B 155 8.84 -24.11 -2.13
C VAL B 155 9.43 -25.04 -1.08
N ALA B 156 10.69 -24.80 -0.75
CA ALA B 156 11.40 -25.60 0.23
C ALA B 156 11.91 -24.71 1.35
N GLY B 157 11.74 -25.18 2.58
CA GLY B 157 12.30 -24.53 3.76
C GLY B 157 13.34 -25.44 4.38
N ILE B 158 14.47 -24.87 4.77
CA ILE B 158 15.52 -25.62 5.45
C ILE B 158 15.74 -24.98 6.81
N GLY B 159 15.43 -25.73 7.87
CA GLY B 159 15.44 -25.17 9.21
C GLY B 159 16.79 -25.31 9.90
N ALA B 160 16.94 -24.56 10.99
CA ALA B 160 18.09 -24.63 11.87
C ALA B 160 17.67 -25.30 13.15
N TRP B 161 18.66 -25.62 13.99
CA TRP B 161 18.39 -26.42 15.18
C TRP B 161 18.13 -25.59 16.43
N ASN B 162 18.33 -24.28 16.42
CA ASN B 162 18.17 -23.56 17.68
C ASN B 162 16.70 -23.30 18.01
N TYR B 163 15.85 -23.02 17.01
CA TYR B 163 14.41 -22.82 17.22
C TYR B 163 13.65 -23.69 16.23
N PRO B 164 13.66 -24.99 16.43
CA PRO B 164 13.19 -25.91 15.38
C PRO B 164 11.74 -25.68 14.94
N ILE B 165 10.80 -25.71 15.87
CA ILE B 165 9.40 -25.61 15.47
C ILE B 165 9.04 -24.15 15.13
N GLN B 166 9.65 -23.17 15.80
CA GLN B 166 9.37 -21.77 15.46
C GLN B 166 9.78 -21.47 14.02
N ILE B 167 10.96 -21.93 13.62
CA ILE B 167 11.43 -21.71 12.26
C ILE B 167 10.54 -22.42 11.24
N ALA B 168 10.15 -23.67 11.54
CA ALA B 168 9.22 -24.36 10.66
C ALA B 168 7.93 -23.56 10.50
N LEU B 169 7.44 -22.94 11.56
CA LEU B 169 6.21 -22.14 11.45
C LEU B 169 6.45 -20.82 10.73
N TRP B 170 7.55 -20.14 11.03
CA TRP B 170 7.84 -18.86 10.40
C TRP B 170 8.05 -19.02 8.91
N LYS B 171 8.55 -20.18 8.47
CA LYS B 171 8.71 -20.42 7.03
C LYS B 171 7.42 -20.91 6.38
N SER B 172 6.74 -21.88 7.00
CA SER B 172 5.59 -22.48 6.35
C SER B 172 4.35 -21.58 6.40
N ALA B 173 4.19 -20.75 7.43
CA ALA B 173 2.99 -19.92 7.52
C ALA B 173 2.84 -18.98 6.34
N PRO B 174 3.81 -18.13 6.00
CA PRO B 174 3.61 -17.28 4.82
C PRO B 174 3.60 -18.06 3.52
N ALA B 175 4.36 -19.15 3.44
CA ALA B 175 4.39 -19.96 2.22
C ALA B 175 3.02 -20.56 1.95
N LEU B 176 2.41 -21.19 2.96
CA LEU B 176 1.08 -21.78 2.82
C LEU B 176 0.02 -20.71 2.65
N ALA B 177 0.13 -19.61 3.39
CA ALA B 177 -0.86 -18.54 3.30
C ALA B 177 -0.88 -17.92 1.91
N ALA B 178 0.26 -17.92 1.22
CA ALA B 178 0.35 -17.37 -0.14
C ALA B 178 -0.11 -18.36 -1.20
N GLY B 179 -0.54 -19.56 -0.81
CA GLY B 179 -1.03 -20.55 -1.74
C GLY B 179 -0.05 -21.60 -2.21
N ASN B 180 1.15 -21.66 -1.62
CA ASN B 180 2.15 -22.65 -1.99
C ASN B 180 2.04 -23.90 -1.14
N ALA B 181 2.69 -24.95 -1.64
CA ALA B 181 3.06 -26.08 -0.81
C ALA B 181 4.52 -25.90 -0.39
N MET B 182 4.83 -26.34 0.81
CA MET B 182 6.22 -26.30 1.29
C MET B 182 6.69 -27.70 1.66
N ILE B 183 7.89 -28.05 1.19
CA ILE B 183 8.63 -29.19 1.69
C ILE B 183 9.65 -28.64 2.67
N PHE B 184 9.59 -29.09 3.92
CA PHE B 184 10.45 -28.60 4.98
C PHE B 184 11.46 -29.65 5.39
N LYS B 185 12.72 -29.25 5.45
CA LYS B 185 13.79 -30.16 5.92
C LYS B 185 14.30 -29.62 7.25
N PRO B 186 14.00 -30.26 8.40
CA PRO B 186 14.55 -29.81 9.68
C PRO B 186 16.03 -30.13 9.78
N SER B 187 16.70 -29.46 10.73
CA SER B 187 18.09 -29.78 11.00
C SER B 187 18.22 -31.22 11.49
N GLU B 188 19.28 -31.91 11.05
CA GLU B 188 19.52 -33.27 11.51
C GLU B 188 19.70 -33.33 13.01
N VAL B 189 20.08 -32.21 13.64
CA VAL B 189 20.21 -32.16 15.09
C VAL B 189 18.85 -32.24 15.77
N THR B 190 17.82 -31.63 15.16
CA THR B 190 16.52 -31.43 15.82
C THR B 190 15.36 -31.68 14.88
N PRO B 191 15.12 -32.95 14.50
CA PRO B 191 14.05 -33.24 13.53
C PRO B 191 12.66 -33.51 14.10
N LEU B 192 12.49 -33.62 15.41
CA LEU B 192 11.28 -34.24 15.97
C LEU B 192 10.05 -33.33 15.93
N THR B 193 10.18 -32.04 16.25
CA THR B 193 8.96 -31.22 16.32
C THR B 193 8.42 -30.89 14.94
N ALA B 194 9.26 -30.87 13.91
CA ALA B 194 8.76 -30.62 12.56
C ALA B 194 7.79 -31.71 12.12
N LEU B 195 8.07 -32.97 12.51
CA LEU B 195 7.19 -34.07 12.17
C LEU B 195 5.87 -33.96 12.90
N LYS B 196 5.88 -33.49 14.15
CA LYS B 196 4.64 -33.23 14.86
C LYS B 196 3.82 -32.16 14.18
N LEU B 197 4.47 -31.10 13.69
CA LEU B 197 3.76 -30.02 13.01
C LEU B 197 3.05 -30.54 11.78
N ALA B 198 3.68 -31.46 11.04
CA ALA B 198 3.05 -32.02 9.85
C ALA B 198 1.76 -32.72 10.18
N GLU B 199 1.75 -33.50 11.28
CA GLU B 199 0.51 -34.14 11.72
C GLU B 199 -0.54 -33.12 12.13
N ILE B 200 -0.12 -32.04 12.81
CA ILE B 200 -1.07 -31.01 13.24
C ILE B 200 -1.71 -30.30 12.04
N TYR B 201 -0.90 -29.94 11.04
CA TYR B 201 -1.48 -29.35 9.83
C TYR B 201 -2.53 -30.25 9.21
N ARG B 202 -2.25 -31.56 9.09
CA ARG B 202 -3.23 -32.45 8.47
C ARG B 202 -4.51 -32.52 9.30
N GLU B 203 -4.38 -32.60 10.63
CA GLU B 203 -5.53 -32.64 11.52
C GLU B 203 -6.38 -31.38 11.38
N ALA B 204 -5.76 -30.26 11.06
CA ALA B 204 -6.49 -29.01 10.85
C ALA B 204 -7.19 -28.96 9.50
N GLY B 205 -6.88 -29.88 8.60
CA GLY B 205 -7.49 -29.90 7.28
C GLY B 205 -6.57 -29.49 6.15
N LEU B 206 -5.29 -29.31 6.40
CA LEU B 206 -4.41 -28.96 5.30
C LEU B 206 -4.45 -30.10 4.29
N PRO B 207 -4.68 -29.82 3.00
CA PRO B 207 -4.72 -30.90 2.01
C PRO B 207 -3.41 -31.67 1.97
N ASP B 208 -3.53 -32.97 1.69
CA ASP B 208 -2.37 -33.84 1.60
C ASP B 208 -1.36 -33.33 0.59
N GLY B 209 -0.09 -33.28 1.00
CA GLY B 209 0.98 -32.82 0.15
C GLY B 209 1.39 -31.36 0.33
N VAL B 210 0.55 -30.55 0.98
CA VAL B 210 0.85 -29.13 1.09
C VAL B 210 2.00 -28.86 2.06
N PHE B 211 2.17 -29.69 3.09
CA PHE B 211 3.32 -29.58 3.99
C PHE B 211 3.91 -30.97 4.21
N ASN B 212 5.02 -31.24 3.52
CA ASN B 212 5.78 -32.47 3.65
C ASN B 212 7.06 -32.18 4.40
N VAL B 213 7.49 -33.14 5.20
CA VAL B 213 8.67 -33.01 6.06
C VAL B 213 9.64 -34.14 5.74
N LEU B 214 10.88 -33.77 5.42
CA LEU B 214 11.93 -34.72 5.02
C LEU B 214 13.13 -34.54 5.95
N PRO B 215 13.21 -35.30 7.03
CA PRO B 215 14.47 -35.31 7.80
C PRO B 215 15.61 -35.85 6.94
N GLY B 216 16.81 -35.44 7.27
CA GLY B 216 18.00 -35.87 6.58
C GLY B 216 19.15 -34.94 6.90
N ILE B 217 20.28 -35.20 6.23
CA ILE B 217 21.50 -34.42 6.45
C ILE B 217 21.64 -33.39 5.34
N GLY B 218 22.36 -32.31 5.62
CA GLY B 218 22.47 -31.21 4.64
C GLY B 218 23.12 -31.63 3.36
N ALA B 219 24.16 -32.44 3.46
CA ALA B 219 24.92 -32.83 2.28
C ALA B 219 24.09 -33.65 1.31
N GLU B 220 23.04 -34.33 1.78
CA GLU B 220 22.21 -35.14 0.89
C GLU B 220 20.80 -34.56 0.77
N THR B 221 19.99 -34.62 1.83
CA THR B 221 18.60 -34.18 1.67
C THR B 221 18.52 -32.70 1.37
N GLY B 222 19.30 -31.89 2.08
CA GLY B 222 19.28 -30.46 1.81
C GLY B 222 19.70 -30.14 0.40
N GLN B 223 20.76 -30.77 -0.07
CA GLN B 223 21.25 -30.54 -1.42
C GLN B 223 20.26 -31.02 -2.46
N TYR B 224 19.61 -32.17 -2.23
CA TYR B 224 18.63 -32.65 -3.21
C TYR B 224 17.48 -31.67 -3.37
N LEU B 225 17.06 -31.03 -2.27
CA LEU B 225 15.99 -30.03 -2.37
C LEU B 225 16.45 -28.78 -3.10
N THR B 226 17.63 -28.28 -2.77
CA THR B 226 18.11 -27.06 -3.39
C THR B 226 18.39 -27.26 -4.87
N GLU B 227 18.62 -28.50 -5.30
CA GLU B 227 18.92 -28.79 -6.70
C GLU B 227 17.70 -29.14 -7.53
N HIS B 228 16.56 -29.42 -6.90
CA HIS B 228 15.43 -30.00 -7.63
C HIS B 228 14.87 -29.00 -8.65
N PRO B 229 14.63 -29.41 -9.89
CA PRO B 229 14.19 -28.42 -10.90
C PRO B 229 12.78 -27.88 -10.70
N ASP B 230 11.92 -28.56 -9.94
CA ASP B 230 10.52 -28.17 -9.80
C ASP B 230 10.22 -27.43 -8.49
N ILE B 231 11.23 -27.07 -7.75
CA ILE B 231 11.07 -26.27 -6.54
C ILE B 231 11.36 -24.84 -6.93
N ALA B 232 10.43 -23.92 -6.62
CA ALA B 232 10.51 -22.56 -7.12
C ALA B 232 11.27 -21.61 -6.20
N LYS B 233 11.42 -21.96 -4.93
CA LYS B 233 12.06 -21.06 -3.98
C LYS B 233 12.63 -21.84 -2.83
N ILE B 234 13.77 -21.39 -2.31
CA ILE B 234 14.39 -22.00 -1.14
C ILE B 234 14.46 -20.94 -0.05
N SER B 235 14.02 -21.29 1.15
CA SER B 235 14.19 -20.44 2.32
C SER B 235 15.06 -21.18 3.33
N PHE B 236 16.20 -20.56 3.65
CA PHE B 236 17.18 -21.21 4.54
C PHE B 236 17.54 -20.38 5.75
N THR B 237 17.60 -21.05 6.89
CA THR B 237 18.05 -20.43 8.13
C THR B 237 19.21 -21.27 8.67
N GLY B 238 20.31 -20.62 9.00
CA GLY B 238 21.49 -21.34 9.46
C GLY B 238 22.71 -20.43 9.53
N GLY B 239 23.90 -21.06 9.47
CA GLY B 239 25.13 -20.30 9.56
C GLY B 239 25.52 -19.63 8.26
N VAL B 240 26.39 -18.62 8.37
CA VAL B 240 26.74 -17.79 7.22
C VAL B 240 27.40 -18.63 6.13
N ALA B 241 28.33 -19.52 6.50
CA ALA B 241 29.02 -20.32 5.50
C ALA B 241 28.06 -21.26 4.78
N SER B 242 27.25 -21.97 5.55
CA SER B 242 26.27 -22.90 4.94
C SER B 242 25.34 -22.12 3.98
N GLY B 243 24.99 -20.90 4.36
CA GLY B 243 24.09 -20.12 3.52
C GLY B 243 24.63 -19.92 2.12
N LYS B 244 25.92 -19.57 2.01
CA LYS B 244 26.50 -19.35 0.69
C LYS B 244 26.47 -20.62 -0.16
N LYS B 245 26.77 -21.78 0.44
CA LYS B 245 26.69 -23.03 -0.32
C LYS B 245 25.27 -23.28 -0.80
N VAL B 246 24.29 -23.09 0.08
CA VAL B 246 22.90 -23.31 -0.32
C VAL B 246 22.53 -22.35 -1.44
N MET B 247 22.93 -21.10 -1.32
CA MET B 247 22.50 -20.08 -2.32
C MET B 247 23.20 -20.35 -3.67
N ALA B 248 24.39 -20.95 -3.66
CA ALA B 248 25.06 -21.26 -4.92
C ALA B 248 24.37 -22.41 -5.66
N ASN B 249 24.10 -23.49 -4.94
CA ASN B 249 23.48 -24.68 -5.58
C ASN B 249 22.10 -24.27 -6.10
N SER B 250 21.40 -23.45 -5.35
CA SER B 250 20.03 -23.01 -5.74
C SER B 250 20.09 -22.29 -7.08
N ALA B 251 21.05 -21.41 -7.24
CA ALA B 251 21.21 -20.66 -8.52
C ALA B 251 21.73 -21.60 -9.59
N ALA B 252 22.84 -22.28 -9.31
CA ALA B 252 23.49 -23.16 -10.29
C ALA B 252 22.50 -24.21 -10.83
N SER B 253 21.56 -24.65 -10.00
CA SER B 253 20.62 -25.72 -10.42
C SER B 253 19.53 -25.17 -11.35
N SER B 254 18.64 -24.31 -10.83
CA SER B 254 17.49 -23.89 -11.66
C SER B 254 17.06 -22.44 -11.37
N LEU B 255 18.00 -21.58 -11.04
CA LEU B 255 17.69 -20.14 -10.81
C LEU B 255 16.44 -20.01 -9.91
N LYS B 256 16.56 -20.47 -8.68
CA LYS B 256 15.40 -20.41 -7.76
C LYS B 256 15.46 -19.14 -6.91
N GLU B 257 14.29 -18.62 -6.54
CA GLU B 257 14.24 -17.53 -5.59
C GLU B 257 14.81 -17.99 -4.26
N VAL B 258 15.31 -17.03 -3.48
CA VAL B 258 16.06 -17.37 -2.28
C VAL B 258 15.72 -16.39 -1.15
N THR B 259 15.59 -16.94 0.05
CA THR B 259 15.59 -16.20 1.29
C THR B 259 16.62 -16.86 2.20
N MET B 260 17.42 -16.07 2.89
CA MET B 260 18.43 -16.56 3.81
C MET B 260 18.41 -15.74 5.11
N GLU B 261 18.28 -16.42 6.23
CA GLU B 261 18.36 -15.82 7.57
C GLU B 261 19.60 -16.43 8.22
N LEU B 262 20.68 -15.67 8.25
CA LEU B 262 21.96 -16.20 8.71
C LEU B 262 22.34 -15.59 10.06
N GLY B 263 23.57 -15.84 10.49
CA GLY B 263 24.00 -15.35 11.78
C GLY B 263 24.42 -13.91 11.73
N GLY B 264 24.91 -13.44 12.87
CA GLY B 264 25.40 -12.09 13.01
C GLY B 264 26.42 -11.97 14.11
N LYS B 265 26.96 -10.75 14.25
CA LYS B 265 27.74 -10.35 15.41
C LYS B 265 27.19 -8.99 15.85
N SER B 266 26.03 -9.02 16.41
CA SER B 266 25.22 -7.81 16.51
C SER B 266 25.72 -6.93 17.65
N PRO B 267 25.79 -5.61 17.45
CA PRO B 267 26.29 -4.72 18.49
C PRO B 267 25.19 -4.20 19.39
N LEU B 268 25.48 -4.15 20.69
CA LEU B 268 24.65 -3.50 21.70
C LEU B 268 25.41 -2.27 22.18
N ILE B 269 24.88 -1.08 21.90
CA ILE B 269 25.56 0.17 22.22
C ILE B 269 24.92 0.76 23.47
N ILE B 270 25.70 0.85 24.54
CA ILE B 270 25.26 1.48 25.78
C ILE B 270 25.72 2.93 25.73
N ALA B 271 24.78 3.86 25.76
CA ALA B 271 25.08 5.28 25.67
C ALA B 271 25.56 5.81 27.01
N GLU B 272 26.19 6.99 26.95
CA GLU B 272 26.72 7.61 28.16
C GLU B 272 25.63 8.03 29.15
N ASP B 273 24.38 8.19 28.71
CA ASP B 273 23.32 8.55 29.64
C ASP B 273 22.45 7.35 30.04
N ALA B 274 22.91 6.13 29.76
CA ALA B 274 22.11 4.94 30.04
C ALA B 274 22.15 4.58 31.53
N ASN B 275 21.01 4.13 32.03
CA ASN B 275 20.98 3.46 33.33
C ASN B 275 21.67 2.10 33.22
N LEU B 276 22.65 1.85 34.08
CA LEU B 276 23.51 0.68 33.91
C LEU B 276 22.85 -0.62 34.34
N ASP B 277 21.88 -0.57 35.25
CA ASP B 277 21.09 -1.77 35.55
C ASP B 277 20.24 -2.19 34.36
N LEU B 278 19.58 -1.23 33.69
CA LEU B 278 18.83 -1.55 32.48
C LEU B 278 19.78 -2.07 31.40
N ALA B 279 20.90 -1.38 31.20
CA ALA B 279 21.86 -1.84 30.20
C ALA B 279 22.36 -3.24 30.52
N ALA B 280 22.64 -3.52 31.80
CA ALA B 280 23.10 -4.86 32.15
C ALA B 280 22.02 -5.89 31.88
N ASP B 281 20.76 -5.58 32.22
CA ASP B 281 19.67 -6.53 31.97
C ASP B 281 19.51 -6.82 30.48
N ILE B 282 19.60 -5.79 29.65
CA ILE B 282 19.50 -6.00 28.21
C ILE B 282 20.67 -6.83 27.71
N ALA B 283 21.88 -6.53 28.17
CA ALA B 283 23.05 -7.29 27.72
C ALA B 283 22.90 -8.76 28.10
N MET B 284 22.40 -9.04 29.30
CA MET B 284 22.18 -10.41 29.73
C MET B 284 21.20 -11.11 28.80
N MET B 285 20.05 -10.49 28.53
CA MET B 285 19.07 -11.12 27.66
C MET B 285 19.57 -11.22 26.23
N ALA B 286 20.49 -10.34 25.84
CA ALA B 286 21.04 -10.33 24.50
C ALA B 286 22.19 -11.32 24.31
N ASN B 287 22.61 -12.02 25.39
CA ASN B 287 23.75 -12.93 25.28
C ASN B 287 23.53 -14.35 25.78
N PHE B 288 22.68 -14.55 26.79
CA PHE B 288 22.61 -15.84 27.47
C PHE B 288 21.27 -16.54 27.33
N TYR B 289 20.32 -15.98 26.61
CA TYR B 289 19.08 -16.70 26.31
C TYR B 289 19.39 -17.84 25.36
N SER B 290 18.70 -18.98 25.55
CA SER B 290 18.95 -20.20 24.78
C SER B 290 20.43 -20.54 24.79
N SER B 291 21.06 -20.31 25.93
CA SER B 291 22.49 -20.60 26.13
C SER B 291 23.34 -19.93 25.06
N GLY B 292 22.92 -18.76 24.62
CA GLY B 292 23.68 -18.01 23.63
C GLY B 292 23.54 -18.46 22.21
N GLN B 293 22.60 -19.36 21.92
CA GLN B 293 22.46 -19.94 20.57
C GLN B 293 21.33 -19.24 19.81
N VAL B 294 21.50 -17.93 19.59
CA VAL B 294 20.50 -17.10 18.92
C VAL B 294 21.20 -16.21 17.90
N CYS B 295 20.70 -16.19 16.67
CA CYS B 295 21.36 -15.44 15.61
C CYS B 295 21.42 -13.95 15.89
N THR B 296 20.40 -13.39 16.55
CA THR B 296 20.32 -11.96 16.79
C THR B 296 21.02 -11.51 18.06
N ASN B 297 21.81 -12.38 18.71
CA ASN B 297 22.38 -12.02 20.01
C ASN B 297 23.34 -10.84 19.89
N GLY B 298 23.29 -9.99 20.92
CA GLY B 298 24.11 -8.80 21.04
C GLY B 298 25.45 -9.10 21.68
N THR B 299 26.30 -9.75 20.90
CA THR B 299 27.52 -10.35 21.42
C THR B 299 28.70 -9.38 21.46
N ARG B 300 28.57 -8.21 20.86
CA ARG B 300 29.55 -7.13 21.03
C ARG B 300 28.85 -6.05 21.84
N VAL B 301 29.21 -5.93 23.11
CA VAL B 301 28.61 -4.95 24.01
C VAL B 301 29.57 -3.79 24.13
N PHE B 302 29.19 -2.65 23.56
CA PHE B 302 30.03 -1.45 23.59
C PHE B 302 29.62 -0.61 24.79
N VAL B 303 30.57 -0.34 25.68
CA VAL B 303 30.29 0.39 26.91
C VAL B 303 31.20 1.61 26.98
N PRO B 304 30.72 2.77 27.42
CA PRO B 304 31.59 3.93 27.56
C PRO B 304 32.71 3.63 28.54
N ALA B 305 33.90 4.14 28.26
CA ALA B 305 35.05 3.86 29.12
C ALA B 305 34.75 4.23 30.57
N LYS B 306 34.10 5.37 30.78
CA LYS B 306 33.87 5.85 32.15
C LYS B 306 32.93 4.94 32.93
N PHE B 307 32.12 4.12 32.26
CA PHE B 307 31.19 3.22 32.92
C PHE B 307 31.60 1.76 32.86
N LYS B 308 32.73 1.44 32.22
CA LYS B 308 33.05 0.04 31.95
C LYS B 308 33.21 -0.76 33.26
N ALA B 309 33.98 -0.23 34.21
CA ALA B 309 34.24 -1.00 35.42
C ALA B 309 32.94 -1.29 36.15
N GLU B 310 32.07 -0.29 36.26
CA GLU B 310 30.79 -0.51 36.95
C GLU B 310 29.90 -1.47 36.19
N PHE B 311 29.88 -1.36 34.85
CA PHE B 311 29.07 -2.28 34.04
C PHE B 311 29.56 -3.72 34.23
N GLU B 312 30.86 -3.92 34.22
CA GLU B 312 31.41 -5.24 34.44
C GLU B 312 30.90 -5.83 35.75
N HIS B 313 30.92 -5.02 36.82
CA HIS B 313 30.41 -5.48 38.11
C HIS B 313 28.94 -5.91 38.02
N LYS B 314 28.11 -5.09 37.37
CA LYS B 314 26.69 -5.43 37.25
C LYS B 314 26.45 -6.68 36.41
N ILE B 315 27.26 -6.90 35.38
CA ILE B 315 27.14 -8.14 34.60
C ILE B 315 27.51 -9.33 35.47
N LEU B 316 28.61 -9.25 36.21
CA LEU B 316 29.04 -10.40 36.99
C LEU B 316 27.98 -10.76 38.02
N GLU B 317 27.39 -9.75 38.66
CA GLU B 317 26.32 -10.02 39.62
C GLU B 317 25.15 -10.77 38.96
N ARG B 318 24.73 -10.34 37.77
CA ARG B 318 23.61 -11.01 37.11
C ARG B 318 24.02 -12.40 36.61
N VAL B 319 25.26 -12.57 36.16
CA VAL B 319 25.74 -13.89 35.73
C VAL B 319 25.68 -14.86 36.89
N GLY B 320 25.99 -14.40 38.10
CA GLY B 320 25.94 -15.23 39.27
C GLY B 320 24.56 -15.79 39.55
N ARG B 321 23.52 -15.13 39.06
CA ARG B 321 22.14 -15.56 39.28
C ARG B 321 21.66 -16.58 38.25
N ILE B 322 22.44 -16.84 37.19
CA ILE B 322 22.02 -17.79 36.17
C ILE B 322 21.87 -19.17 36.79
N ARG B 323 20.78 -19.86 36.46
CA ARG B 323 20.43 -21.13 37.09
C ARG B 323 20.43 -22.25 36.05
N ALA B 324 21.53 -22.98 35.97
CA ALA B 324 21.61 -24.20 35.19
C ALA B 324 21.14 -25.37 36.04
N GLY B 325 20.53 -26.36 35.38
CA GLY B 325 20.05 -27.55 36.08
C GLY B 325 19.03 -28.30 35.24
N ASP B 326 18.15 -29.02 35.94
CA ASP B 326 17.08 -29.79 35.31
C ASP B 326 16.27 -28.90 34.37
N LEU B 327 16.27 -29.25 33.09
CA LEU B 327 15.63 -28.41 32.08
C LEU B 327 14.12 -28.34 32.23
N PHE B 328 13.52 -29.22 33.03
CA PHE B 328 12.09 -29.21 33.28
C PHE B 328 11.72 -28.52 34.59
N ALA B 329 12.72 -28.08 35.37
CA ALA B 329 12.44 -27.30 36.58
C ALA B 329 12.03 -25.88 36.22
N ASP B 330 11.10 -25.33 36.99
CA ASP B 330 10.57 -24.00 36.68
C ASP B 330 11.68 -22.94 36.73
N ASP B 331 12.59 -23.05 37.70
CA ASP B 331 13.59 -22.02 37.92
C ASP B 331 14.84 -22.20 37.06
N THR B 332 14.98 -23.29 36.32
CA THR B 332 16.13 -23.41 35.41
C THR B 332 15.95 -22.42 34.26
N ASN B 333 16.98 -21.60 34.00
CA ASN B 333 16.90 -20.64 32.91
C ASN B 333 18.13 -20.68 32.01
N PHE B 334 18.91 -21.76 32.09
CA PHE B 334 20.11 -21.92 31.30
C PHE B 334 20.27 -23.40 31.00
N GLY B 335 20.52 -23.73 29.74
CA GLY B 335 20.64 -25.11 29.33
C GLY B 335 21.99 -25.44 28.74
N PRO B 336 22.20 -26.72 28.43
CA PRO B 336 23.40 -27.11 27.69
C PRO B 336 23.30 -26.63 26.25
N LEU B 337 24.44 -26.67 25.56
CA LEU B 337 24.43 -26.43 24.13
C LEU B 337 23.79 -27.63 23.42
N VAL B 338 23.44 -27.42 22.14
CA VAL B 338 22.60 -28.36 21.40
C VAL B 338 23.27 -29.70 21.14
N SER B 339 24.60 -29.75 21.15
CA SER B 339 25.33 -30.96 20.81
C SER B 339 26.76 -30.83 21.33
N PHE B 340 27.46 -31.97 21.41
CA PHE B 340 28.85 -32.02 21.86
C PHE B 340 29.81 -31.47 20.82
N PRO B 341 29.62 -31.76 19.52
CA PRO B 341 30.45 -31.08 18.51
C PRO B 341 30.31 -29.57 18.53
N HIS B 342 29.11 -29.05 18.75
CA HIS B 342 28.96 -27.60 18.83
C HIS B 342 29.67 -27.05 20.06
N ARG B 343 29.60 -27.75 21.19
CA ARG B 343 30.33 -27.28 22.35
C ARG B 343 31.84 -27.20 22.06
N GLN B 344 32.37 -28.18 21.32
CA GLN B 344 33.79 -28.14 20.98
C GLN B 344 34.12 -26.87 20.20
N ASN B 345 33.27 -26.48 19.26
CA ASN B 345 33.52 -25.26 18.51
C ASN B 345 33.52 -24.04 19.44
N VAL B 346 32.54 -23.97 20.36
CA VAL B 346 32.46 -22.83 21.27
C VAL B 346 33.69 -22.78 22.16
N LEU B 347 34.16 -23.95 22.62
CA LEU B 347 35.35 -23.98 23.47
C LEU B 347 36.59 -23.52 22.71
N ARG B 348 36.69 -23.85 21.42
CA ARG B 348 37.82 -23.33 20.64
C ARG B 348 37.80 -21.82 20.58
N TYR B 349 36.62 -21.22 20.40
CA TYR B 349 36.52 -19.76 20.40
C TYR B 349 36.91 -19.19 21.76
N ILE B 350 36.45 -19.82 22.84
CA ILE B 350 36.82 -19.33 24.16
C ILE B 350 38.32 -19.38 24.34
N GLU B 351 38.95 -20.45 23.87
CA GLU B 351 40.40 -20.57 24.01
C GLU B 351 41.12 -19.51 23.18
N SER B 352 40.59 -19.17 22.01
CA SER B 352 41.20 -18.09 21.22
C SER B 352 41.11 -16.76 21.97
N GLY B 353 40.00 -16.52 22.67
CA GLY B 353 39.91 -15.29 23.44
C GLY B 353 40.98 -15.18 24.51
N LYS B 354 41.23 -16.28 25.22
CA LYS B 354 42.30 -16.26 26.22
C LYS B 354 43.66 -16.04 25.58
N SER B 355 43.94 -16.73 24.48
CA SER B 355 45.29 -16.65 23.92
C SER B 355 45.54 -15.34 23.20
N GLU B 356 44.49 -14.65 22.75
CA GLU B 356 44.64 -13.37 22.08
C GLU B 356 44.62 -12.20 23.06
N GLY B 357 44.55 -12.47 24.36
CA GLY B 357 44.74 -11.42 25.35
C GLY B 357 43.49 -10.76 25.89
N ALA B 358 42.31 -11.23 25.51
CA ALA B 358 41.08 -10.75 26.13
C ALA B 358 41.00 -11.21 27.58
N ARG B 359 40.44 -10.37 28.45
CA ARG B 359 40.39 -10.66 29.88
C ARG B 359 39.14 -11.48 30.21
N LEU B 360 39.35 -12.66 30.77
CA LEU B 360 38.23 -13.52 31.15
C LEU B 360 37.66 -13.04 32.47
N LEU B 361 36.41 -12.61 32.46
CA LEU B 361 35.76 -12.17 33.70
C LEU B 361 35.06 -13.32 34.41
N CYS B 362 34.51 -14.27 33.67
CA CYS B 362 33.84 -15.39 34.31
C CYS B 362 33.64 -16.49 33.27
N GLY B 363 33.36 -17.69 33.77
CA GLY B 363 33.11 -18.80 32.88
C GLY B 363 34.39 -19.21 32.16
N GLY B 364 34.23 -19.63 30.91
CA GLY B 364 35.36 -20.02 30.09
C GLY B 364 35.64 -21.51 30.08
N ASP B 365 34.82 -22.31 30.73
CA ASP B 365 35.02 -23.74 30.80
C ASP B 365 33.67 -24.44 30.73
N VAL B 366 33.73 -25.76 30.55
CA VAL B 366 32.54 -26.59 30.69
C VAL B 366 32.07 -26.59 32.14
N LEU B 367 30.82 -26.95 32.34
CA LEU B 367 30.28 -27.23 33.67
C LEU B 367 30.50 -28.70 34.01
N LYS B 368 30.75 -28.98 35.30
CA LYS B 368 31.14 -30.31 35.76
C LYS B 368 30.32 -30.73 36.96
N GLY B 369 30.24 -32.04 37.19
CA GLY B 369 29.57 -32.60 38.34
C GLY B 369 28.33 -33.40 37.95
N GLU B 370 27.71 -33.96 38.98
CA GLU B 370 26.51 -34.78 38.75
C GLU B 370 25.45 -33.94 38.04
N GLY B 371 24.92 -34.48 36.95
CA GLY B 371 23.93 -33.77 36.17
C GLY B 371 24.50 -32.90 35.07
N PHE B 372 25.83 -32.73 35.01
CA PHE B 372 26.45 -31.96 33.96
C PHE B 372 27.44 -32.73 33.11
N ASP B 373 28.06 -33.80 33.64
CA ASP B 373 29.12 -34.49 32.90
C ASP B 373 28.59 -35.13 31.62
N ASN B 374 27.32 -35.50 31.60
CA ASN B 374 26.73 -36.12 30.42
C ASN B 374 26.01 -35.13 29.53
N GLY B 375 26.03 -33.84 29.86
CA GLY B 375 25.43 -32.84 28.99
C GLY B 375 26.47 -31.95 28.34
N ALA B 376 26.10 -31.28 27.27
CA ALA B 376 27.03 -30.45 26.51
C ALA B 376 27.06 -29.02 27.07
N TRP B 377 27.41 -28.90 28.34
CA TRP B 377 27.33 -27.63 29.05
C TRP B 377 28.60 -26.80 28.88
N VAL B 378 28.40 -25.49 28.70
CA VAL B 378 29.43 -24.47 28.76
C VAL B 378 28.97 -23.40 29.74
N ALA B 379 29.87 -22.99 30.64
CA ALA B 379 29.53 -21.96 31.61
C ALA B 379 29.29 -20.62 30.92
N PRO B 380 28.38 -19.80 31.45
CA PRO B 380 28.22 -18.43 30.91
C PRO B 380 29.53 -17.67 31.01
N THR B 381 29.96 -17.13 29.88
CA THR B 381 31.31 -16.60 29.73
C THR B 381 31.26 -15.13 29.32
N VAL B 382 32.07 -14.31 29.98
CA VAL B 382 32.17 -12.90 29.66
C VAL B 382 33.64 -12.54 29.52
N PHE B 383 33.99 -11.93 28.40
CA PHE B 383 35.31 -11.36 28.18
C PHE B 383 35.21 -9.85 28.23
N THR B 384 36.24 -9.20 28.76
CA THR B 384 36.30 -7.75 28.67
C THR B 384 37.68 -7.36 28.15
N ASP B 385 37.92 -6.06 28.04
CA ASP B 385 39.13 -5.53 27.40
C ASP B 385 39.28 -6.07 25.97
N CYS B 386 38.17 -6.21 25.27
CA CYS B 386 38.22 -6.77 23.92
C CYS B 386 38.55 -5.69 22.88
N THR B 387 39.14 -6.13 21.78
CA THR B 387 39.53 -5.24 20.70
C THR B 387 38.99 -5.76 19.38
N ASP B 388 38.86 -4.84 18.43
CA ASP B 388 38.10 -5.12 17.21
C ASP B 388 38.75 -6.19 16.34
N ASP B 389 40.03 -6.51 16.56
CA ASP B 389 40.76 -7.50 15.76
C ASP B 389 40.68 -8.91 16.34
N MET B 390 40.15 -9.09 17.54
CA MET B 390 40.10 -10.40 18.16
C MET B 390 39.12 -11.32 17.45
N THR B 391 39.44 -12.61 17.45
CA THR B 391 38.60 -13.59 16.80
C THR B 391 37.23 -13.65 17.45
N ILE B 392 37.18 -13.61 18.79
CA ILE B 392 35.89 -13.68 19.47
C ILE B 392 35.05 -12.43 19.21
N VAL B 393 35.67 -11.34 18.77
CA VAL B 393 34.92 -10.13 18.45
C VAL B 393 34.47 -10.14 17.00
N ARG B 394 35.25 -10.73 16.11
CA ARG B 394 34.94 -10.67 14.69
C ARG B 394 34.01 -11.78 14.21
N GLU B 395 33.94 -12.91 14.92
CA GLU B 395 33.25 -14.09 14.42
C GLU B 395 32.11 -14.49 15.36
N GLU B 396 31.03 -14.98 14.76
CA GLU B 396 29.89 -15.48 15.53
C GLU B 396 30.25 -16.79 16.21
N ILE B 397 30.02 -16.86 17.52
CA ILE B 397 30.37 -18.04 18.31
C ILE B 397 29.19 -18.98 18.49
N PHE B 398 27.99 -18.42 18.60
CA PHE B 398 26.76 -19.19 18.79
C PHE B 398 26.83 -19.99 20.10
N GLY B 399 27.39 -19.36 21.12
CA GLY B 399 27.41 -19.89 22.44
C GLY B 399 27.34 -18.73 23.41
N PRO B 400 27.36 -19.04 24.70
CA PRO B 400 27.19 -18.04 25.78
C PRO B 400 28.49 -17.29 26.10
N VAL B 401 28.89 -16.42 25.17
CA VAL B 401 30.16 -15.71 25.24
C VAL B 401 29.91 -14.25 24.88
N MET B 402 29.92 -13.38 25.89
CA MET B 402 29.75 -11.95 25.73
C MET B 402 31.13 -11.30 25.67
N SER B 403 31.28 -10.37 24.72
CA SER B 403 32.48 -9.56 24.56
C SER B 403 32.15 -8.12 24.90
N ILE B 404 32.87 -7.55 25.87
CA ILE B 404 32.66 -6.16 26.28
C ILE B 404 33.79 -5.31 25.72
N LEU B 405 33.42 -4.24 25.01
CA LEU B 405 34.37 -3.36 24.36
C LEU B 405 34.16 -1.94 24.84
N SER B 406 35.22 -1.28 25.25
CA SER B 406 35.16 0.12 25.66
CA SER B 406 35.13 0.12 25.65
C SER B 406 35.14 1.03 24.44
N TYR B 407 34.50 2.20 24.58
CA TYR B 407 34.52 3.24 23.56
C TYR B 407 34.46 4.61 24.21
N ASP B 408 34.84 5.62 23.43
CA ASP B 408 34.96 7.00 23.90
C ASP B 408 33.90 7.96 23.36
N ASP B 409 33.49 7.85 22.09
CA ASP B 409 32.54 8.83 21.56
C ASP B 409 31.60 8.16 20.56
N GLU B 410 30.49 8.87 20.29
CA GLU B 410 29.41 8.30 19.51
C GLU B 410 29.82 8.00 18.08
N ALA B 411 30.56 8.90 17.44
CA ALA B 411 30.99 8.64 16.06
C ALA B 411 31.86 7.40 16.01
N GLU B 412 32.73 7.22 17.01
CA GLU B 412 33.61 6.06 17.04
C GLU B 412 32.81 4.77 17.15
N VAL B 413 31.85 4.73 18.08
CA VAL B 413 31.17 3.47 18.32
C VAL B 413 30.28 3.10 17.12
N ILE B 414 29.74 4.08 16.42
CA ILE B 414 28.94 3.80 15.23
C ILE B 414 29.82 3.17 14.16
N ARG B 415 31.01 3.74 13.94
CA ARG B 415 31.92 3.19 12.95
CA ARG B 415 31.92 3.19 12.95
C ARG B 415 32.31 1.76 13.30
N ARG B 416 32.63 1.51 14.57
CA ARG B 416 33.07 0.18 14.98
C ARG B 416 31.92 -0.82 14.97
N ALA B 417 30.70 -0.36 15.33
CA ALA B 417 29.53 -1.23 15.27
C ALA B 417 29.28 -1.70 13.85
N ASN B 418 29.50 -0.83 12.86
CA ASN B 418 29.24 -1.12 11.46
C ASN B 418 30.40 -1.79 10.74
N ALA B 419 31.59 -1.83 11.34
CA ALA B 419 32.79 -2.33 10.65
C ALA B 419 32.81 -3.84 10.78
N THR B 420 31.90 -4.48 10.05
CA THR B 420 31.71 -5.91 10.08
C THR B 420 30.99 -6.33 8.81
N GLU B 421 31.24 -7.57 8.40
CA GLU B 421 30.50 -8.16 7.29
C GLU B 421 29.12 -8.62 7.69
N TYR B 422 28.88 -8.79 8.99
CA TYR B 422 27.59 -9.19 9.50
C TYR B 422 26.67 -7.98 9.56
N GLY B 423 25.37 -8.25 9.60
CA GLY B 423 24.40 -7.17 9.57
C GLY B 423 23.03 -7.47 10.12
N LEU B 424 22.89 -8.43 11.04
CA LEU B 424 21.55 -8.91 11.37
C LEU B 424 20.79 -7.95 12.30
N ALA B 425 21.32 -7.71 13.50
CA ALA B 425 20.61 -6.94 14.50
C ALA B 425 21.54 -5.89 15.11
N ALA B 426 20.94 -5.01 15.90
CA ALA B 426 21.68 -4.00 16.65
C ALA B 426 20.74 -3.39 17.68
N GLY B 427 21.32 -2.68 18.63
CA GLY B 427 20.50 -2.01 19.62
C GLY B 427 21.24 -0.89 20.34
N VAL B 428 20.47 0.02 20.91
CA VAL B 428 21.00 1.14 21.68
C VAL B 428 20.19 1.25 22.97
N VAL B 429 20.89 1.57 24.06
CA VAL B 429 20.29 1.83 25.36
C VAL B 429 20.56 3.30 25.66
N THR B 430 19.50 4.11 25.70
CA THR B 430 19.59 5.54 25.99
C THR B 430 18.19 6.09 26.26
N PRO B 431 18.02 6.98 27.24
CA PRO B 431 16.73 7.64 27.43
C PRO B 431 16.54 8.86 26.55
N ASP B 432 17.55 9.24 25.76
CA ASP B 432 17.53 10.50 25.02
C ASP B 432 16.85 10.29 23.68
N LEU B 433 15.85 11.12 23.39
CA LEU B 433 15.11 10.99 22.15
C LEU B 433 16.03 11.08 20.94
N ASN B 434 16.84 12.13 20.86
CA ASN B 434 17.64 12.36 19.66
C ASN B 434 18.70 11.29 19.50
N ARG B 435 19.36 10.93 20.60
CA ARG B 435 20.42 9.93 20.52
C ARG B 435 19.87 8.59 20.06
N ALA B 436 18.69 8.19 20.55
CA ALA B 436 18.17 6.89 20.20
C ALA B 436 17.91 6.79 18.70
N HIS B 437 17.16 7.72 18.13
CA HIS B 437 16.85 7.62 16.71
C HIS B 437 18.08 7.91 15.86
N ARG B 438 18.87 8.91 16.25
CA ARG B 438 20.03 9.28 15.47
C ARG B 438 21.02 8.12 15.34
N ILE B 439 21.33 7.46 16.45
CA ILE B 439 22.26 6.34 16.38
C ILE B 439 21.65 5.19 15.59
N ILE B 440 20.40 4.84 15.88
CA ILE B 440 19.80 3.67 15.23
C ILE B 440 19.75 3.88 13.72
N HIS B 441 19.45 5.10 13.27
CA HIS B 441 19.34 5.34 11.83
C HIS B 441 20.68 5.10 11.12
N GLN B 442 21.79 5.20 11.81
CA GLN B 442 23.10 5.02 11.19
C GLN B 442 23.63 3.59 11.26
N LEU B 443 22.98 2.69 11.98
CA LEU B 443 23.50 1.33 12.10
C LEU B 443 23.08 0.47 10.91
N GLU B 444 24.00 -0.36 10.45
CA GLU B 444 23.79 -1.18 9.26
C GLU B 444 23.32 -2.57 9.68
N ALA B 445 22.05 -2.64 10.08
CA ALA B 445 21.45 -3.88 10.52
C ALA B 445 19.95 -3.85 10.23
N GLY B 446 19.38 -5.03 10.01
CA GLY B 446 17.97 -5.08 9.66
C GLY B 446 17.00 -5.05 10.82
N ILE B 447 17.46 -5.39 12.02
CA ILE B 447 16.62 -5.55 13.22
C ILE B 447 17.24 -4.69 14.33
N CYS B 448 16.56 -3.63 14.74
CA CYS B 448 17.11 -2.67 15.68
C CYS B 448 16.20 -2.48 16.89
N TRP B 449 16.77 -2.59 18.08
CA TRP B 449 16.01 -2.49 19.32
C TRP B 449 16.49 -1.31 20.15
N ILE B 450 15.54 -0.50 20.61
CA ILE B 450 15.83 0.65 21.45
C ILE B 450 15.36 0.30 22.85
N ASN B 451 16.30 0.20 23.79
CA ASN B 451 15.99 -0.04 25.19
C ASN B 451 15.28 -1.38 25.40
N SER B 452 15.61 -2.35 24.56
CA SER B 452 15.13 -3.72 24.73
CA SER B 452 15.11 -3.71 24.71
C SER B 452 16.01 -4.63 23.90
N TRP B 453 15.65 -5.92 23.88
CA TRP B 453 16.31 -6.85 22.97
C TRP B 453 15.40 -8.06 22.77
N GLY B 454 15.40 -8.60 21.56
CA GLY B 454 14.90 -9.93 21.29
C GLY B 454 13.46 -10.04 20.81
N GLU B 455 12.60 -9.04 21.06
CA GLU B 455 11.19 -9.17 20.69
C GLU B 455 11.04 -9.10 19.17
N SER B 456 10.27 -10.03 18.60
CA SER B 456 10.18 -10.16 17.15
C SER B 456 8.71 -10.31 16.74
N PRO B 457 7.93 -9.22 16.79
CA PRO B 457 6.49 -9.33 16.52
C PRO B 457 6.20 -9.87 15.13
N ALA B 458 5.10 -10.60 15.00
CA ALA B 458 4.75 -11.19 13.70
C ALA B 458 4.62 -10.10 12.62
N GLU B 459 4.26 -8.88 13.02
CA GLU B 459 4.07 -7.77 12.08
C GLU B 459 5.39 -7.20 11.59
N MET B 460 6.50 -7.51 12.23
CA MET B 460 7.76 -6.81 12.02
C MET B 460 8.67 -7.61 11.11
N PRO B 461 8.99 -7.12 9.90
CA PRO B 461 9.94 -7.86 9.05
C PRO B 461 11.30 -7.92 9.69
N VAL B 462 11.94 -9.10 9.60
CA VAL B 462 13.23 -9.34 10.21
C VAL B 462 14.15 -10.08 9.23
N GLY B 463 15.40 -9.62 9.16
CA GLY B 463 16.40 -10.24 8.31
C GLY B 463 17.64 -9.38 8.30
N GLY B 464 18.67 -9.87 7.61
CA GLY B 464 19.99 -9.29 7.72
C GLY B 464 20.42 -8.38 6.58
N TYR B 465 21.21 -7.36 6.93
CA TYR B 465 22.04 -6.67 5.96
C TYR B 465 23.28 -7.49 5.63
N LYS B 466 23.90 -7.18 4.48
CA LYS B 466 25.24 -7.68 4.12
C LYS B 466 25.25 -9.20 4.19
N HIS B 467 26.22 -9.82 4.88
CA HIS B 467 26.37 -11.26 4.86
C HIS B 467 25.41 -11.98 5.78
N SER B 468 24.56 -11.26 6.50
CA SER B 468 23.65 -11.89 7.45
C SER B 468 22.33 -12.32 6.81
N GLY B 469 22.06 -11.97 5.56
CA GLY B 469 20.87 -12.53 4.94
C GLY B 469 20.52 -11.95 3.61
N ILE B 470 19.51 -12.58 3.00
CA ILE B 470 18.82 -12.15 1.78
C ILE B 470 17.34 -12.21 2.10
N GLY B 471 16.61 -11.15 1.79
CA GLY B 471 15.18 -11.17 2.04
C GLY B 471 14.82 -11.01 3.52
N ARG B 472 13.55 -11.28 3.81
CA ARG B 472 13.00 -11.03 5.14
C ARG B 472 12.01 -12.12 5.52
N GLU B 473 11.75 -12.24 6.81
CA GLU B 473 10.65 -13.02 7.34
C GLU B 473 9.74 -12.12 8.18
N ASN B 474 8.48 -12.56 8.31
CA ASN B 474 7.43 -11.87 9.05
C ASN B 474 7.01 -10.58 8.36
N GLY B 475 5.94 -9.96 8.86
CA GLY B 475 5.39 -8.78 8.22
C GLY B 475 4.61 -9.07 6.95
N VAL B 476 3.92 -8.05 6.45
CA VAL B 476 3.11 -8.19 5.25
CA VAL B 476 3.10 -8.22 5.25
C VAL B 476 3.99 -8.48 4.03
N MET B 477 5.18 -7.89 3.99
CA MET B 477 6.01 -8.09 2.81
C MET B 477 6.40 -9.55 2.60
N THR B 478 6.50 -10.34 3.68
CA THR B 478 6.92 -11.74 3.49
C THR B 478 5.79 -12.59 2.91
N LEU B 479 4.53 -12.28 3.21
CA LEU B 479 3.45 -12.94 2.49
C LEU B 479 3.55 -12.66 0.99
N GLN B 480 3.81 -11.42 0.61
CA GLN B 480 3.93 -11.09 -0.79
C GLN B 480 5.16 -11.72 -1.45
N SER B 481 6.26 -11.85 -0.70
CA SER B 481 7.47 -12.44 -1.28
C SER B 481 7.34 -13.94 -1.51
N TYR B 482 6.30 -14.60 -1.00
CA TYR B 482 6.00 -15.97 -1.39
C TYR B 482 4.99 -16.05 -2.54
N THR B 483 4.70 -14.92 -3.20
CA THR B 483 3.96 -14.93 -4.44
C THR B 483 4.87 -14.40 -5.54
N GLN B 484 4.47 -14.62 -6.78
CA GLN B 484 5.13 -14.01 -7.92
C GLN B 484 4.13 -13.19 -8.73
N VAL B 485 4.60 -12.07 -9.24
CA VAL B 485 3.72 -11.14 -9.95
C VAL B 485 3.61 -11.56 -11.40
N LYS B 486 2.37 -11.64 -11.87
CA LYS B 486 2.07 -11.74 -13.29
C LYS B 486 1.42 -10.42 -13.70
N SER B 487 2.02 -9.73 -14.68
CA SER B 487 1.44 -8.51 -15.22
C SER B 487 0.69 -8.86 -16.49
N ILE B 488 -0.54 -8.34 -16.60
CA ILE B 488 -1.43 -8.67 -17.70
C ILE B 488 -1.92 -7.36 -18.32
N GLN B 489 -1.62 -7.16 -19.59
CA GLN B 489 -2.10 -6.00 -20.34
C GLN B 489 -3.28 -6.41 -21.19
N VAL B 490 -4.38 -5.68 -21.06
CA VAL B 490 -5.56 -5.81 -21.93
C VAL B 490 -5.53 -4.67 -22.94
N GLU B 491 -5.30 -5.00 -24.20
CA GLU B 491 -5.29 -4.02 -25.27
C GLU B 491 -6.63 -4.09 -26.01
N MET B 492 -7.45 -3.07 -25.82
CA MET B 492 -8.77 -2.98 -26.46
C MET B 492 -8.77 -2.13 -27.73
N GLY B 493 -7.66 -1.46 -28.03
CA GLY B 493 -7.52 -0.67 -29.25
C GLY B 493 -6.93 -1.51 -30.35
N PRO B 494 -6.93 -0.98 -31.57
CA PRO B 494 -6.37 -1.74 -32.70
C PRO B 494 -4.85 -1.83 -32.62
N PHE B 495 -4.34 -3.04 -32.76
CA PHE B 495 -2.91 -3.25 -32.70
C PHE B 495 -2.25 -2.84 -34.02
N GLN B 496 -1.16 -2.09 -33.91
CA GLN B 496 -0.47 -1.53 -35.08
C GLN B 496 0.86 -2.26 -35.24
N SER B 497 1.05 -2.85 -36.40
CA SER B 497 2.32 -3.47 -36.76
C SER B 497 3.08 -2.55 -37.70
N ILE B 498 4.40 -2.47 -37.53
CA ILE B 498 5.22 -1.70 -38.45
C ILE B 498 5.61 -2.52 -39.67
N PHE B 499 5.22 -3.78 -39.74
CA PHE B 499 5.57 -4.61 -40.88
C PHE B 499 4.37 -4.72 -41.81
N MET C 13 -43.89 -11.72 21.86
CA MET C 13 -42.60 -11.46 22.49
C MET C 13 -42.73 -10.47 23.64
N ALA C 14 -41.78 -10.53 24.58
CA ALA C 14 -41.73 -9.59 25.69
C ALA C 14 -41.28 -8.22 25.21
N GLU C 15 -41.65 -7.19 25.97
CA GLU C 15 -41.23 -5.83 25.62
C GLU C 15 -39.70 -5.79 25.51
N GLN C 16 -39.20 -5.37 24.35
CA GLN C 16 -37.78 -5.41 24.06
C GLN C 16 -37.13 -4.15 24.59
N GLN C 17 -35.97 -4.31 25.24
CA GLN C 17 -35.29 -3.22 25.91
C GLN C 17 -34.08 -2.76 25.10
N LEU C 18 -33.44 -1.69 25.58
CA LEU C 18 -32.19 -1.23 25.03
C LEU C 18 -31.05 -2.15 25.44
N TYR C 19 -29.94 -2.13 24.68
CA TYR C 19 -28.73 -2.86 25.04
C TYR C 19 -27.61 -1.84 25.27
N ILE C 20 -27.24 -1.65 26.53
CA ILE C 20 -26.21 -0.69 26.92
C ILE C 20 -25.26 -1.35 27.91
N HIS C 21 -23.95 -1.27 27.61
CA HIS C 21 -22.89 -1.73 28.50
C HIS C 21 -23.06 -3.20 28.87
N GLY C 22 -23.26 -4.04 27.87
CA GLY C 22 -23.25 -5.47 28.09
C GLY C 22 -24.48 -6.05 28.73
N LYS C 23 -25.58 -5.31 28.76
CA LYS C 23 -26.79 -5.82 29.38
C LYS C 23 -28.00 -5.12 28.79
N PHE C 24 -29.14 -5.80 28.84
CA PHE C 24 -30.41 -5.16 28.51
C PHE C 24 -30.81 -4.22 29.64
N VAL C 25 -31.29 -3.03 29.27
CA VAL C 25 -31.65 -2.02 30.25
C VAL C 25 -32.91 -1.31 29.75
N ALA C 26 -33.78 -0.94 30.68
CA ALA C 26 -35.00 -0.22 30.30
C ALA C 26 -34.69 1.19 29.85
N ALA C 27 -35.37 1.63 28.81
CA ALA C 27 -35.29 3.02 28.38
C ALA C 27 -36.00 3.94 29.38
N THR C 28 -35.48 5.16 29.51
CA THR C 28 -36.08 6.18 30.36
C THR C 28 -36.91 7.17 29.58
N SER C 29 -37.15 6.91 28.30
CA SER C 29 -37.93 7.82 27.48
C SER C 29 -39.42 7.68 27.72
N GLY C 30 -39.87 6.52 28.18
CA GLY C 30 -41.29 6.26 28.31
C GLY C 30 -42.01 6.01 27.01
N LYS C 31 -41.29 5.80 25.91
CA LYS C 31 -41.90 5.67 24.60
C LYS C 31 -41.60 4.28 24.05
N THR C 32 -42.51 3.75 23.24
CA THR C 32 -42.37 2.44 22.65
C THR C 32 -42.91 2.46 21.23
N PHE C 33 -42.59 1.41 20.47
CA PHE C 33 -43.15 1.23 19.13
C PHE C 33 -43.33 -0.27 18.88
N GLU C 34 -44.03 -0.60 17.79
CA GLU C 34 -44.32 -1.99 17.45
C GLU C 34 -43.70 -2.37 16.13
N THR C 35 -43.23 -3.60 16.03
CA THR C 35 -42.80 -4.18 14.77
C THR C 35 -43.79 -5.25 14.35
N ILE C 36 -44.20 -5.22 13.08
CA ILE C 36 -45.26 -6.06 12.55
C ILE C 36 -44.66 -7.19 11.73
N ASN C 37 -45.30 -8.34 11.77
CA ASN C 37 -44.95 -9.43 10.85
C ASN C 37 -45.60 -9.09 9.51
N PRO C 38 -44.82 -8.79 8.47
CA PRO C 38 -45.45 -8.35 7.20
C PRO C 38 -46.24 -9.44 6.50
N ALA C 39 -46.08 -10.70 6.87
CA ALA C 39 -46.82 -11.80 6.26
C ALA C 39 -48.19 -12.02 6.88
N THR C 40 -48.40 -11.59 8.12
CA THR C 40 -49.66 -11.81 8.83
C THR C 40 -50.30 -10.54 9.37
N GLY C 41 -49.55 -9.46 9.53
CA GLY C 41 -50.07 -8.26 10.16
C GLY C 41 -50.03 -8.27 11.67
N GLU C 42 -49.62 -9.38 12.29
CA GLU C 42 -49.59 -9.47 13.74
C GLU C 42 -48.42 -8.67 14.29
N VAL C 43 -48.56 -8.24 15.54
CA VAL C 43 -47.47 -7.57 16.26
C VAL C 43 -46.46 -8.63 16.70
N LEU C 44 -45.21 -8.48 16.25
CA LEU C 44 -44.13 -9.35 16.70
C LEU C 44 -43.69 -9.00 18.12
N ALA C 45 -43.55 -7.70 18.41
CA ALA C 45 -43.09 -7.28 19.73
C ALA C 45 -43.29 -5.78 19.89
N THR C 46 -43.43 -5.36 21.15
CA THR C 46 -43.32 -3.97 21.54
C THR C 46 -41.86 -3.69 21.90
N VAL C 47 -41.34 -2.56 21.42
CA VAL C 47 -39.91 -2.24 21.53
C VAL C 47 -39.75 -0.88 22.19
N GLN C 48 -38.90 -0.80 23.20
CA GLN C 48 -38.60 0.48 23.83
C GLN C 48 -37.75 1.35 22.91
N ALA C 49 -38.00 2.66 22.98
CA ALA C 49 -37.35 3.66 22.15
C ALA C 49 -36.38 4.46 23.01
N ALA C 50 -35.15 4.63 22.52
CA ALA C 50 -34.11 5.33 23.28
C ALA C 50 -34.35 6.84 23.26
N GLY C 51 -34.35 7.44 24.45
CA GLY C 51 -34.49 8.88 24.57
C GLY C 51 -33.15 9.60 24.61
N ARG C 52 -33.24 10.91 24.81
CA ARG C 52 -32.03 11.73 24.76
C ARG C 52 -31.07 11.33 25.86
N GLU C 53 -31.61 11.04 27.04
CA GLU C 53 -30.78 10.63 28.16
C GLU C 53 -30.23 9.22 27.95
N ASP C 54 -31.01 8.35 27.30
CA ASP C 54 -30.53 7.01 26.97
C ASP C 54 -29.35 7.05 26.00
N VAL C 55 -29.42 7.95 25.01
CA VAL C 55 -28.31 8.08 24.07
C VAL C 55 -27.05 8.56 24.78
N ASP C 56 -27.19 9.53 25.69
CA ASP C 56 -26.02 10.02 26.42
C ASP C 56 -25.42 8.93 27.30
N ARG C 57 -26.27 8.10 27.93
CA ARG C 57 -25.76 6.97 28.70
C ARG C 57 -25.01 6.00 27.81
N ALA C 58 -25.56 5.72 26.63
CA ALA C 58 -24.92 4.79 25.70
C ALA C 58 -23.57 5.32 25.23
N VAL C 59 -23.46 6.64 25.02
CA VAL C 59 -22.19 7.22 24.60
C VAL C 59 -21.15 7.08 25.71
N LYS C 60 -21.54 7.41 26.95
CA LYS C 60 -20.57 7.33 28.03
C LYS C 60 -20.16 5.88 28.26
N SER C 61 -21.11 4.95 28.12
CA SER C 61 -20.77 3.54 28.17
C SER C 61 -19.79 3.19 27.05
N ALA C 62 -20.05 3.68 25.84
CA ALA C 62 -19.17 3.38 24.71
C ALA C 62 -17.78 3.97 24.88
N GLN C 63 -17.68 5.18 25.45
CA GLN C 63 -16.36 5.77 25.65
C GLN C 63 -15.52 4.90 26.58
N GLN C 64 -16.14 4.39 27.65
CA GLN C 64 -15.43 3.53 28.59
C GLN C 64 -15.05 2.20 27.94
N GLY C 65 -15.96 1.59 27.18
CA GLY C 65 -15.64 0.32 26.54
C GLY C 65 -14.54 0.46 25.50
N GLN C 66 -14.55 1.55 24.75
CA GLN C 66 -13.58 1.72 23.67
C GLN C 66 -12.16 1.80 24.21
N LYS C 67 -12.00 2.40 25.40
CA LYS C 67 -10.66 2.54 25.96
C LYS C 67 -10.06 1.17 26.29
N VAL C 68 -10.88 0.29 26.87
CA VAL C 68 -10.45 -1.08 27.12
C VAL C 68 -10.15 -1.80 25.82
N TRP C 69 -11.06 -1.70 24.84
CA TRP C 69 -10.91 -2.39 23.57
C TRP C 69 -9.66 -1.96 22.84
N ALA C 70 -9.42 -0.66 22.77
CA ALA C 70 -8.26 -0.16 22.07
C ALA C 70 -6.97 -0.50 22.80
N ALA C 71 -7.04 -0.70 24.11
CA ALA C 71 -5.82 -1.01 24.86
C ALA C 71 -5.34 -2.44 24.65
N MET C 72 -6.23 -3.34 24.22
CA MET C 72 -5.90 -4.72 23.95
C MET C 72 -4.94 -4.83 22.76
N SER C 73 -4.29 -5.98 22.64
CA SER C 73 -3.48 -6.18 21.45
C SER C 73 -4.38 -6.36 20.22
N ALA C 74 -3.77 -6.15 19.06
CA ALA C 74 -4.48 -6.36 17.81
C ALA C 74 -5.01 -7.79 17.73
N MET C 75 -4.18 -8.78 18.07
CA MET C 75 -4.62 -10.17 17.93
C MET C 75 -5.67 -10.54 18.97
N ALA C 76 -5.62 -9.93 20.16
CA ALA C 76 -6.69 -10.15 21.13
C ALA C 76 -8.04 -9.68 20.59
N ARG C 77 -8.07 -8.51 19.92
CA ARG C 77 -9.31 -8.07 19.26
C ARG C 77 -9.71 -9.00 18.14
N SER C 78 -8.75 -9.47 17.36
CA SER C 78 -9.05 -10.41 16.28
CA SER C 78 -9.05 -10.41 16.28
C SER C 78 -9.73 -11.66 16.82
N ARG C 79 -9.24 -12.19 17.93
CA ARG C 79 -9.77 -13.45 18.43
C ARG C 79 -11.22 -13.31 18.89
N ILE C 80 -11.54 -12.17 19.51
CA ILE C 80 -12.90 -11.95 20.00
C ILE C 80 -13.88 -11.82 18.82
N LEU C 81 -13.50 -11.07 17.80
CA LEU C 81 -14.38 -10.99 16.63
C LEU C 81 -14.53 -12.35 15.98
N ARG C 82 -13.45 -13.16 15.98
CA ARG C 82 -13.55 -14.49 15.39
CA ARG C 82 -13.55 -14.49 15.39
C ARG C 82 -14.50 -15.37 16.19
N LYS C 83 -14.54 -15.21 17.51
CA LYS C 83 -15.50 -15.95 18.31
C LYS C 83 -16.93 -15.54 17.98
N ALA C 84 -17.15 -14.24 17.71
CA ALA C 84 -18.49 -13.82 17.29
C ALA C 84 -18.86 -14.47 15.98
N VAL C 85 -17.91 -14.56 15.04
CA VAL C 85 -18.16 -15.26 13.78
C VAL C 85 -18.62 -16.69 14.06
N ASP C 86 -17.91 -17.41 14.91
CA ASP C 86 -18.26 -18.81 15.19
C ASP C 86 -19.66 -18.93 15.73
N ILE C 87 -20.05 -18.02 16.63
CA ILE C 87 -21.41 -18.05 17.17
C ILE C 87 -22.42 -17.77 16.07
N LEU C 88 -22.13 -16.82 15.18
CA LEU C 88 -23.07 -16.50 14.10
C LEU C 88 -23.27 -17.68 13.17
N ARG C 89 -22.19 -18.42 12.86
CA ARG C 89 -22.32 -19.62 12.05
C ARG C 89 -23.22 -20.64 12.73
N GLU C 90 -23.04 -20.82 14.04
CA GLU C 90 -23.81 -21.78 14.81
C GLU C 90 -25.29 -21.43 14.82
N ARG C 91 -25.62 -20.16 15.02
CA ARG C 91 -26.99 -19.72 15.20
C ARG C 91 -27.61 -19.21 13.91
N ASN C 92 -27.02 -19.56 12.77
CA ASN C 92 -27.49 -19.05 11.48
C ASN C 92 -28.98 -19.29 11.30
N ASP C 93 -29.44 -20.52 11.51
CA ASP C 93 -30.84 -20.87 11.22
C ASP C 93 -31.80 -20.15 12.16
N GLU C 94 -31.46 -20.09 13.45
CA GLU C 94 -32.28 -19.35 14.40
C GLU C 94 -32.36 -17.87 14.01
N LEU C 95 -31.23 -17.25 13.70
CA LEU C 95 -31.25 -15.83 13.36
C LEU C 95 -32.00 -15.59 12.04
N ALA C 96 -31.84 -16.50 11.08
CA ALA C 96 -32.53 -16.35 9.81
C ALA C 96 -34.05 -16.39 9.98
N ARG C 97 -34.54 -17.30 10.82
CA ARG C 97 -35.98 -17.37 11.07
C ARG C 97 -36.51 -16.09 11.69
N LEU C 98 -35.78 -15.54 12.67
CA LEU C 98 -36.18 -14.25 13.24
C LEU C 98 -36.14 -13.15 12.18
N GLU C 99 -35.12 -13.16 11.33
CA GLU C 99 -35.04 -12.13 10.28
C GLU C 99 -36.23 -12.24 9.34
N THR C 100 -36.63 -13.47 8.99
CA THR C 100 -37.78 -13.68 8.13
C THR C 100 -39.06 -13.17 8.77
N LEU C 101 -39.26 -13.43 10.06
CA LEU C 101 -40.45 -12.94 10.74
C LEU C 101 -40.50 -11.41 10.72
N ASP C 102 -39.35 -10.76 10.89
CA ASP C 102 -39.30 -9.31 11.01
C ASP C 102 -39.35 -8.60 9.65
N THR C 103 -38.77 -9.19 8.61
CA THR C 103 -38.63 -8.53 7.32
C THR C 103 -39.59 -9.02 6.25
N GLY C 104 -40.09 -10.25 6.38
CA GLY C 104 -40.87 -10.86 5.33
C GLY C 104 -40.07 -11.52 4.23
N LYS C 105 -38.74 -11.53 4.34
CA LYS C 105 -37.95 -12.18 3.31
C LYS C 105 -38.00 -13.70 3.51
N PRO C 106 -38.03 -14.47 2.42
CA PRO C 106 -38.12 -15.93 2.55
C PRO C 106 -36.92 -16.50 3.31
N LEU C 107 -37.20 -17.55 4.07
CA LEU C 107 -36.12 -18.26 4.77
C LEU C 107 -35.09 -18.78 3.77
N SER C 108 -35.51 -19.11 2.55
CA SER C 108 -34.56 -19.54 1.53
C SER C 108 -33.52 -18.45 1.24
N GLU C 109 -33.86 -17.19 1.49
CA GLU C 109 -32.88 -16.11 1.39
C GLU C 109 -32.13 -15.90 2.69
N THR C 110 -32.86 -15.71 3.78
CA THR C 110 -32.26 -15.28 5.04
C THR C 110 -31.30 -16.32 5.59
N ALA C 111 -31.59 -17.60 5.40
CA ALA C 111 -30.73 -18.65 5.92
C ALA C 111 -29.48 -18.85 5.07
N ALA C 112 -29.48 -18.34 3.85
CA ALA C 112 -28.37 -18.52 2.93
C ALA C 112 -27.55 -17.27 2.68
N VAL C 113 -28.09 -16.09 3.00
CA VAL C 113 -27.43 -14.85 2.61
C VAL C 113 -27.20 -13.93 3.80
N ASP C 114 -28.28 -13.61 4.53
CA ASP C 114 -28.23 -12.47 5.44
C ASP C 114 -27.14 -12.62 6.48
N ILE C 115 -27.16 -13.71 7.27
CA ILE C 115 -26.16 -13.89 8.31
C ILE C 115 -24.85 -14.40 7.71
N VAL C 116 -24.92 -15.24 6.68
CA VAL C 116 -23.70 -15.77 6.08
C VAL C 116 -22.81 -14.64 5.58
N THR C 117 -23.37 -13.70 4.81
CA THR C 117 -22.55 -12.62 4.27
C THR C 117 -22.23 -11.55 5.32
N GLY C 118 -23.10 -11.35 6.30
CA GLY C 118 -22.72 -10.51 7.42
C GLY C 118 -21.54 -11.09 8.17
N ALA C 119 -21.60 -12.38 8.48
CA ALA C 119 -20.48 -13.01 9.17
C ALA C 119 -19.23 -13.07 8.31
N ASP C 120 -19.38 -13.21 6.98
CA ASP C 120 -18.21 -13.20 6.10
C ASP C 120 -17.42 -11.90 6.27
N VAL C 121 -18.13 -10.77 6.43
CA VAL C 121 -17.45 -9.49 6.55
C VAL C 121 -16.80 -9.35 7.90
N LEU C 122 -17.48 -9.77 8.97
CA LEU C 122 -16.86 -9.73 10.29
C LEU C 122 -15.61 -10.60 10.34
N GLU C 123 -15.68 -11.78 9.72
CA GLU C 123 -14.54 -12.70 9.68
C GLU C 123 -13.38 -12.06 8.95
N TYR C 124 -13.66 -11.42 7.81
CA TYR C 124 -12.65 -10.73 7.02
C TYR C 124 -11.95 -9.66 7.84
N TYR C 125 -12.72 -8.77 8.48
CA TYR C 125 -12.06 -7.68 9.22
C TYR C 125 -11.33 -8.19 10.45
N ALA C 126 -11.81 -9.26 11.07
CA ALA C 126 -11.11 -9.82 12.21
C ALA C 126 -9.68 -10.15 11.85
N GLY C 127 -9.47 -10.72 10.65
CA GLY C 127 -8.14 -11.10 10.25
C GLY C 127 -7.25 -9.97 9.83
N LEU C 128 -7.83 -8.84 9.41
CA LEU C 128 -7.05 -7.70 8.96
C LEU C 128 -6.56 -6.80 10.08
N ILE C 129 -7.07 -6.97 11.30
CA ILE C 129 -6.68 -6.08 12.39
C ILE C 129 -5.16 -5.96 12.53
N PRO C 130 -4.40 -7.06 12.52
CA PRO C 130 -2.94 -6.92 12.71
C PRO C 130 -2.24 -6.21 11.55
N ALA C 131 -2.87 -6.10 10.38
CA ALA C 131 -2.26 -5.45 9.23
C ALA C 131 -2.50 -3.96 9.17
N LEU C 132 -3.28 -3.40 10.09
CA LEU C 132 -3.52 -1.96 10.13
C LEU C 132 -2.24 -1.26 10.58
N GLU C 133 -1.60 -0.52 9.67
CA GLU C 133 -0.30 0.08 9.90
C GLU C 133 -0.34 1.55 9.50
N GLY C 134 0.46 2.37 10.18
CA GLY C 134 0.78 3.70 9.74
C GLY C 134 1.97 3.67 8.80
N SER C 135 2.53 4.86 8.56
CA SER C 135 3.65 5.04 7.65
CA SER C 135 3.66 5.02 7.65
C SER C 135 4.78 5.76 8.38
N GLN C 136 5.95 5.74 7.76
CA GLN C 136 7.11 6.52 8.22
C GLN C 136 7.71 7.20 7.00
N ILE C 137 8.09 8.45 7.17
CA ILE C 137 8.54 9.28 6.06
C ILE C 137 9.82 9.99 6.50
N PRO C 138 10.97 9.69 5.89
CA PRO C 138 12.19 10.46 6.20
C PRO C 138 12.12 11.83 5.54
N LEU C 139 12.49 12.86 6.30
CA LEU C 139 12.60 14.19 5.71
C LEU C 139 14.05 14.54 5.42
N ARG C 140 14.93 14.26 6.39
CA ARG C 140 16.34 14.61 6.35
C ARG C 140 16.98 13.82 7.50
N ASP C 141 18.30 13.85 7.57
CA ASP C 141 18.99 13.06 8.59
C ASP C 141 18.50 13.41 9.99
N SER C 142 18.16 14.67 10.23
CA SER C 142 17.81 15.13 11.56
C SER C 142 16.31 15.20 11.83
N SER C 143 15.46 14.70 10.93
CA SER C 143 14.03 14.72 11.22
C SER C 143 13.27 13.66 10.41
N PHE C 144 12.25 13.06 11.02
CA PHE C 144 11.37 12.15 10.31
C PHE C 144 9.94 12.30 10.83
N VAL C 145 9.02 11.78 10.03
CA VAL C 145 7.59 11.75 10.34
C VAL C 145 7.14 10.30 10.41
N TYR C 146 6.26 10.01 11.35
CA TYR C 146 5.53 8.75 11.32
C TYR C 146 4.07 9.03 11.60
N THR C 147 3.20 8.14 11.13
CA THR C 147 1.77 8.33 11.32
C THR C 147 1.20 7.16 12.11
N ARG C 148 0.13 7.45 12.85
CA ARG C 148 -0.69 6.46 13.53
C ARG C 148 -2.11 6.50 12.97
N ARG C 149 -2.68 5.32 12.78
CA ARG C 149 -4.09 5.17 12.40
CA ARG C 149 -4.09 5.17 12.40
C ARG C 149 -4.86 4.94 13.70
N GLU C 150 -5.33 6.06 14.32
CA GLU C 150 -5.97 5.94 15.62
C GLU C 150 -7.46 5.71 15.49
N PRO C 151 -8.06 5.04 16.46
CA PRO C 151 -9.52 4.95 16.46
C PRO C 151 -10.16 6.32 16.46
N LEU C 152 -11.30 6.41 15.80
CA LEU C 152 -12.12 7.61 15.88
C LEU C 152 -12.70 7.77 17.28
N GLY C 153 -12.95 6.66 17.97
CA GLY C 153 -13.53 6.70 19.29
C GLY C 153 -14.87 6.02 19.35
N VAL C 154 -15.93 6.81 19.51
CA VAL C 154 -17.30 6.33 19.48
C VAL C 154 -17.92 6.72 18.14
N VAL C 155 -18.42 5.73 17.40
CA VAL C 155 -19.09 5.96 16.12
C VAL C 155 -20.51 5.44 16.22
N ALA C 156 -21.37 5.93 15.33
CA ALA C 156 -22.77 5.51 15.32
C ALA C 156 -23.11 4.94 13.96
N GLY C 157 -23.84 3.84 13.97
CA GLY C 157 -24.37 3.22 12.77
C GLY C 157 -25.89 3.29 12.80
N ILE C 158 -26.48 3.63 11.68
CA ILE C 158 -27.92 3.71 11.54
C ILE C 158 -28.31 2.76 10.42
N GLY C 159 -29.08 1.71 10.75
CA GLY C 159 -29.38 0.67 9.80
C GLY C 159 -30.68 0.89 9.04
N ALA C 160 -30.82 0.14 7.96
CA ALA C 160 -32.03 0.06 7.15
C ALA C 160 -32.72 -1.26 7.41
N TRP C 161 -33.93 -1.39 6.85
CA TRP C 161 -34.78 -2.53 7.17
C TRP C 161 -34.69 -3.69 6.20
N ASN C 162 -34.01 -3.53 5.06
CA ASN C 162 -34.07 -4.63 4.10
C ASN C 162 -33.09 -5.75 4.44
N TYR C 163 -31.91 -5.44 4.96
CA TYR C 163 -30.94 -6.45 5.40
C TYR C 163 -30.49 -6.10 6.81
N PRO C 164 -31.36 -6.25 7.80
CA PRO C 164 -31.10 -5.68 9.11
C PRO C 164 -29.80 -6.17 9.76
N ILE C 165 -29.64 -7.49 9.92
CA ILE C 165 -28.46 -7.97 10.64
C ILE C 165 -27.23 -7.90 9.73
N GLN C 166 -27.39 -8.08 8.41
CA GLN C 166 -26.25 -7.94 7.52
C GLN C 166 -25.66 -6.54 7.61
N ILE C 167 -26.53 -5.52 7.56
CA ILE C 167 -26.08 -4.14 7.66
C ILE C 167 -25.41 -3.87 9.01
N ALA C 168 -26.01 -4.36 10.10
CA ALA C 168 -25.38 -4.19 11.40
C ALA C 168 -23.98 -4.79 11.42
N LEU C 169 -23.79 -5.92 10.78
CA LEU C 169 -22.46 -6.52 10.73
C LEU C 169 -21.52 -5.74 9.82
N TRP C 170 -22.02 -5.28 8.67
CA TRP C 170 -21.16 -4.57 7.74
C TRP C 170 -20.69 -3.24 8.31
N LYS C 171 -21.48 -2.61 9.19
CA LYS C 171 -21.03 -1.39 9.82
C LYS C 171 -20.17 -1.66 11.06
N SER C 172 -20.60 -2.57 11.93
CA SER C 172 -19.91 -2.77 13.20
C SER C 172 -18.59 -3.53 13.03
N ALA C 173 -18.50 -4.42 12.04
CA ALA C 173 -17.26 -5.16 11.87
C ALA C 173 -16.05 -4.28 11.57
N PRO C 174 -16.05 -3.39 10.58
CA PRO C 174 -14.88 -2.53 10.40
C PRO C 174 -14.73 -1.52 11.53
N ALA C 175 -15.83 -1.04 12.10
CA ALA C 175 -15.73 -0.08 13.19
C ALA C 175 -15.02 -0.68 14.39
N LEU C 176 -15.44 -1.87 14.81
CA LEU C 176 -14.82 -2.57 15.92
C LEU C 176 -13.40 -3.02 15.60
N ALA C 177 -13.17 -3.53 14.39
CA ALA C 177 -11.83 -3.97 14.01
C ALA C 177 -10.84 -2.83 14.05
N ALA C 178 -11.30 -1.60 13.79
CA ALA C 178 -10.44 -0.43 13.80
C ALA C 178 -10.22 0.14 15.19
N GLY C 179 -10.82 -0.45 16.21
CA GLY C 179 -10.64 -0.02 17.58
C GLY C 179 -11.70 0.88 18.14
N ASN C 180 -12.82 1.09 17.45
CA ASN C 180 -13.89 1.93 17.94
C ASN C 180 -14.93 1.15 18.74
N ALA C 181 -15.77 1.88 19.47
CA ALA C 181 -17.05 1.39 19.94
C ALA C 181 -18.11 1.94 19.00
N MET C 182 -19.14 1.14 18.74
CA MET C 182 -20.24 1.59 17.89
C MET C 182 -21.55 1.51 18.66
N ILE C 183 -22.33 2.59 18.58
CA ILE C 183 -23.73 2.61 18.98
C ILE C 183 -24.55 2.43 17.71
N PHE C 184 -25.33 1.37 17.65
CA PHE C 184 -26.09 1.02 16.45
C PHE C 184 -27.58 1.20 16.72
N LYS C 185 -28.23 1.94 15.82
CA LYS C 185 -29.70 2.12 15.91
C LYS C 185 -30.29 1.37 14.72
N PRO C 186 -30.98 0.24 14.94
CA PRO C 186 -31.62 -0.47 13.84
C PRO C 186 -32.82 0.33 13.33
N SER C 187 -33.28 -0.05 12.16
CA SER C 187 -34.51 0.53 11.64
C SER C 187 -35.68 0.18 12.54
N GLU C 188 -36.59 1.13 12.75
CA GLU C 188 -37.79 0.84 13.53
C GLU C 188 -38.64 -0.26 12.89
N VAL C 189 -38.54 -0.46 11.58
CA VAL C 189 -39.31 -1.53 10.95
C VAL C 189 -38.79 -2.90 11.39
N THR C 190 -37.47 -3.04 11.59
CA THR C 190 -36.84 -4.34 11.82
C THR C 190 -35.78 -4.23 12.91
N PRO C 191 -36.20 -4.06 14.17
CA PRO C 191 -35.22 -3.86 15.25
C PRO C 191 -34.68 -5.12 15.94
N LEU C 192 -35.22 -6.30 15.65
CA LEU C 192 -35.02 -7.44 16.54
C LEU C 192 -33.65 -8.11 16.39
N THR C 193 -33.15 -8.28 15.17
CA THR C 193 -31.91 -9.06 15.04
C THR C 193 -30.70 -8.30 15.57
N ALA C 194 -30.76 -6.97 15.56
CA ALA C 194 -29.65 -6.18 16.10
C ALA C 194 -29.50 -6.41 17.60
N LEU C 195 -30.61 -6.60 18.31
CA LEU C 195 -30.51 -6.86 19.73
C LEU C 195 -29.86 -8.21 20.01
N LYS C 196 -30.16 -9.22 19.19
CA LYS C 196 -29.50 -10.52 19.32
C LYS C 196 -28.00 -10.40 19.03
N LEU C 197 -27.65 -9.60 18.03
CA LEU C 197 -26.24 -9.45 17.70
C LEU C 197 -25.48 -8.88 18.88
N ALA C 198 -26.09 -7.94 19.60
CA ALA C 198 -25.43 -7.34 20.75
C ALA C 198 -25.08 -8.38 21.79
N GLU C 199 -26.02 -9.30 22.04
CA GLU C 199 -25.76 -10.39 22.98
C GLU C 199 -24.66 -11.30 22.47
N ILE C 200 -24.64 -11.58 21.17
CA ILE C 200 -23.64 -12.47 20.59
C ILE C 200 -22.25 -11.87 20.76
N TYR C 201 -22.10 -10.57 20.47
CA TYR C 201 -20.81 -9.90 20.65
C TYR C 201 -20.34 -10.04 22.10
N ARG C 202 -21.24 -9.78 23.06
CA ARG C 202 -20.87 -9.90 24.46
C ARG C 202 -20.43 -11.32 24.79
N GLU C 203 -21.17 -12.31 24.27
CA GLU C 203 -20.84 -13.71 24.51
C GLU C 203 -19.47 -14.08 23.96
N ALA C 204 -19.02 -13.40 22.90
CA ALA C 204 -17.70 -13.64 22.33
C ALA C 204 -16.58 -12.98 23.11
N GLY C 205 -16.90 -12.16 24.09
CA GLY C 205 -15.89 -11.48 24.86
C GLY C 205 -15.72 -10.01 24.53
N LEU C 206 -16.58 -9.44 23.70
CA LEU C 206 -16.47 -8.03 23.43
C LEU C 206 -16.65 -7.25 24.73
N PRO C 207 -15.77 -6.31 25.06
CA PRO C 207 -15.93 -5.55 26.30
C PRO C 207 -17.24 -4.78 26.34
N ASP C 208 -17.77 -4.62 27.55
CA ASP C 208 -19.00 -3.89 27.76
C ASP C 208 -18.89 -2.48 27.19
N GLY C 209 -19.91 -2.08 26.45
CA GLY C 209 -19.99 -0.76 25.88
C GLY C 209 -19.48 -0.64 24.46
N VAL C 210 -18.73 -1.63 23.96
CA VAL C 210 -18.13 -1.51 22.64
C VAL C 210 -19.19 -1.62 21.53
N PHE C 211 -20.28 -2.37 21.76
CA PHE C 211 -21.41 -2.42 20.81
C PHE C 211 -22.72 -2.29 21.58
N ASN C 212 -23.30 -1.10 21.55
CA ASN C 212 -24.59 -0.82 22.16
C ASN C 212 -25.64 -0.69 21.08
N VAL C 213 -26.86 -1.16 21.38
CA VAL C 213 -27.96 -1.15 20.43
C VAL C 213 -29.10 -0.33 21.01
N LEU C 214 -29.53 0.70 20.28
CA LEU C 214 -30.58 1.62 20.70
C LEU C 214 -31.69 1.62 19.66
N PRO C 215 -32.72 0.78 19.82
CA PRO C 215 -33.90 0.90 18.97
C PRO C 215 -34.58 2.26 19.13
N GLY C 216 -35.28 2.68 18.09
CA GLY C 216 -36.00 3.94 18.15
C GLY C 216 -36.43 4.37 16.76
N ILE C 217 -37.00 5.57 16.70
CA ILE C 217 -37.45 6.18 15.44
C ILE C 217 -36.41 7.20 14.97
N GLY C 218 -36.35 7.41 13.66
CA GLY C 218 -35.35 8.34 13.10
C GLY C 218 -35.54 9.75 13.60
N ALA C 219 -36.79 10.19 13.71
CA ALA C 219 -37.01 11.58 14.09
C ALA C 219 -36.49 11.89 15.49
N GLU C 220 -36.41 10.90 16.38
CA GLU C 220 -35.96 11.13 17.75
C GLU C 220 -34.65 10.42 18.02
N THR C 221 -34.63 9.08 18.04
CA THR C 221 -33.41 8.39 18.46
C THR C 221 -32.28 8.61 17.45
N GLY C 222 -32.59 8.49 16.17
CA GLY C 222 -31.58 8.74 15.15
C GLY C 222 -31.04 10.15 15.23
N GLN C 223 -31.93 11.13 15.42
CA GLN C 223 -31.48 12.51 15.50
C GLN C 223 -30.61 12.76 16.74
N TYR C 224 -30.94 12.13 17.86
CA TYR C 224 -30.13 12.30 19.06
C TYR C 224 -28.70 11.78 18.84
N LEU C 225 -28.54 10.71 18.06
CA LEU C 225 -27.21 10.19 17.75
C LEU C 225 -26.46 11.14 16.81
N THR C 226 -27.14 11.65 15.78
CA THR C 226 -26.45 12.53 14.85
C THR C 226 -26.08 13.86 15.49
N GLU C 227 -26.74 14.24 16.58
CA GLU C 227 -26.48 15.51 17.24
C GLU C 227 -25.46 15.42 18.37
N HIS C 228 -25.17 14.23 18.87
CA HIS C 228 -24.38 14.13 20.10
C HIS C 228 -22.95 14.63 19.86
N PRO C 229 -22.42 15.49 20.73
CA PRO C 229 -21.10 16.08 20.45
C PRO C 229 -19.94 15.11 20.58
N ASP C 230 -20.11 13.96 21.23
CA ASP C 230 -19.00 13.05 21.50
C ASP C 230 -18.99 11.84 20.56
N ILE C 231 -19.83 11.83 19.54
CA ILE C 231 -19.80 10.80 18.51
C ILE C 231 -19.01 11.35 17.34
N ALA C 232 -17.99 10.60 16.92
CA ALA C 232 -17.03 11.10 15.93
C ALA C 232 -17.41 10.78 14.49
N LYS C 233 -18.30 9.83 14.25
CA LYS C 233 -18.63 9.45 12.88
C LYS C 233 -20.01 8.83 12.86
N ILE C 234 -20.77 9.09 11.80
CA ILE C 234 -22.07 8.49 11.55
C ILE C 234 -21.98 7.71 10.24
N SER C 235 -22.43 6.47 10.27
CA SER C 235 -22.59 5.65 9.08
C SER C 235 -24.07 5.31 8.90
N PHE C 236 -24.60 5.72 7.75
CA PHE C 236 -26.05 5.55 7.49
C PHE C 236 -26.34 4.80 6.21
N THR C 237 -27.29 3.89 6.27
CA THR C 237 -27.82 3.20 5.11
C THR C 237 -29.32 3.44 5.06
N GLY C 238 -29.84 3.84 3.90
CA GLY C 238 -31.26 4.16 3.80
C GLY C 238 -31.56 4.86 2.48
N GLY C 239 -32.65 5.62 2.48
CA GLY C 239 -33.05 6.34 1.29
C GLY C 239 -32.25 7.61 1.06
N VAL C 240 -32.32 8.10 -0.19
CA VAL C 240 -31.55 9.27 -0.58
C VAL C 240 -31.98 10.50 0.21
N ALA C 241 -33.29 10.71 0.34
CA ALA C 241 -33.78 11.89 1.06
C ALA C 241 -33.38 11.83 2.53
N SER C 242 -33.58 10.68 3.16
CA SER C 242 -33.24 10.53 4.60
C SER C 242 -31.74 10.77 4.79
N GLY C 243 -30.94 10.28 3.86
CA GLY C 243 -29.50 10.46 4.00
C GLY C 243 -29.11 11.92 4.04
N LYS C 244 -29.69 12.74 3.16
CA LYS C 244 -29.36 14.16 3.14
C LYS C 244 -29.70 14.83 4.46
N LYS C 245 -30.85 14.49 5.05
CA LYS C 245 -31.20 15.02 6.37
C LYS C 245 -30.18 14.60 7.41
N VAL C 246 -29.82 13.31 7.44
CA VAL C 246 -28.86 12.84 8.43
C VAL C 246 -27.52 13.53 8.24
N MET C 247 -27.08 13.64 6.98
CA MET C 247 -25.74 14.24 6.73
C MET C 247 -25.74 15.73 7.13
N ALA C 248 -26.87 16.42 7.00
CA ALA C 248 -26.96 17.82 7.40
C ALA C 248 -26.90 17.99 8.91
N ASN C 249 -27.66 17.19 9.63
CA ASN C 249 -27.69 17.31 11.12
C ASN C 249 -26.31 16.94 11.67
N SER C 250 -25.69 15.90 11.13
CA SER C 250 -24.36 15.43 11.60
C SER C 250 -23.33 16.53 11.41
N ALA C 251 -23.57 17.42 10.45
CA ALA C 251 -22.63 18.51 10.14
C ALA C 251 -22.90 19.70 11.06
N ALA C 252 -24.16 20.11 11.15
CA ALA C 252 -24.51 21.32 11.94
C ALA C 252 -24.25 21.12 13.43
N SER C 253 -24.20 19.87 13.87
CA SER C 253 -24.04 19.61 15.32
C SER C 253 -22.56 19.55 15.73
N SER C 254 -21.79 18.57 15.23
CA SER C 254 -20.41 18.37 15.71
C SER C 254 -19.40 18.06 14.59
N LEU C 255 -19.67 18.48 13.37
CA LEU C 255 -18.75 18.23 12.23
C LEU C 255 -18.29 16.77 12.25
N LYS C 256 -19.21 15.83 12.09
CA LYS C 256 -18.80 14.42 12.19
C LYS C 256 -18.40 13.85 10.84
N GLU C 257 -17.45 12.92 10.82
CA GLU C 257 -17.17 12.15 9.62
C GLU C 257 -18.44 11.37 9.24
N VAL C 258 -18.57 11.05 7.96
CA VAL C 258 -19.82 10.51 7.44
C VAL C 258 -19.56 9.42 6.42
N THR C 259 -20.37 8.37 6.48
CA THR C 259 -20.51 7.38 5.42
C THR C 259 -22.00 7.26 5.13
N MET C 260 -22.36 7.19 3.84
CA MET C 260 -23.76 7.04 3.45
C MET C 260 -23.87 6.03 2.33
N GLU C 261 -24.72 5.02 2.53
CA GLU C 261 -25.06 4.03 1.52
C GLU C 261 -26.55 4.23 1.22
N LEU C 262 -26.84 4.86 0.11
CA LEU C 262 -28.21 5.25 -0.22
C LEU C 262 -28.71 4.38 -1.37
N GLY C 263 -29.87 4.74 -1.93
CA GLY C 263 -30.46 3.95 -2.98
C GLY C 263 -29.86 4.25 -4.34
N GLY C 264 -30.44 3.63 -5.37
CA GLY C 264 -30.02 3.82 -6.74
C GLY C 264 -31.12 3.56 -7.74
N LYS C 265 -30.81 3.80 -9.00
CA LYS C 265 -31.64 3.41 -10.12
C LYS C 265 -30.69 2.77 -11.15
N SER C 266 -30.13 1.65 -10.77
CA SER C 266 -28.97 1.12 -11.46
C SER C 266 -29.33 0.53 -12.82
N PRO C 267 -28.52 0.76 -13.84
CA PRO C 267 -28.81 0.20 -15.16
C PRO C 267 -28.16 -1.15 -15.41
N LEU C 268 -28.92 -2.04 -16.06
CA LEU C 268 -28.43 -3.30 -16.59
C LEU C 268 -28.44 -3.19 -18.11
N ILE C 269 -27.27 -3.21 -18.72
CA ILE C 269 -27.13 -3.03 -20.15
C ILE C 269 -26.96 -4.39 -20.81
N ILE C 270 -27.90 -4.74 -21.67
CA ILE C 270 -27.82 -5.96 -22.46
C ILE C 270 -27.23 -5.62 -23.82
N ALA C 271 -26.06 -6.18 -24.11
CA ALA C 271 -25.40 -5.86 -25.37
C ALA C 271 -26.04 -6.63 -26.54
N GLU C 272 -25.76 -6.14 -27.75
CA GLU C 272 -26.33 -6.75 -28.94
C GLU C 272 -25.82 -8.16 -29.18
N ASP C 273 -24.67 -8.53 -28.58
CA ASP C 273 -24.14 -9.89 -28.73
C ASP C 273 -24.43 -10.76 -27.51
N ALA C 274 -25.33 -10.32 -26.63
CA ALA C 274 -25.62 -11.08 -25.42
C ALA C 274 -26.54 -12.25 -25.72
N ASN C 275 -26.30 -13.35 -25.02
CA ASN C 275 -27.26 -14.45 -24.94
C ASN C 275 -28.46 -14.00 -24.12
N LEU C 276 -29.66 -14.14 -24.69
CA LEU C 276 -30.84 -13.56 -24.05
C LEU C 276 -31.35 -14.40 -22.87
N ASP C 277 -31.04 -15.69 -22.82
CA ASP C 277 -31.36 -16.48 -21.63
C ASP C 277 -30.51 -16.03 -20.44
N LEU C 278 -29.21 -15.82 -20.64
CA LEU C 278 -28.37 -15.30 -19.57
C LEU C 278 -28.82 -13.90 -19.15
N ALA C 279 -29.11 -13.03 -20.13
CA ALA C 279 -29.53 -11.66 -19.81
C ALA C 279 -30.84 -11.66 -19.01
N ALA C 280 -31.80 -12.49 -19.38
CA ALA C 280 -33.05 -12.58 -18.64
C ALA C 280 -32.83 -13.12 -17.23
N ASP C 281 -31.94 -14.10 -17.08
CA ASP C 281 -31.61 -14.60 -15.76
C ASP C 281 -30.97 -13.52 -14.89
N ILE C 282 -30.07 -12.73 -15.47
CA ILE C 282 -29.44 -11.66 -14.72
C ILE C 282 -30.46 -10.59 -14.35
N ALA C 283 -31.34 -10.23 -15.30
CA ALA C 283 -32.38 -9.23 -15.05
C ALA C 283 -33.33 -9.69 -13.96
N MET C 284 -33.72 -10.96 -13.97
CA MET C 284 -34.56 -11.48 -12.89
C MET C 284 -33.87 -11.33 -11.53
N MET C 285 -32.62 -11.79 -11.43
CA MET C 285 -31.93 -11.70 -10.15
C MET C 285 -31.65 -10.26 -9.76
N ALA C 286 -31.55 -9.36 -10.73
CA ALA C 286 -31.29 -7.97 -10.42
C ALA C 286 -32.55 -7.21 -10.02
N ASN C 287 -33.73 -7.85 -10.08
CA ASN C 287 -34.96 -7.12 -9.82
C ASN C 287 -35.87 -7.71 -8.75
N PHE C 288 -35.85 -9.03 -8.58
CA PHE C 288 -36.88 -9.69 -7.77
C PHE C 288 -36.34 -10.44 -6.56
N TYR C 289 -35.03 -10.41 -6.32
CA TYR C 289 -34.51 -10.92 -5.06
C TYR C 289 -34.95 -10.01 -3.94
N SER C 290 -35.26 -10.62 -2.77
CA SER C 290 -35.77 -9.86 -1.62
C SER C 290 -36.97 -9.01 -2.01
N SER C 291 -37.81 -9.54 -2.90
CA SER C 291 -39.02 -8.84 -3.36
C SER C 291 -38.71 -7.44 -3.88
N GLY C 292 -37.53 -7.25 -4.47
CA GLY C 292 -37.15 -5.97 -5.06
C GLY C 292 -36.65 -4.93 -4.09
N GLN C 293 -36.43 -5.29 -2.82
CA GLN C 293 -36.04 -4.33 -1.80
C GLN C 293 -34.53 -4.36 -1.59
N VAL C 294 -33.79 -4.03 -2.64
CA VAL C 294 -32.32 -4.04 -2.64
C VAL C 294 -31.84 -2.78 -3.33
N CYS C 295 -30.94 -2.05 -2.65
CA CYS C 295 -30.49 -0.75 -3.16
C CYS C 295 -29.78 -0.88 -4.51
N THR C 296 -29.06 -1.99 -4.72
CA THR C 296 -28.24 -2.20 -5.89
C THR C 296 -29.00 -2.77 -7.09
N ASN C 297 -30.33 -2.87 -7.01
CA ASN C 297 -31.08 -3.58 -8.04
C ASN C 297 -31.00 -2.89 -9.40
N GLY C 298 -30.89 -3.72 -10.44
CA GLY C 298 -30.83 -3.23 -11.81
C GLY C 298 -32.21 -3.00 -12.38
N THR C 299 -32.84 -1.90 -11.95
CA THR C 299 -34.24 -1.62 -12.20
C THR C 299 -34.49 -0.90 -13.53
N ARG C 300 -33.45 -0.47 -14.22
CA ARG C 300 -33.54 -0.01 -15.60
C ARG C 300 -32.80 -1.02 -16.48
N VAL C 301 -33.55 -1.84 -17.20
CA VAL C 301 -32.98 -2.89 -18.04
C VAL C 301 -33.01 -2.39 -19.49
N PHE C 302 -31.83 -2.13 -20.04
CA PHE C 302 -31.70 -1.64 -21.41
C PHE C 302 -31.51 -2.83 -22.35
N VAL C 303 -32.40 -2.97 -23.33
CA VAL C 303 -32.33 -4.09 -24.25
C VAL C 303 -32.31 -3.55 -25.68
N PRO C 304 -31.51 -4.11 -26.57
CA PRO C 304 -31.53 -3.64 -27.97
C PRO C 304 -32.91 -3.80 -28.58
N ALA C 305 -33.29 -2.83 -29.43
CA ALA C 305 -34.61 -2.87 -30.04
C ALA C 305 -34.85 -4.18 -30.76
N LYS C 306 -33.85 -4.69 -31.47
CA LYS C 306 -34.04 -5.92 -32.24
C LYS C 306 -34.30 -7.14 -31.38
N PHE C 307 -33.95 -7.09 -30.08
CA PHE C 307 -34.15 -8.22 -29.17
C PHE C 307 -35.27 -7.98 -28.17
N LYS C 308 -35.94 -6.83 -28.22
CA LYS C 308 -36.83 -6.46 -27.13
C LYS C 308 -37.99 -7.46 -27.00
N ALA C 309 -38.63 -7.78 -28.13
CA ALA C 309 -39.79 -8.67 -28.08
C ALA C 309 -39.41 -10.04 -27.54
N GLU C 310 -38.30 -10.60 -28.02
CA GLU C 310 -37.86 -11.91 -27.53
C GLU C 310 -37.51 -11.86 -26.05
N PHE C 311 -36.85 -10.77 -25.62
CA PHE C 311 -36.49 -10.62 -24.21
C PHE C 311 -37.72 -10.54 -23.33
N GLU C 312 -38.74 -9.77 -23.75
CA GLU C 312 -39.97 -9.67 -22.99
C GLU C 312 -40.61 -11.04 -22.79
N HIS C 313 -40.66 -11.86 -23.84
CA HIS C 313 -41.19 -13.20 -23.69
C HIS C 313 -40.37 -14.00 -22.67
N LYS C 314 -39.04 -13.88 -22.73
CA LYS C 314 -38.22 -14.62 -21.78
C LYS C 314 -38.41 -14.13 -20.35
N ILE C 315 -38.62 -12.83 -20.17
CA ILE C 315 -38.92 -12.34 -18.82
C ILE C 315 -40.25 -12.91 -18.32
N LEU C 316 -41.29 -12.90 -19.18
CA LEU C 316 -42.60 -13.40 -18.76
C LEU C 316 -42.54 -14.86 -18.33
N GLU C 317 -41.82 -15.69 -19.09
CA GLU C 317 -41.67 -17.10 -18.72
C GLU C 317 -41.10 -17.23 -17.32
N ARG C 318 -40.03 -16.47 -17.02
CA ARG C 318 -39.37 -16.59 -15.74
C ARG C 318 -40.18 -15.98 -14.61
N VAL C 319 -40.91 -14.89 -14.86
CA VAL C 319 -41.79 -14.33 -13.83
C VAL C 319 -42.83 -15.37 -13.42
N GLY C 320 -43.33 -16.14 -14.39
CA GLY C 320 -44.29 -17.18 -14.09
C GLY C 320 -43.77 -18.26 -13.16
N ARG C 321 -42.45 -18.44 -13.13
CA ARG C 321 -41.85 -19.46 -12.28
C ARG C 321 -41.68 -18.98 -10.85
N ILE C 322 -41.89 -17.69 -10.57
CA ILE C 322 -41.71 -17.19 -9.21
C ILE C 322 -42.71 -17.85 -8.28
N ARG C 323 -42.24 -18.25 -7.10
CA ARG C 323 -43.03 -19.01 -6.13
C ARG C 323 -43.18 -18.19 -4.85
N ALA C 324 -44.31 -17.51 -4.73
CA ALA C 324 -44.70 -16.87 -3.49
C ALA C 324 -45.48 -17.87 -2.63
N GLY C 325 -45.34 -17.72 -1.32
CA GLY C 325 -46.05 -18.59 -0.39
C GLY C 325 -45.44 -18.54 1.01
N ASP C 326 -45.65 -19.63 1.75
CA ASP C 326 -45.12 -19.77 3.09
C ASP C 326 -43.64 -19.44 3.12
N LEU C 327 -43.28 -18.41 3.90
CA LEU C 327 -41.89 -17.95 3.91
C LEU C 327 -40.93 -18.97 4.50
N PHE C 328 -41.44 -19.96 5.22
CA PHE C 328 -40.63 -21.02 5.78
C PHE C 328 -40.62 -22.27 4.91
N ALA C 329 -41.34 -22.27 3.81
CA ALA C 329 -41.30 -23.39 2.88
C ALA C 329 -40.01 -23.33 2.07
N ASP C 330 -39.51 -24.53 1.75
CA ASP C 330 -38.24 -24.64 1.02
C ASP C 330 -38.31 -23.99 -0.35
N ASP C 331 -39.43 -24.16 -1.04
CA ASP C 331 -39.54 -23.72 -2.42
C ASP C 331 -39.97 -22.26 -2.57
N THR C 332 -40.35 -21.58 -1.49
CA THR C 332 -40.70 -20.18 -1.60
C THR C 332 -39.45 -19.33 -1.87
N ASN C 333 -39.53 -18.48 -2.90
CA ASN C 333 -38.43 -17.59 -3.25
C ASN C 333 -38.89 -16.15 -3.48
N PHE C 334 -40.06 -15.79 -2.97
CA PHE C 334 -40.60 -14.45 -3.11
C PHE C 334 -41.43 -14.15 -1.88
N GLY C 335 -41.23 -12.98 -1.27
CA GLY C 335 -41.94 -12.63 -0.06
C GLY C 335 -42.78 -11.36 -0.20
N PRO C 336 -43.53 -11.03 0.86
CA PRO C 336 -44.25 -9.76 0.91
C PRO C 336 -43.25 -8.63 1.10
N LEU C 337 -43.72 -7.41 0.90
CA LEU C 337 -42.87 -6.26 1.23
C LEU C 337 -42.78 -6.13 2.75
N VAL C 338 -41.80 -5.32 3.19
CA VAL C 338 -41.45 -5.30 4.60
C VAL C 338 -42.56 -4.75 5.48
N SER C 339 -43.48 -3.98 4.92
CA SER C 339 -44.52 -3.35 5.71
C SER C 339 -45.66 -2.93 4.81
N PHE C 340 -46.83 -2.70 5.41
CA PHE C 340 -48.00 -2.28 4.63
C PHE C 340 -47.87 -0.84 4.14
N PRO C 341 -47.34 0.09 4.93
CA PRO C 341 -47.09 1.45 4.38
C PRO C 341 -46.17 1.42 3.17
N HIS C 342 -45.15 0.57 3.18
CA HIS C 342 -44.26 0.47 2.04
C HIS C 342 -44.96 -0.09 0.82
N ARG C 343 -45.86 -1.06 1.01
CA ARG C 343 -46.62 -1.56 -0.14
C ARG C 343 -47.42 -0.44 -0.78
N GLN C 344 -48.00 0.44 0.04
CA GLN C 344 -48.76 1.56 -0.51
C GLN C 344 -47.87 2.43 -1.39
N ASN C 345 -46.64 2.70 -0.97
CA ASN C 345 -45.76 3.52 -1.78
C ASN C 345 -45.42 2.82 -3.09
N VAL C 346 -45.17 1.51 -3.04
CA VAL C 346 -44.86 0.76 -4.25
C VAL C 346 -46.06 0.75 -5.19
N LEU C 347 -47.28 0.62 -4.65
CA LEU C 347 -48.46 0.64 -5.49
C LEU C 347 -48.66 1.99 -6.18
N ARG C 348 -48.33 3.08 -5.49
CA ARG C 348 -48.44 4.39 -6.11
C ARG C 348 -47.48 4.51 -7.29
N TYR C 349 -46.28 3.93 -7.18
CA TYR C 349 -45.36 3.94 -8.32
C TYR C 349 -45.94 3.14 -9.47
N ILE C 350 -46.54 1.99 -9.16
CA ILE C 350 -47.13 1.17 -10.22
C ILE C 350 -48.22 1.95 -10.94
N GLU C 351 -49.07 2.65 -10.18
CA GLU C 351 -50.14 3.41 -10.82
C GLU C 351 -49.60 4.57 -11.62
N SER C 352 -48.50 5.16 -11.17
CA SER C 352 -47.85 6.21 -11.95
C SER C 352 -47.37 5.67 -13.29
N GLY C 353 -46.83 4.44 -13.30
CA GLY C 353 -46.41 3.83 -14.55
C GLY C 353 -47.58 3.63 -15.51
N LYS C 354 -48.71 3.15 -14.99
CA LYS C 354 -49.88 2.99 -15.83
C LYS C 354 -50.35 4.33 -16.38
N SER C 355 -50.38 5.36 -15.53
CA SER C 355 -50.96 6.63 -15.94
C SER C 355 -50.09 7.39 -16.95
N GLU C 356 -48.79 7.13 -16.98
CA GLU C 356 -47.86 7.73 -17.94
C GLU C 356 -47.71 6.89 -19.19
N GLY C 357 -48.42 5.78 -19.29
CA GLY C 357 -48.47 5.05 -20.52
C GLY C 357 -47.48 3.92 -20.67
N ALA C 358 -46.71 3.60 -19.63
CA ALA C 358 -45.85 2.42 -19.71
C ALA C 358 -46.72 1.18 -19.82
N ARG C 359 -46.25 0.19 -20.59
CA ARG C 359 -47.04 -1.00 -20.85
C ARG C 359 -46.78 -2.05 -19.77
N LEU C 360 -47.83 -2.47 -19.09
CA LEU C 360 -47.73 -3.47 -18.03
C LEU C 360 -47.58 -4.83 -18.70
N LEU C 361 -46.42 -5.45 -18.53
CA LEU C 361 -46.18 -6.76 -19.11
C LEU C 361 -46.73 -7.88 -18.21
N CYS C 362 -46.60 -7.72 -16.91
CA CYS C 362 -47.14 -8.68 -15.95
C CYS C 362 -47.14 -8.03 -14.57
N GLY C 363 -47.92 -8.63 -13.67
CA GLY C 363 -48.04 -8.14 -12.31
C GLY C 363 -48.82 -6.84 -12.26
N GLY C 364 -48.44 -5.98 -11.31
CA GLY C 364 -49.05 -4.69 -11.14
C GLY C 364 -50.16 -4.62 -10.11
N ASP C 365 -50.44 -5.69 -9.39
CA ASP C 365 -51.52 -5.72 -8.41
C ASP C 365 -51.04 -6.45 -7.18
N VAL C 366 -51.80 -6.33 -6.09
CA VAL C 366 -51.53 -7.15 -4.90
C VAL C 366 -51.90 -8.60 -5.17
N LEU C 367 -51.34 -9.49 -4.35
CA LEU C 367 -51.72 -10.90 -4.37
C LEU C 367 -52.90 -11.13 -3.44
N LYS C 368 -53.80 -12.03 -3.84
CA LYS C 368 -55.05 -12.28 -3.14
C LYS C 368 -55.21 -13.78 -2.96
N GLY C 369 -56.04 -14.15 -1.98
CA GLY C 369 -56.34 -15.54 -1.72
C GLY C 369 -55.80 -16.00 -0.39
N GLU C 370 -56.02 -17.28 -0.12
CA GLU C 370 -55.59 -17.88 1.13
C GLU C 370 -54.08 -17.72 1.31
N GLY C 371 -53.68 -17.16 2.45
CA GLY C 371 -52.28 -16.97 2.76
C GLY C 371 -51.67 -15.69 2.24
N PHE C 372 -52.40 -14.90 1.46
CA PHE C 372 -51.89 -13.64 0.95
C PHE C 372 -52.67 -12.43 1.40
N ASP C 373 -53.96 -12.58 1.72
CA ASP C 373 -54.79 -11.43 2.05
C ASP C 373 -54.31 -10.68 3.28
N ASN C 374 -53.60 -11.35 4.18
CA ASN C 374 -53.11 -10.74 5.41
C ASN C 374 -51.66 -10.26 5.32
N GLY C 375 -51.00 -10.45 4.18
CA GLY C 375 -49.63 -9.99 4.02
C GLY C 375 -49.49 -8.82 3.07
N ALA C 376 -48.36 -8.11 3.13
CA ALA C 376 -48.16 -6.92 2.30
C ALA C 376 -47.56 -7.29 0.93
N TRP C 377 -48.30 -8.16 0.23
CA TRP C 377 -47.79 -8.74 -1.00
C TRP C 377 -48.02 -7.83 -2.21
N VAL C 378 -47.00 -7.73 -3.07
CA VAL C 378 -47.13 -7.13 -4.39
C VAL C 378 -46.65 -8.14 -5.41
N ALA C 379 -47.40 -8.29 -6.50
CA ALA C 379 -46.99 -9.22 -7.54
C ALA C 379 -45.71 -8.75 -8.23
N PRO C 380 -44.85 -9.68 -8.66
CA PRO C 380 -43.70 -9.30 -9.48
C PRO C 380 -44.18 -8.59 -10.74
N THR C 381 -43.65 -7.39 -10.95
CA THR C 381 -44.19 -6.46 -11.93
C THR C 381 -43.10 -6.05 -12.91
N VAL C 382 -43.48 -6.04 -14.18
CA VAL C 382 -42.60 -5.62 -15.27
C VAL C 382 -43.35 -4.62 -16.13
N PHE C 383 -42.76 -3.44 -16.33
CA PHE C 383 -43.24 -2.47 -17.30
C PHE C 383 -42.30 -2.48 -18.48
N THR C 384 -42.83 -2.32 -19.69
CA THR C 384 -41.99 -2.21 -20.87
C THR C 384 -42.46 -1.01 -21.69
N ASP C 385 -41.77 -0.80 -22.82
CA ASP C 385 -41.95 0.41 -23.62
C ASP C 385 -41.68 1.66 -22.79
N CYS C 386 -40.73 1.56 -21.85
CA CYS C 386 -40.45 2.66 -20.94
C CYS C 386 -39.50 3.68 -21.58
N THR C 387 -39.60 4.92 -21.09
CA THR C 387 -38.80 6.04 -21.56
C THR C 387 -38.17 6.77 -20.39
N ASP C 388 -37.10 7.52 -20.69
CA ASP C 388 -36.22 8.05 -19.66
C ASP C 388 -36.88 9.07 -18.75
N ASP C 389 -38.00 9.67 -19.18
CA ASP C 389 -38.68 10.71 -18.41
C ASP C 389 -39.77 10.19 -17.47
N MET C 390 -40.09 8.90 -17.53
CA MET C 390 -41.18 8.37 -16.71
C MET C 390 -40.79 8.35 -15.25
N THR C 391 -41.78 8.52 -14.38
CA THR C 391 -41.51 8.51 -12.95
C THR C 391 -40.93 7.18 -12.51
N ILE C 392 -41.49 6.06 -13.00
CA ILE C 392 -40.99 4.76 -12.60
C ILE C 392 -39.58 4.53 -13.11
N VAL C 393 -39.16 5.27 -14.13
CA VAL C 393 -37.81 5.10 -14.64
C VAL C 393 -36.82 6.01 -13.90
N ARG C 394 -37.26 7.18 -13.43
CA ARG C 394 -36.36 8.16 -12.84
C ARG C 394 -36.14 7.94 -11.35
N GLU C 395 -37.10 7.32 -10.67
CA GLU C 395 -37.11 7.26 -9.21
C GLU C 395 -37.00 5.82 -8.73
N GLU C 396 -36.30 5.65 -7.61
CA GLU C 396 -36.19 4.34 -6.97
C GLU C 396 -37.51 3.94 -6.34
N ILE C 397 -37.98 2.74 -6.68
CA ILE C 397 -39.25 2.22 -6.19
C ILE C 397 -39.07 1.35 -4.95
N PHE C 398 -37.96 0.61 -4.90
CA PHE C 398 -37.68 -0.27 -3.77
C PHE C 398 -38.78 -1.30 -3.60
N GLY C 399 -39.25 -1.80 -4.73
CA GLY C 399 -40.20 -2.88 -4.78
C GLY C 399 -39.94 -3.70 -6.03
N PRO C 400 -40.73 -4.72 -6.23
CA PRO C 400 -40.49 -5.63 -7.35
C PRO C 400 -41.05 -5.09 -8.67
N VAL C 401 -40.42 -4.05 -9.21
CA VAL C 401 -40.89 -3.38 -10.41
C VAL C 401 -39.71 -3.19 -11.37
N MET C 402 -39.69 -3.99 -12.44
CA MET C 402 -38.68 -3.90 -13.48
C MET C 402 -39.18 -2.99 -14.61
N SER C 403 -38.30 -2.10 -15.07
CA SER C 403 -38.56 -1.25 -16.22
C SER C 403 -37.63 -1.63 -17.38
N ILE C 404 -38.23 -1.95 -18.52
CA ILE C 404 -37.49 -2.36 -19.72
C ILE C 404 -37.48 -1.22 -20.71
N LEU C 405 -36.29 -0.84 -21.18
CA LEU C 405 -36.10 0.28 -22.07
C LEU C 405 -35.37 -0.16 -23.33
N SER C 406 -35.92 0.17 -24.48
CA SER C 406 -35.27 -0.13 -25.76
CA SER C 406 -35.26 -0.14 -25.74
C SER C 406 -34.18 0.88 -26.07
N TYR C 407 -33.15 0.42 -26.78
CA TYR C 407 -32.07 1.30 -27.22
C TYR C 407 -31.52 0.79 -28.54
N ASP C 408 -30.81 1.65 -29.24
CA ASP C 408 -30.31 1.38 -30.58
C ASP C 408 -28.78 1.21 -30.67
N ASP C 409 -27.99 2.00 -29.94
CA ASP C 409 -26.54 1.94 -30.11
C ASP C 409 -25.81 2.15 -28.79
N GLU C 410 -24.53 1.77 -28.79
CA GLU C 410 -23.74 1.71 -27.56
C GLU C 410 -23.52 3.09 -26.95
N ALA C 411 -23.18 4.07 -27.77
CA ALA C 411 -22.98 5.42 -27.24
C ALA C 411 -24.26 5.95 -26.61
N GLU C 412 -25.41 5.69 -27.22
CA GLU C 412 -26.69 6.13 -26.68
C GLU C 412 -26.98 5.51 -25.32
N VAL C 413 -26.77 4.20 -25.19
CA VAL C 413 -27.14 3.54 -23.94
C VAL C 413 -26.22 3.98 -22.81
N ILE C 414 -24.97 4.30 -23.12
CA ILE C 414 -24.08 4.79 -22.06
C ILE C 414 -24.57 6.16 -21.57
N ARG C 415 -24.97 7.05 -22.47
CA ARG C 415 -25.46 8.35 -22.06
CA ARG C 415 -25.46 8.35 -22.06
C ARG C 415 -26.71 8.23 -21.19
N ARG C 416 -27.63 7.34 -21.58
CA ARG C 416 -28.90 7.22 -20.86
C ARG C 416 -28.69 6.51 -19.53
N ALA C 417 -27.78 5.55 -19.49
CA ALA C 417 -27.45 4.88 -18.23
C ALA C 417 -26.92 5.87 -17.21
N ASN C 418 -26.08 6.81 -17.66
CA ASN C 418 -25.42 7.77 -16.80
C ASN C 418 -26.27 8.98 -16.47
N ALA C 419 -27.38 9.21 -17.20
CA ALA C 419 -28.15 10.44 -17.05
C ALA C 419 -29.14 10.30 -15.89
N THR C 420 -28.60 10.36 -14.69
CA THR C 420 -29.37 10.18 -13.47
C THR C 420 -28.54 10.75 -12.33
N GLU C 421 -29.22 11.18 -11.27
CA GLU C 421 -28.51 11.61 -10.07
C GLU C 421 -28.04 10.43 -9.24
N TYR C 422 -28.59 9.24 -9.48
CA TYR C 422 -28.17 8.04 -8.77
C TYR C 422 -26.86 7.52 -9.37
N GLY C 423 -26.16 6.74 -8.56
CA GLY C 423 -24.87 6.26 -8.99
C GLY C 423 -24.41 4.98 -8.33
N LEU C 424 -25.31 4.12 -7.86
CA LEU C 424 -24.89 3.04 -6.98
C LEU C 424 -24.24 1.90 -7.76
N ALA C 425 -25.00 1.24 -8.64
CA ALA C 425 -24.54 0.04 -9.31
C ALA C 425 -24.82 0.12 -10.81
N ALA C 426 -24.25 -0.84 -11.53
CA ALA C 426 -24.49 -0.97 -12.97
C ALA C 426 -23.97 -2.33 -13.40
N GLY C 427 -24.40 -2.76 -14.59
CA GLY C 427 -23.92 -4.02 -15.13
C GLY C 427 -24.09 -4.09 -16.62
N VAL C 428 -23.31 -4.96 -17.24
CA VAL C 428 -23.38 -5.20 -18.67
C VAL C 428 -23.35 -6.70 -18.91
N VAL C 429 -24.12 -7.15 -19.90
CA VAL C 429 -24.14 -8.54 -20.34
C VAL C 429 -23.59 -8.58 -21.75
N THR C 430 -22.42 -9.20 -21.92
CA THR C 430 -21.78 -9.32 -23.23
C THR C 430 -20.65 -10.34 -23.14
N PRO C 431 -20.46 -11.19 -24.16
CA PRO C 431 -19.30 -12.08 -24.15
C PRO C 431 -18.03 -11.45 -24.69
N ASP C 432 -18.10 -10.21 -25.16
CA ASP C 432 -17.00 -9.58 -25.88
C ASP C 432 -16.03 -8.90 -24.90
N LEU C 433 -14.74 -9.25 -25.02
CA LEU C 433 -13.73 -8.71 -24.11
C LEU C 433 -13.69 -7.18 -24.16
N ASN C 434 -13.55 -6.62 -25.35
CA ASN C 434 -13.40 -5.17 -25.45
C ASN C 434 -14.68 -4.46 -24.99
N ARG C 435 -15.85 -4.96 -25.38
CA ARG C 435 -17.11 -4.31 -25.07
C ARG C 435 -17.39 -4.29 -23.57
N ALA C 436 -17.10 -5.39 -22.88
CA ALA C 436 -17.38 -5.46 -21.45
C ALA C 436 -16.59 -4.40 -20.69
N HIS C 437 -15.27 -4.35 -20.89
CA HIS C 437 -14.46 -3.38 -20.15
C HIS C 437 -14.72 -1.96 -20.65
N ARG C 438 -14.85 -1.80 -21.96
CA ARG C 438 -15.06 -0.48 -22.54
C ARG C 438 -16.33 0.18 -22.01
N ILE C 439 -17.44 -0.57 -21.98
CA ILE C 439 -18.67 -0.01 -21.46
C ILE C 439 -18.56 0.26 -19.97
N ILE C 440 -18.08 -0.73 -19.21
CA ILE C 440 -18.05 -0.59 -17.76
C ILE C 440 -17.21 0.60 -17.36
N HIS C 441 -16.11 0.86 -18.08
CA HIS C 441 -15.24 1.95 -17.68
C HIS C 441 -15.92 3.29 -17.80
N GLN C 442 -16.94 3.41 -18.66
CA GLN C 442 -17.63 4.69 -18.88
C GLN C 442 -18.86 4.89 -18.00
N LEU C 443 -19.31 3.89 -17.25
CA LEU C 443 -20.52 4.04 -16.44
C LEU C 443 -20.18 4.70 -15.11
N GLU C 444 -21.06 5.59 -14.65
CA GLU C 444 -20.85 6.39 -13.44
C GLU C 444 -21.53 5.70 -12.26
N ALA C 445 -20.90 4.63 -11.80
CA ALA C 445 -21.42 3.84 -10.69
C ALA C 445 -20.23 3.19 -9.98
N GLY C 446 -20.41 2.97 -8.67
CA GLY C 446 -19.36 2.41 -7.82
C GLY C 446 -19.27 0.90 -7.80
N ILE C 447 -20.35 0.22 -8.20
CA ILE C 447 -20.47 -1.23 -8.14
C ILE C 447 -20.85 -1.73 -9.53
N CYS C 448 -19.96 -2.45 -10.20
CA CYS C 448 -20.18 -2.83 -11.60
C CYS C 448 -20.00 -4.33 -11.80
N TRP C 449 -21.00 -4.94 -12.43
CA TRP C 449 -21.01 -6.37 -12.64
C TRP C 449 -20.99 -6.68 -14.12
N ILE C 450 -20.09 -7.58 -14.52
CA ILE C 450 -20.02 -8.06 -15.89
C ILE C 450 -20.54 -9.49 -15.89
N ASN C 451 -21.65 -9.69 -16.60
CA ASN C 451 -22.27 -11.01 -16.81
C ASN C 451 -22.68 -11.67 -15.50
N SER C 452 -23.15 -10.87 -14.56
CA SER C 452 -23.65 -11.35 -13.27
CA SER C 452 -23.63 -11.34 -13.27
C SER C 452 -24.37 -10.19 -12.61
N TRP C 453 -24.84 -10.43 -11.37
CA TRP C 453 -25.40 -9.34 -10.59
C TRP C 453 -25.40 -9.74 -9.12
N GLY C 454 -25.14 -8.77 -8.25
CA GLY C 454 -25.47 -8.89 -6.85
C GLY C 454 -24.36 -9.38 -5.93
N GLU C 455 -23.33 -10.06 -6.45
CA GLU C 455 -22.32 -10.58 -5.53
C GLU C 455 -21.49 -9.42 -4.95
N SER C 456 -21.29 -9.44 -3.65
CA SER C 456 -20.65 -8.34 -2.92
C SER C 456 -19.62 -8.90 -1.95
N PRO C 457 -18.47 -9.35 -2.47
CA PRO C 457 -17.47 -9.98 -1.60
C PRO C 457 -16.96 -9.04 -0.52
N ALA C 458 -16.60 -9.63 0.63
CA ALA C 458 -16.08 -8.82 1.73
C ALA C 458 -14.88 -7.99 1.31
N GLU C 459 -14.12 -8.48 0.32
CA GLU C 459 -12.92 -7.80 -0.17
C GLU C 459 -13.21 -6.59 -1.04
N MET C 460 -14.45 -6.46 -1.54
CA MET C 460 -14.78 -5.53 -2.60
C MET C 460 -15.44 -4.29 -2.05
N PRO C 461 -14.82 -3.11 -2.12
CA PRO C 461 -15.47 -1.88 -1.65
C PRO C 461 -16.73 -1.58 -2.45
N VAL C 462 -17.79 -1.17 -1.74
CA VAL C 462 -19.07 -0.88 -2.36
C VAL C 462 -19.66 0.42 -1.81
N GLY C 463 -20.20 1.22 -2.72
CA GLY C 463 -20.84 2.47 -2.36
C GLY C 463 -21.16 3.22 -3.64
N GLY C 464 -21.78 4.38 -3.47
CA GLY C 464 -22.37 5.13 -4.56
C GLY C 464 -21.58 6.33 -5.05
N TYR C 465 -21.70 6.59 -6.36
CA TYR C 465 -21.40 7.87 -6.96
C TYR C 465 -22.57 8.83 -6.76
N LYS C 466 -22.30 10.13 -6.91
CA LYS C 466 -23.32 11.17 -6.99
C LYS C 466 -24.24 11.05 -5.78
N HIS C 467 -25.56 11.02 -5.97
CA HIS C 467 -26.48 11.09 -4.84
C HIS C 467 -26.68 9.75 -4.17
N SER C 468 -26.03 8.69 -4.64
CA SER C 468 -26.22 7.38 -4.04
C SER C 468 -25.28 7.13 -2.86
N GLY C 469 -24.32 8.00 -2.57
CA GLY C 469 -23.60 7.78 -1.32
C GLY C 469 -22.38 8.66 -1.11
N ILE C 470 -21.84 8.51 0.09
CA ILE C 470 -20.58 9.09 0.51
C ILE C 470 -19.75 7.95 1.08
N GLY C 471 -18.52 7.80 0.64
CA GLY C 471 -17.65 6.76 1.18
C GLY C 471 -18.01 5.37 0.68
N ARG C 472 -17.42 4.37 1.34
CA ARG C 472 -17.53 2.98 0.92
C ARG C 472 -17.69 2.08 2.14
N GLU C 473 -18.18 0.88 1.90
CA GLU C 473 -18.14 -0.21 2.86
C GLU C 473 -17.41 -1.41 2.25
N ASN C 474 -16.89 -2.25 3.13
CA ASN C 474 -16.15 -3.46 2.76
C ASN C 474 -14.81 -3.12 2.14
N GLY C 475 -13.96 -4.12 1.93
CA GLY C 475 -12.62 -3.91 1.44
C GLY C 475 -11.69 -3.36 2.52
N VAL C 476 -10.40 -3.35 2.18
CA VAL C 476 -9.39 -2.87 3.13
CA VAL C 476 -9.40 -2.88 3.14
C VAL C 476 -9.58 -1.39 3.42
N MET C 477 -10.02 -0.62 2.42
CA MET C 477 -10.16 0.82 2.62
C MET C 477 -11.17 1.16 3.72
N THR C 478 -12.19 0.33 3.93
CA THR C 478 -13.18 0.68 4.93
C THR C 478 -12.66 0.48 6.34
N LEU C 479 -11.78 -0.51 6.57
CA LEU C 479 -11.08 -0.58 7.84
C LEU C 479 -10.31 0.70 8.09
N GLN C 480 -9.61 1.21 7.07
CA GLN C 480 -8.83 2.43 7.25
C GLN C 480 -9.71 3.65 7.49
N SER C 481 -10.89 3.70 6.86
CA SER C 481 -11.77 4.84 7.00
C SER C 481 -12.47 4.88 8.37
N TYR C 482 -12.38 3.82 9.15
CA TYR C 482 -12.81 3.89 10.54
C TYR C 482 -11.67 4.22 11.50
N THR C 483 -10.52 4.65 10.97
CA THR C 483 -9.48 5.24 11.78
C THR C 483 -9.27 6.69 11.33
N GLN C 484 -8.58 7.46 12.15
CA GLN C 484 -8.17 8.80 11.76
C GLN C 484 -6.64 8.86 11.83
N VAL C 485 -6.06 9.60 10.90
CA VAL C 485 -4.61 9.68 10.76
C VAL C 485 -4.07 10.75 11.68
N LYS C 486 -3.06 10.41 12.47
CA LYS C 486 -2.28 11.36 13.23
C LYS C 486 -0.87 11.37 12.68
N SER C 487 -0.42 12.53 12.21
CA SER C 487 0.95 12.70 11.75
C SER C 487 1.83 13.29 12.85
N ILE C 488 3.01 12.69 13.03
CA ILE C 488 3.94 13.03 14.10
C ILE C 488 5.31 13.33 13.51
N GLN C 489 5.80 14.54 13.72
CA GLN C 489 7.16 14.90 13.31
C GLN C 489 8.10 14.88 14.50
N VAL C 490 9.19 14.14 14.36
CA VAL C 490 10.27 14.15 15.33
C VAL C 490 11.35 15.05 14.73
N GLU C 491 11.58 16.21 15.36
CA GLU C 491 12.65 17.12 14.98
C GLU C 491 13.82 16.92 15.94
N MET C 492 14.91 16.36 15.44
CA MET C 492 16.11 16.13 16.23
C MET C 492 17.15 17.22 16.05
N GLY C 493 16.94 18.15 15.13
CA GLY C 493 17.84 19.25 14.93
C GLY C 493 17.44 20.43 15.79
N PRO C 494 18.31 21.44 15.85
CA PRO C 494 17.99 22.64 16.63
C PRO C 494 16.89 23.44 15.97
N PHE C 495 15.85 23.76 16.73
CA PHE C 495 14.75 24.54 16.22
C PHE C 495 15.13 26.01 16.08
N GLN C 496 14.81 26.59 14.94
CA GLN C 496 15.16 27.97 14.63
C GLN C 496 13.90 28.84 14.67
N SER C 497 13.93 29.85 15.53
CA SER C 497 12.91 30.86 15.59
C SER C 497 13.41 32.11 14.89
N ILE C 498 12.52 32.77 14.14
CA ILE C 498 12.88 34.03 13.49
C ILE C 498 12.69 35.22 14.42
N PHE C 499 12.28 34.99 15.67
CA PHE C 499 12.06 36.06 16.63
C PHE C 499 13.23 36.17 17.61
N MET D 13 36.34 6.47 -34.01
CA MET D 13 36.10 7.27 -32.81
C MET D 13 37.34 7.20 -31.93
N ALA D 14 37.43 8.11 -30.95
CA ALA D 14 38.55 8.08 -30.01
C ALA D 14 38.44 6.86 -29.07
N GLU D 15 39.58 6.42 -28.58
CA GLU D 15 39.62 5.30 -27.65
C GLU D 15 38.79 5.60 -26.40
N GLN D 16 37.84 4.71 -26.08
CA GLN D 16 36.88 4.95 -25.01
C GLN D 16 37.45 4.48 -23.67
N GLN D 17 37.26 5.32 -22.64
CA GLN D 17 37.82 5.09 -21.31
C GLN D 17 36.73 4.69 -20.31
N LEU D 18 37.16 4.40 -19.08
CA LEU D 18 36.23 4.16 -17.98
C LEU D 18 35.65 5.50 -17.49
N TYR D 19 34.50 5.43 -16.85
CA TYR D 19 33.89 6.61 -16.24
C TYR D 19 33.79 6.37 -14.75
N ILE D 20 34.64 7.05 -13.98
CA ILE D 20 34.67 6.87 -12.54
C ILE D 20 34.69 8.24 -11.87
N HIS D 21 33.76 8.45 -10.95
CA HIS D 21 33.72 9.68 -10.16
C HIS D 21 33.65 10.91 -11.06
N GLY D 22 32.73 10.87 -12.02
CA GLY D 22 32.44 12.09 -12.75
C GLY D 22 33.46 12.51 -13.79
N LYS D 23 34.31 11.59 -14.23
CA LYS D 23 35.31 11.93 -15.25
C LYS D 23 35.69 10.64 -15.97
N PHE D 24 36.12 10.78 -17.22
CA PHE D 24 36.73 9.66 -17.93
C PHE D 24 38.14 9.42 -17.39
N VAL D 25 38.48 8.16 -17.18
CA VAL D 25 39.76 7.80 -16.60
C VAL D 25 40.30 6.59 -17.34
N ALA D 26 41.62 6.53 -17.47
CA ALA D 26 42.26 5.39 -18.10
C ALA D 26 42.12 4.17 -17.21
N ALA D 27 41.88 3.03 -17.83
CA ALA D 27 41.87 1.77 -17.09
C ALA D 27 43.27 1.45 -16.61
N THR D 28 43.33 0.78 -15.46
CA THR D 28 44.58 0.31 -14.89
C THR D 28 44.80 -1.16 -15.23
N SER D 29 44.00 -1.69 -16.14
CA SER D 29 44.15 -3.09 -16.51
C SER D 29 45.26 -3.32 -17.54
N GLY D 30 45.53 -2.32 -18.37
CA GLY D 30 46.39 -2.54 -19.52
C GLY D 30 45.73 -3.30 -20.64
N LYS D 31 44.40 -3.50 -20.57
CA LYS D 31 43.66 -4.31 -21.51
C LYS D 31 42.64 -3.47 -22.26
N THR D 32 42.38 -3.85 -23.51
CA THR D 32 41.38 -3.18 -24.34
C THR D 32 40.65 -4.23 -25.17
N PHE D 33 39.51 -3.83 -25.74
CA PHE D 33 38.74 -4.67 -26.64
C PHE D 33 38.10 -3.77 -27.70
N GLU D 34 37.59 -4.40 -28.77
CA GLU D 34 37.03 -3.69 -29.90
C GLU D 34 35.55 -3.99 -30.00
N THR D 35 34.77 -2.97 -30.36
CA THR D 35 33.36 -3.15 -30.71
C THR D 35 33.23 -2.95 -32.21
N ILE D 36 32.49 -3.86 -32.86
CA ILE D 36 32.41 -3.93 -34.31
C ILE D 36 31.10 -3.30 -34.72
N ASN D 37 31.10 -2.61 -35.86
CA ASN D 37 29.85 -2.16 -36.46
C ASN D 37 29.26 -3.37 -37.18
N PRO D 38 28.13 -3.92 -36.73
CA PRO D 38 27.62 -5.14 -37.36
C PRO D 38 27.15 -4.96 -38.78
N ALA D 39 26.97 -3.72 -39.25
CA ALA D 39 26.53 -3.48 -40.63
C ALA D 39 27.67 -3.49 -41.64
N THR D 40 28.89 -3.19 -41.19
CA THR D 40 30.03 -3.08 -42.10
C THR D 40 31.18 -3.99 -41.71
N GLY D 41 31.22 -4.49 -40.48
CA GLY D 41 32.35 -5.25 -39.99
C GLY D 41 33.51 -4.42 -39.53
N GLU D 42 33.43 -3.10 -39.69
CA GLU D 42 34.51 -2.19 -39.30
C GLU D 42 34.55 -2.03 -37.79
N VAL D 43 35.72 -1.72 -37.27
CA VAL D 43 35.85 -1.41 -35.84
C VAL D 43 35.28 -0.02 -35.59
N LEU D 44 34.27 0.05 -34.70
CA LEU D 44 33.74 1.36 -34.29
C LEU D 44 34.69 2.08 -33.34
N ALA D 45 35.25 1.35 -32.36
CA ALA D 45 36.10 2.00 -31.38
C ALA D 45 36.86 0.95 -30.58
N THR D 46 38.00 1.37 -30.07
CA THR D 46 38.72 0.59 -29.06
C THR D 46 38.31 1.10 -27.68
N VAL D 47 38.01 0.17 -26.77
CA VAL D 47 37.45 0.47 -25.46
C VAL D 47 38.33 -0.16 -24.38
N GLN D 48 38.69 0.64 -23.39
CA GLN D 48 39.48 0.13 -22.27
C GLN D 48 38.63 -0.76 -21.37
N ALA D 49 39.25 -1.80 -20.81
CA ALA D 49 38.57 -2.80 -20.00
C ALA D 49 38.94 -2.61 -18.54
N ALA D 50 37.93 -2.58 -17.68
CA ALA D 50 38.18 -2.36 -16.26
C ALA D 50 38.73 -3.63 -15.61
N GLY D 51 39.85 -3.49 -14.92
CA GLY D 51 40.43 -4.59 -14.17
C GLY D 51 39.95 -4.60 -12.73
N ARG D 52 40.52 -5.53 -11.96
CA ARG D 52 40.12 -5.71 -10.57
C ARG D 52 40.38 -4.45 -9.77
N GLU D 53 41.49 -3.77 -10.06
CA GLU D 53 41.80 -2.51 -9.39
C GLU D 53 40.83 -1.41 -9.81
N ASP D 54 40.41 -1.41 -11.08
CA ASP D 54 39.44 -0.42 -11.54
C ASP D 54 38.10 -0.58 -10.82
N VAL D 55 37.65 -1.84 -10.65
CA VAL D 55 36.39 -2.08 -9.95
C VAL D 55 36.47 -1.58 -8.51
N ASP D 56 37.58 -1.86 -7.83
CA ASP D 56 37.71 -1.39 -6.45
C ASP D 56 37.71 0.14 -6.38
N ARG D 57 38.34 0.79 -7.36
N ARG D 57 38.36 0.79 -7.36
CA ARG D 57 38.30 2.25 -7.41
CA ARG D 57 38.30 2.25 -7.44
C ARG D 57 36.89 2.76 -7.65
C ARG D 57 36.88 2.74 -7.63
N ALA D 58 36.12 2.08 -8.52
CA ALA D 58 34.74 2.47 -8.76
C ALA D 58 33.89 2.30 -7.50
N VAL D 59 34.13 1.24 -6.75
CA VAL D 59 33.36 1.00 -5.54
C VAL D 59 33.62 2.09 -4.52
N LYS D 60 34.90 2.43 -4.30
CA LYS D 60 35.20 3.46 -3.33
C LYS D 60 34.64 4.81 -3.76
N SER D 61 34.71 5.11 -5.06
CA SER D 61 34.05 6.30 -5.60
C SER D 61 32.55 6.25 -5.36
N ALA D 62 31.94 5.10 -5.64
CA ALA D 62 30.49 4.94 -5.46
C ALA D 62 30.11 5.10 -4.00
N GLN D 63 30.91 4.57 -3.08
CA GLN D 63 30.61 4.72 -1.66
C GLN D 63 30.59 6.18 -1.25
N GLN D 64 31.55 6.95 -1.76
CA GLN D 64 31.62 8.38 -1.45
C GLN D 64 30.44 9.15 -2.04
N GLY D 65 30.10 8.90 -3.32
CA GLY D 65 28.99 9.60 -3.92
C GLY D 65 27.64 9.23 -3.33
N GLN D 66 27.46 7.96 -2.97
CA GLN D 66 26.18 7.52 -2.45
C GLN D 66 25.82 8.25 -1.17
N LYS D 67 26.82 8.53 -0.33
CA LYS D 67 26.53 9.25 0.91
C LYS D 67 26.07 10.66 0.64
N VAL D 68 26.69 11.34 -0.33
CA VAL D 68 26.20 12.66 -0.74
C VAL D 68 24.78 12.55 -1.29
N TRP D 69 24.57 11.58 -2.19
CA TRP D 69 23.28 11.40 -2.85
C TRP D 69 22.17 11.11 -1.84
N ALA D 70 22.42 10.19 -0.89
CA ALA D 70 21.39 9.82 0.06
C ALA D 70 21.09 10.91 1.09
N ALA D 71 22.05 11.79 1.36
CA ALA D 71 21.84 12.86 2.32
C ALA D 71 20.95 13.98 1.77
N MET D 72 20.82 14.08 0.45
CA MET D 72 19.94 15.06 -0.15
C MET D 72 18.49 14.75 0.21
N SER D 73 17.63 15.75 0.03
CA SER D 73 16.20 15.51 0.20
C SER D 73 15.69 14.65 -0.95
N ALA D 74 14.52 14.04 -0.73
CA ALA D 74 13.89 13.25 -1.78
C ALA D 74 13.61 14.08 -3.03
N MET D 75 13.08 15.30 -2.87
CA MET D 75 12.78 16.10 -4.04
C MET D 75 14.05 16.61 -4.72
N ALA D 76 15.14 16.83 -3.97
CA ALA D 76 16.39 17.20 -4.62
C ALA D 76 16.87 16.08 -5.56
N ARG D 77 16.79 14.82 -5.12
CA ARG D 77 17.10 13.70 -6.01
C ARG D 77 16.12 13.64 -7.19
N SER D 78 14.83 13.87 -6.93
CA SER D 78 13.84 13.85 -8.01
CA SER D 78 13.85 13.84 -8.02
C SER D 78 14.19 14.85 -9.10
N ARG D 79 14.56 16.07 -8.71
CA ARG D 79 14.82 17.09 -9.72
C ARG D 79 16.04 16.76 -10.56
N ILE D 80 17.06 16.17 -9.95
CA ILE D 80 18.26 15.84 -10.70
C ILE D 80 17.94 14.78 -11.75
N LEU D 81 17.20 13.74 -11.37
CA LEU D 81 16.86 12.71 -12.35
C LEU D 81 15.97 13.27 -13.44
N ARG D 82 15.07 14.21 -13.09
CA ARG D 82 14.21 14.84 -14.10
CA ARG D 82 14.22 14.83 -14.11
C ARG D 82 15.03 15.67 -15.09
N LYS D 83 16.12 16.29 -14.63
CA LYS D 83 16.99 17.02 -15.56
C LYS D 83 17.68 16.07 -16.53
N ALA D 84 18.06 14.89 -16.04
CA ALA D 84 18.64 13.88 -16.92
C ALA D 84 17.62 13.44 -17.97
N VAL D 85 16.34 13.32 -17.58
CA VAL D 85 15.28 13.03 -18.54
C VAL D 85 15.24 14.10 -19.61
N ASP D 86 15.26 15.38 -19.21
CA ASP D 86 15.18 16.46 -20.20
C ASP D 86 16.34 16.39 -21.19
N ILE D 87 17.54 16.10 -20.69
CA ILE D 87 18.70 15.97 -21.57
C ILE D 87 18.53 14.80 -22.51
N LEU D 88 17.99 13.68 -22.02
CA LEU D 88 17.82 12.51 -22.85
C LEU D 88 16.80 12.77 -23.96
N ARG D 89 15.72 13.49 -23.63
CA ARG D 89 14.75 13.84 -24.67
C ARG D 89 15.40 14.69 -25.74
N GLU D 90 16.20 15.68 -25.34
CA GLU D 90 16.80 16.59 -26.30
C GLU D 90 17.79 15.88 -27.23
N ARG D 91 18.56 14.93 -26.69
CA ARG D 91 19.61 14.25 -27.44
CA ARG D 91 19.60 14.26 -27.45
C ARG D 91 19.14 12.89 -27.95
N ASN D 92 17.83 12.70 -28.07
CA ASN D 92 17.29 11.40 -28.49
C ASN D 92 17.89 10.94 -29.80
N ASP D 93 17.91 11.82 -30.80
CA ASP D 93 18.35 11.42 -32.14
C ASP D 93 19.84 11.11 -32.16
N GLU D 94 20.64 11.93 -31.49
CA GLU D 94 22.08 11.73 -31.39
C GLU D 94 22.41 10.40 -30.72
N LEU D 95 21.75 10.10 -29.60
CA LEU D 95 22.01 8.85 -28.90
C LEU D 95 21.56 7.66 -29.73
N ALA D 96 20.43 7.80 -30.42
CA ALA D 96 19.92 6.71 -31.24
C ALA D 96 20.88 6.37 -32.38
N ARG D 97 21.46 7.38 -33.02
CA ARG D 97 22.40 7.08 -34.10
C ARG D 97 23.62 6.31 -33.58
N LEU D 98 24.12 6.70 -32.41
CA LEU D 98 25.21 5.96 -31.80
C LEU D 98 24.77 4.54 -31.49
N GLU D 99 23.54 4.36 -30.99
CA GLU D 99 23.05 3.03 -30.66
C GLU D 99 22.93 2.15 -31.88
N THR D 100 22.46 2.73 -33.00
CA THR D 100 22.35 1.99 -34.24
C THR D 100 23.71 1.52 -34.74
N LEU D 101 24.72 2.40 -34.67
CA LEU D 101 26.05 2.00 -35.11
C LEU D 101 26.56 0.83 -34.27
N ASP D 102 26.27 0.85 -32.95
CA ASP D 102 26.80 -0.16 -32.03
C ASP D 102 26.05 -1.48 -32.08
N THR D 103 24.73 -1.44 -32.30
CA THR D 103 23.86 -2.62 -32.20
C THR D 103 23.41 -3.17 -33.54
N GLY D 104 23.39 -2.35 -34.59
CA GLY D 104 22.82 -2.77 -35.86
C GLY D 104 21.32 -2.64 -35.94
N LYS D 105 20.66 -2.16 -34.91
CA LYS D 105 19.22 -1.96 -35.00
C LYS D 105 18.90 -0.74 -35.84
N PRO D 106 17.85 -0.78 -36.65
CA PRO D 106 17.53 0.37 -37.51
C PRO D 106 17.29 1.62 -36.69
N LEU D 107 17.65 2.77 -37.25
CA LEU D 107 17.37 4.06 -36.63
C LEU D 107 15.87 4.23 -36.38
N SER D 108 15.04 3.66 -37.27
CA SER D 108 13.60 3.72 -37.10
C SER D 108 13.15 3.10 -35.79
N GLU D 109 13.93 2.18 -35.25
CA GLU D 109 13.66 1.66 -33.91
C GLU D 109 14.34 2.52 -32.83
N THR D 110 15.64 2.75 -32.96
CA THR D 110 16.40 3.36 -31.87
C THR D 110 15.95 4.78 -31.58
N ALA D 111 15.53 5.53 -32.59
CA ALA D 111 15.06 6.90 -32.38
C ALA D 111 13.65 6.96 -31.82
N ALA D 112 12.89 5.88 -31.89
CA ALA D 112 11.51 5.87 -31.42
C ALA D 112 11.28 5.08 -30.14
N VAL D 113 12.18 4.16 -29.78
CA VAL D 113 11.96 3.23 -28.68
C VAL D 113 13.07 3.27 -27.64
N ASP D 114 14.32 3.08 -28.06
CA ASP D 114 15.39 2.77 -27.10
C ASP D 114 15.57 3.88 -26.06
N ILE D 115 15.77 5.11 -26.52
CA ILE D 115 15.96 6.18 -25.55
C ILE D 115 14.61 6.66 -25.01
N VAL D 116 13.56 6.63 -25.83
CA VAL D 116 12.26 7.12 -25.40
C VAL D 116 11.78 6.35 -24.18
N THR D 117 11.77 5.01 -24.27
CA THR D 117 11.28 4.19 -23.16
C THR D 117 12.29 4.08 -22.03
N GLY D 118 13.58 4.23 -22.32
CA GLY D 118 14.53 4.33 -21.25
C GLY D 118 14.27 5.55 -20.40
N ALA D 119 14.07 6.71 -21.05
CA ALA D 119 13.79 7.94 -20.34
C ALA D 119 12.45 7.88 -19.62
N ASP D 120 11.45 7.21 -20.22
CA ASP D 120 10.14 7.08 -19.60
C ASP D 120 10.26 6.45 -18.22
N VAL D 121 11.13 5.44 -18.09
CA VAL D 121 11.28 4.76 -16.81
C VAL D 121 12.02 5.65 -15.82
N LEU D 122 13.05 6.36 -16.29
CA LEU D 122 13.76 7.28 -15.42
C LEU D 122 12.81 8.38 -14.93
N GLU D 123 11.97 8.89 -15.83
CA GLU D 123 10.98 9.92 -15.48
C GLU D 123 9.97 9.40 -14.47
N TYR D 124 9.48 8.18 -14.67
CA TYR D 124 8.57 7.56 -13.71
C TYR D 124 9.18 7.49 -12.32
N TYR D 125 10.38 6.93 -12.21
CA TYR D 125 10.96 6.76 -10.90
C TYR D 125 11.35 8.09 -10.26
N ALA D 126 11.73 9.07 -11.06
CA ALA D 126 12.03 10.39 -10.50
C ALA D 126 10.85 10.90 -9.69
N GLY D 127 9.63 10.73 -10.20
CA GLY D 127 8.46 11.23 -9.52
C GLY D 127 8.05 10.43 -8.30
N LEU D 128 8.46 9.15 -8.22
CA LEU D 128 8.06 8.32 -7.10
C LEU D 128 8.95 8.46 -5.87
N ILE D 129 10.14 9.08 -6.00
CA ILE D 129 11.08 9.13 -4.88
C ILE D 129 10.40 9.65 -3.62
N PRO D 130 9.62 10.73 -3.65
CA PRO D 130 8.99 11.22 -2.42
C PRO D 130 7.91 10.30 -1.87
N ALA D 131 7.43 9.33 -2.64
CA ALA D 131 6.41 8.41 -2.14
C ALA D 131 6.99 7.17 -1.47
N LEU D 132 8.30 7.02 -1.47
CA LEU D 132 8.96 5.88 -0.83
C LEU D 132 8.87 6.03 0.68
N GLU D 133 8.08 5.17 1.32
CA GLU D 133 7.77 5.30 2.74
C GLU D 133 7.95 3.96 3.44
N GLY D 134 8.37 4.02 4.70
CA GLY D 134 8.31 2.89 5.59
C GLY D 134 6.96 2.78 6.26
N SER D 135 6.92 2.00 7.35
CA SER D 135 5.67 1.71 8.02
CA SER D 135 5.68 1.66 8.02
C SER D 135 5.80 1.97 9.51
N GLN D 136 4.65 1.98 10.18
CA GLN D 136 4.60 2.09 11.63
C GLN D 136 3.57 1.10 12.12
N ILE D 137 3.92 0.37 13.18
CA ILE D 137 3.09 -0.70 13.72
C ILE D 137 2.98 -0.55 15.23
N PRO D 138 1.81 -0.25 15.78
CA PRO D 138 1.68 -0.22 17.24
C PRO D 138 1.64 -1.65 17.78
N LEU D 139 2.39 -1.89 18.85
CA LEU D 139 2.32 -3.17 19.53
C LEU D 139 1.42 -3.11 20.75
N ARG D 140 1.55 -2.05 21.53
CA ARG D 140 0.83 -1.84 22.78
C ARG D 140 1.07 -0.38 23.12
N ASP D 141 0.37 0.09 24.15
CA ASP D 141 0.51 1.51 24.48
C ASP D 141 1.97 1.88 24.74
N SER D 142 2.77 0.94 25.26
CA SER D 142 4.14 1.24 25.65
C SER D 142 5.21 0.85 24.63
N SER D 143 4.84 0.38 23.45
CA SER D 143 5.88 0.03 22.47
C SER D 143 5.33 0.09 21.06
N PHE D 144 6.16 0.53 20.11
CA PHE D 144 5.75 0.52 18.72
C PHE D 144 6.97 0.25 17.86
N VAL D 145 6.71 -0.15 16.61
CA VAL D 145 7.74 -0.43 15.62
C VAL D 145 7.56 0.53 14.45
N TYR D 146 8.67 0.99 13.89
CA TYR D 146 8.62 1.68 12.61
C TYR D 146 9.74 1.13 11.74
N THR D 147 9.56 1.25 10.43
CA THR D 147 10.53 0.73 9.47
C THR D 147 11.03 1.84 8.59
N ARG D 148 12.27 1.68 8.14
CA ARG D 148 12.91 2.54 7.16
C ARG D 148 13.25 1.72 5.93
N ARG D 149 13.02 2.31 4.77
CA ARG D 149 13.47 1.73 3.50
CA ARG D 149 13.47 1.73 3.50
C ARG D 149 14.79 2.42 3.18
N GLU D 150 15.90 1.77 3.57
CA GLU D 150 17.23 2.36 3.43
C GLU D 150 17.85 1.93 2.11
N PRO D 151 18.72 2.76 1.56
CA PRO D 151 19.49 2.33 0.38
C PRO D 151 20.29 1.09 0.67
N LEU D 152 20.46 0.24 -0.35
CA LEU D 152 21.37 -0.89 -0.28
C LEU D 152 22.82 -0.43 -0.19
N GLY D 153 23.14 0.71 -0.79
CA GLY D 153 24.49 1.23 -0.80
C GLY D 153 25.04 1.34 -2.21
N VAL D 154 26.00 0.49 -2.52
CA VAL D 154 26.56 0.37 -3.87
C VAL D 154 25.99 -0.90 -4.48
N VAL D 155 25.37 -0.77 -5.64
CA VAL D 155 24.83 -1.89 -6.39
C VAL D 155 25.44 -1.87 -7.76
N ALA D 156 25.40 -3.02 -8.43
CA ALA D 156 25.96 -3.15 -9.77
C ALA D 156 24.91 -3.67 -10.74
N GLY D 157 24.91 -3.10 -11.94
CA GLY D 157 24.08 -3.58 -13.04
C GLY D 157 24.96 -4.08 -14.18
N ILE D 158 24.58 -5.22 -14.74
CA ILE D 158 25.31 -5.81 -15.89
C ILE D 158 24.32 -5.86 -17.04
N GLY D 159 24.56 -5.10 -18.10
CA GLY D 159 23.61 -4.96 -19.17
C GLY D 159 23.81 -5.97 -20.27
N ALA D 160 22.82 -6.06 -21.14
CA ALA D 160 22.88 -6.88 -22.33
C ALA D 160 23.09 -5.97 -23.55
N TRP D 161 23.33 -6.60 -24.70
CA TRP D 161 23.70 -5.84 -25.88
C TRP D 161 22.53 -5.49 -26.77
N ASN D 162 21.34 -6.06 -26.56
CA ASN D 162 20.26 -5.81 -27.51
C ASN D 162 19.60 -4.43 -27.29
N TYR D 163 19.50 -3.97 -26.06
CA TYR D 163 18.97 -2.64 -25.75
C TYR D 163 19.92 -1.93 -24.79
N PRO D 164 21.10 -1.53 -25.28
CA PRO D 164 22.15 -1.09 -24.33
C PRO D 164 21.72 0.07 -23.44
N ILE D 165 21.26 1.18 -24.02
CA ILE D 165 20.97 2.34 -23.18
C ILE D 165 19.65 2.18 -22.42
N GLN D 166 18.68 1.51 -23.01
CA GLN D 166 17.42 1.28 -22.31
C GLN D 166 17.66 0.47 -21.04
N ILE D 167 18.43 -0.60 -21.17
CA ILE D 167 18.75 -1.44 -19.99
C ILE D 167 19.52 -0.63 -18.96
N ALA D 168 20.48 0.19 -19.42
CA ALA D 168 21.21 1.04 -18.48
C ALA D 168 20.27 1.94 -17.68
N LEU D 169 19.23 2.48 -18.34
CA LEU D 169 18.25 3.34 -17.66
C LEU D 169 17.31 2.53 -16.78
N TRP D 170 16.83 1.38 -17.25
CA TRP D 170 15.90 0.60 -16.45
C TRP D 170 16.54 0.08 -15.18
N LYS D 171 17.85 -0.17 -15.20
CA LYS D 171 18.52 -0.60 -13.97
C LYS D 171 18.89 0.60 -13.12
N SER D 172 19.47 1.65 -13.73
CA SER D 172 19.98 2.76 -12.93
C SER D 172 18.86 3.65 -12.37
N ALA D 173 17.74 3.80 -13.08
CA ALA D 173 16.69 4.69 -12.59
C ALA D 173 16.14 4.25 -11.24
N PRO D 174 15.68 3.02 -11.05
CA PRO D 174 15.20 2.65 -9.71
C PRO D 174 16.33 2.58 -8.68
N ALA D 175 17.53 2.18 -9.10
CA ALA D 175 18.65 2.12 -8.16
C ALA D 175 19.00 3.50 -7.61
N LEU D 176 19.17 4.48 -8.52
CA LEU D 176 19.44 5.85 -8.10
C LEU D 176 18.27 6.46 -7.36
N ALA D 177 17.05 6.20 -7.85
CA ALA D 177 15.88 6.76 -7.19
C ALA D 177 15.74 6.27 -5.76
N ALA D 178 16.23 5.06 -5.48
CA ALA D 178 16.16 4.53 -4.13
C ALA D 178 17.29 5.01 -3.24
N GLY D 179 18.19 5.84 -3.75
CA GLY D 179 19.28 6.37 -2.95
C GLY D 179 20.59 5.63 -3.06
N ASN D 180 20.71 4.72 -4.01
CA ASN D 180 21.95 3.96 -4.20
C ASN D 180 22.85 4.66 -5.21
N ALA D 181 24.11 4.24 -5.21
CA ALA D 181 25.00 4.46 -6.34
C ALA D 181 25.02 3.16 -7.14
N MET D 182 25.13 3.27 -8.46
CA MET D 182 25.25 2.09 -9.31
C MET D 182 26.52 2.13 -10.12
N ILE D 183 27.23 1.00 -10.16
CA ILE D 183 28.31 0.74 -11.10
C ILE D 183 27.73 -0.08 -12.23
N PHE D 184 27.77 0.44 -13.46
CA PHE D 184 27.16 -0.24 -14.59
C PHE D 184 28.24 -0.75 -15.54
N LYS D 185 28.15 -2.04 -15.86
CA LYS D 185 29.06 -2.64 -16.85
C LYS D 185 28.22 -2.99 -18.07
N PRO D 186 28.33 -2.24 -19.18
CA PRO D 186 27.60 -2.60 -20.39
C PRO D 186 28.19 -3.85 -21.02
N SER D 187 27.41 -4.45 -21.89
CA SER D 187 27.93 -5.56 -22.66
C SER D 187 29.14 -5.11 -23.47
N GLU D 188 30.13 -5.98 -23.55
CA GLU D 188 31.34 -5.69 -24.36
C GLU D 188 30.98 -5.53 -25.84
N VAL D 189 29.86 -6.11 -26.29
CA VAL D 189 29.45 -5.92 -27.69
C VAL D 189 29.04 -4.47 -27.93
N THR D 190 28.41 -3.82 -26.94
CA THR D 190 27.74 -2.53 -27.13
C THR D 190 27.98 -1.61 -25.94
N PRO D 191 29.22 -1.13 -25.76
CA PRO D 191 29.54 -0.31 -24.59
C PRO D 191 29.36 1.19 -24.73
N LEU D 192 29.02 1.70 -25.92
CA LEU D 192 29.23 3.12 -26.20
C LEU D 192 28.18 4.02 -25.56
N THR D 193 26.89 3.66 -25.62
CA THR D 193 25.88 4.58 -25.13
C THR D 193 25.88 4.69 -23.60
N ALA D 194 26.32 3.65 -22.89
CA ALA D 194 26.36 3.74 -21.43
C ALA D 194 27.33 4.83 -20.99
N LEU D 195 28.42 5.01 -21.73
CA LEU D 195 29.35 6.08 -21.41
C LEU D 195 28.72 7.45 -21.64
N LYS D 196 27.91 7.57 -22.70
CA LYS D 196 27.19 8.82 -22.93
C LYS D 196 26.23 9.10 -21.78
N LEU D 197 25.55 8.06 -21.29
CA LEU D 197 24.61 8.25 -20.20
C LEU D 197 25.32 8.78 -18.96
N ALA D 198 26.52 8.26 -18.67
CA ALA D 198 27.25 8.73 -17.50
C ALA D 198 27.51 10.23 -17.58
N GLU D 199 27.89 10.70 -18.77
CA GLU D 199 28.10 12.14 -18.95
C GLU D 199 26.82 12.92 -18.75
N ILE D 200 25.70 12.38 -19.26
CA ILE D 200 24.42 13.06 -19.12
C ILE D 200 24.01 13.17 -17.66
N TYR D 201 24.18 12.07 -16.90
CA TYR D 201 23.85 12.11 -15.48
C TYR D 201 24.67 13.19 -14.76
N ARG D 202 25.97 13.23 -15.01
CA ARG D 202 26.79 14.26 -14.37
C ARG D 202 26.31 15.65 -14.79
N GLU D 203 25.99 15.83 -16.08
CA GLU D 203 25.51 17.12 -16.53
C GLU D 203 24.21 17.50 -15.85
N ALA D 204 23.39 16.51 -15.49
CA ALA D 204 22.13 16.78 -14.81
C ALA D 204 22.31 17.13 -13.34
N GLY D 205 23.51 16.97 -12.78
CA GLY D 205 23.76 17.24 -11.39
C GLY D 205 23.91 16.02 -10.51
N LEU D 206 23.97 14.84 -11.08
CA LEU D 206 24.21 13.65 -10.26
C LEU D 206 25.57 13.78 -9.56
N PRO D 207 25.64 13.52 -8.26
CA PRO D 207 26.94 13.61 -7.58
C PRO D 207 27.95 12.65 -8.18
N ASP D 208 29.22 13.07 -8.17
CA ASP D 208 30.30 12.23 -8.66
C ASP D 208 30.29 10.90 -7.91
N GLY D 209 30.44 9.81 -8.67
CA GLY D 209 30.49 8.47 -8.13
C GLY D 209 29.16 7.75 -8.10
N VAL D 210 28.05 8.47 -8.25
CA VAL D 210 26.75 7.82 -8.12
C VAL D 210 26.45 6.91 -9.32
N PHE D 211 26.96 7.25 -10.51
CA PHE D 211 26.81 6.36 -11.68
C PHE D 211 28.16 6.29 -12.38
N ASN D 212 28.87 5.20 -12.13
CA ASN D 212 30.15 4.88 -12.75
C ASN D 212 29.91 3.80 -13.79
N VAL D 213 30.66 3.86 -14.89
CA VAL D 213 30.52 2.91 -15.99
C VAL D 213 31.86 2.25 -16.26
N LEU D 214 31.87 0.92 -16.21
CA LEU D 214 33.08 0.11 -16.37
C LEU D 214 32.89 -0.84 -17.55
N PRO D 215 33.25 -0.43 -18.76
CA PRO D 215 33.29 -1.38 -19.87
C PRO D 215 34.31 -2.47 -19.61
N GLY D 216 34.08 -3.62 -20.21
CA GLY D 216 34.98 -4.75 -20.05
C GLY D 216 34.31 -6.02 -20.56
N ILE D 217 34.97 -7.15 -20.34
CA ILE D 217 34.43 -8.42 -20.79
C ILE D 217 33.75 -9.11 -19.60
N GLY D 218 32.78 -9.96 -19.89
CA GLY D 218 32.03 -10.58 -18.78
C GLY D 218 32.94 -11.47 -17.96
N ALA D 219 33.81 -12.22 -18.65
CA ALA D 219 34.64 -13.17 -17.93
C ALA D 219 35.52 -12.49 -16.90
N GLU D 220 35.84 -11.21 -17.08
CA GLU D 220 36.71 -10.49 -16.14
C GLU D 220 35.96 -9.39 -15.41
N THR D 221 35.51 -8.34 -16.12
CA THR D 221 34.95 -7.20 -15.41
C THR D 221 33.67 -7.61 -14.68
N GLY D 222 32.81 -8.38 -15.35
CA GLY D 222 31.59 -8.82 -14.69
C GLY D 222 31.87 -9.65 -13.44
N GLN D 223 32.83 -10.56 -13.54
CA GLN D 223 33.14 -11.41 -12.39
C GLN D 223 33.69 -10.58 -11.23
N TYR D 224 34.52 -9.57 -11.54
CA TYR D 224 35.07 -8.74 -10.46
C TYR D 224 33.98 -7.99 -9.72
N LEU D 225 32.92 -7.58 -10.44
CA LEU D 225 31.81 -6.89 -9.80
C LEU D 225 31.00 -7.84 -8.91
N THR D 226 30.71 -9.03 -9.41
CA THR D 226 29.93 -10.00 -8.65
C THR D 226 30.67 -10.49 -7.42
N GLU D 227 32.01 -10.39 -7.41
CA GLU D 227 32.81 -10.87 -6.29
C GLU D 227 33.12 -9.79 -5.28
N HIS D 228 32.93 -8.52 -5.60
CA HIS D 228 33.43 -7.47 -4.72
C HIS D 228 32.66 -7.50 -3.40
N PRO D 229 33.33 -7.47 -2.25
CA PRO D 229 32.62 -7.63 -0.97
C PRO D 229 31.73 -6.45 -0.59
N ASP D 230 31.95 -5.27 -1.17
CA ASP D 230 31.24 -4.06 -0.77
C ASP D 230 30.11 -3.69 -1.72
N ILE D 231 29.77 -4.57 -2.67
CA ILE D 231 28.62 -4.38 -3.55
C ILE D 231 27.45 -5.19 -2.97
N ALA D 232 26.31 -4.51 -2.76
CA ALA D 232 25.19 -5.11 -2.04
C ALA D 232 24.19 -5.82 -2.94
N LYS D 233 24.20 -5.54 -4.23
CA LYS D 233 23.22 -6.17 -5.11
C LYS D 233 23.75 -6.15 -6.54
N ILE D 234 23.44 -7.21 -7.28
CA ILE D 234 23.79 -7.36 -8.69
C ILE D 234 22.50 -7.49 -9.45
N SER D 235 22.32 -6.69 -10.49
CA SER D 235 21.20 -6.82 -11.40
C SER D 235 21.74 -7.15 -12.78
N PHE D 236 21.30 -8.30 -13.29
CA PHE D 236 21.85 -8.80 -14.57
C PHE D 236 20.79 -9.09 -15.58
N THR D 237 21.06 -8.73 -16.82
CA THR D 237 20.21 -9.03 -17.97
C THR D 237 21.09 -9.73 -19.02
N GLY D 238 20.61 -10.87 -19.51
CA GLY D 238 21.36 -11.64 -20.50
C GLY D 238 20.72 -13.00 -20.69
N GLY D 239 21.53 -13.95 -21.21
CA GLY D 239 21.03 -15.28 -21.48
C GLY D 239 20.89 -16.14 -20.23
N VAL D 240 20.14 -17.22 -20.35
CA VAL D 240 19.83 -18.06 -19.17
C VAL D 240 21.11 -18.65 -18.59
N ALA D 241 21.99 -19.18 -19.44
CA ALA D 241 23.20 -19.83 -18.94
C ALA D 241 24.13 -18.83 -18.25
N SER D 242 24.36 -17.67 -18.87
CA SER D 242 25.23 -16.64 -18.27
C SER D 242 24.63 -16.18 -16.93
N GLY D 243 23.30 -16.15 -16.85
CA GLY D 243 22.68 -15.73 -15.61
C GLY D 243 23.02 -16.65 -14.44
N LYS D 244 23.00 -17.95 -14.67
CA LYS D 244 23.31 -18.90 -13.59
C LYS D 244 24.72 -18.72 -13.07
N LYS D 245 25.69 -18.50 -13.96
CA LYS D 245 27.06 -18.24 -13.51
C LYS D 245 27.12 -16.99 -12.64
N VAL D 246 26.49 -15.91 -13.09
CA VAL D 246 26.52 -14.66 -12.33
C VAL D 246 25.87 -14.86 -10.96
N MET D 247 24.71 -15.52 -10.91
CA MET D 247 24.04 -15.61 -9.60
C MET D 247 24.86 -16.49 -8.63
N ALA D 248 25.49 -17.56 -9.13
CA ALA D 248 26.29 -18.40 -8.24
C ALA D 248 27.46 -17.61 -7.66
N ASN D 249 28.17 -16.87 -8.50
CA ASN D 249 29.37 -16.13 -8.05
C ASN D 249 28.99 -15.07 -7.01
N SER D 250 27.85 -14.40 -7.19
CA SER D 250 27.38 -13.37 -6.25
C SER D 250 27.12 -14.03 -4.88
N ALA D 251 26.85 -15.33 -4.88
CA ALA D 251 26.65 -16.06 -3.60
C ALA D 251 27.99 -16.55 -3.03
N ALA D 252 28.78 -17.33 -3.78
CA ALA D 252 30.01 -17.91 -3.24
C ALA D 252 30.93 -16.84 -2.67
N SER D 253 30.61 -15.59 -3.04
CA SER D 253 31.44 -14.43 -2.65
C SER D 253 30.92 -13.66 -1.43
N SER D 254 29.81 -12.93 -1.56
CA SER D 254 29.39 -12.05 -0.44
C SER D 254 27.87 -11.98 -0.22
N LEU D 255 27.14 -13.04 -0.52
CA LEU D 255 25.67 -13.07 -0.23
C LEU D 255 25.02 -11.77 -0.70
N LYS D 256 25.11 -11.50 -1.99
CA LYS D 256 24.50 -10.32 -2.59
C LYS D 256 23.05 -10.60 -2.89
N GLU D 257 22.23 -9.56 -2.77
CA GLU D 257 20.90 -9.58 -3.35
C GLU D 257 21.04 -9.61 -4.89
N VAL D 258 20.09 -10.23 -5.56
CA VAL D 258 20.22 -10.46 -7.00
C VAL D 258 18.87 -10.23 -7.67
N THR D 259 18.93 -9.63 -8.87
CA THR D 259 17.84 -9.58 -9.83
C THR D 259 18.39 -10.10 -11.15
N MET D 260 17.61 -10.93 -11.82
CA MET D 260 18.01 -11.49 -13.11
C MET D 260 16.86 -11.39 -14.10
N GLU D 261 17.14 -10.80 -15.27
CA GLU D 261 16.21 -10.74 -16.39
C GLU D 261 16.85 -11.55 -17.52
N LEU D 262 16.39 -12.77 -17.70
CA LEU D 262 17.02 -13.70 -18.62
C LEU D 262 16.10 -13.87 -19.85
N GLY D 263 16.44 -14.84 -20.69
CA GLY D 263 15.70 -15.06 -21.91
C GLY D 263 14.44 -15.87 -21.70
N GLY D 264 13.78 -16.18 -22.83
CA GLY D 264 12.58 -16.98 -22.78
C GLY D 264 12.36 -17.69 -24.11
N LYS D 265 11.33 -18.53 -24.11
CA LYS D 265 10.75 -19.10 -25.32
C LYS D 265 9.24 -18.90 -25.20
N SER D 266 8.80 -17.66 -25.39
CA SER D 266 7.45 -17.28 -24.95
C SER D 266 6.41 -17.73 -25.96
N PRO D 267 5.27 -18.24 -25.50
CA PRO D 267 4.23 -18.69 -26.45
C PRO D 267 3.24 -17.60 -26.79
N LEU D 268 2.87 -17.55 -28.07
CA LEU D 268 1.78 -16.73 -28.58
C LEU D 268 0.66 -17.67 -28.98
N ILE D 269 -0.45 -17.61 -28.25
CA ILE D 269 -1.59 -18.50 -28.46
C ILE D 269 -2.64 -17.76 -29.28
N ILE D 270 -2.93 -18.27 -30.48
CA ILE D 270 -3.99 -17.75 -31.34
C ILE D 270 -5.22 -18.62 -31.13
N ALA D 271 -6.31 -18.01 -30.67
CA ALA D 271 -7.55 -18.72 -30.39
C ALA D 271 -8.34 -19.01 -31.66
N GLU D 272 -9.33 -19.90 -31.52
CA GLU D 272 -10.17 -20.29 -32.64
C GLU D 272 -11.06 -19.15 -33.13
N ASP D 273 -11.34 -18.15 -32.30
CA ASP D 273 -12.15 -17.01 -32.70
C ASP D 273 -11.30 -15.77 -33.04
N ALA D 274 -9.99 -15.92 -33.18
CA ALA D 274 -9.13 -14.77 -33.43
C ALA D 274 -9.25 -14.31 -34.87
N ASN D 275 -9.19 -13.00 -35.06
CA ASN D 275 -9.00 -12.46 -36.40
C ASN D 275 -7.56 -12.75 -36.87
N LEU D 276 -7.44 -13.37 -38.04
CA LEU D 276 -6.12 -13.84 -38.45
C LEU D 276 -5.23 -12.71 -38.95
N ASP D 277 -5.81 -11.61 -39.45
CA ASP D 277 -4.99 -10.44 -39.75
C ASP D 277 -4.38 -9.85 -38.47
N LEU D 278 -5.18 -9.72 -37.42
CA LEU D 278 -4.64 -9.26 -36.15
C LEU D 278 -3.59 -10.24 -35.61
N ALA D 279 -3.90 -11.54 -35.64
CA ALA D 279 -2.96 -12.54 -35.14
C ALA D 279 -1.64 -12.50 -35.89
N ALA D 280 -1.70 -12.36 -37.23
CA ALA D 280 -0.48 -12.30 -38.03
C ALA D 280 0.33 -11.04 -37.71
N ASP D 281 -0.35 -9.90 -37.54
CA ASP D 281 0.37 -8.68 -37.13
C ASP D 281 1.05 -8.86 -35.78
N ILE D 282 0.35 -9.47 -34.82
CA ILE D 282 0.95 -9.67 -33.50
C ILE D 282 2.14 -10.61 -33.58
N ALA D 283 2.00 -11.70 -34.34
CA ALA D 283 3.10 -12.64 -34.49
C ALA D 283 4.32 -11.98 -35.13
N MET D 284 4.10 -11.15 -36.15
CA MET D 284 5.21 -10.45 -36.78
C MET D 284 5.95 -9.57 -35.79
N MET D 285 5.21 -8.76 -35.03
CA MET D 285 5.84 -7.86 -34.07
C MET D 285 6.49 -8.62 -32.92
N ALA D 286 6.03 -9.82 -32.62
CA ALA D 286 6.57 -10.62 -31.54
C ALA D 286 7.82 -11.40 -31.95
N ASN D 287 8.21 -11.36 -33.22
CA ASN D 287 9.31 -12.17 -33.71
C ASN D 287 10.42 -11.44 -34.45
N PHE D 288 10.10 -10.35 -35.14
CA PHE D 288 11.06 -9.75 -36.05
C PHE D 288 11.47 -8.34 -35.67
N TYR D 289 10.95 -7.79 -34.59
CA TYR D 289 11.45 -6.52 -34.09
C TYR D 289 12.87 -6.69 -33.56
N SER D 290 13.70 -5.66 -33.75
CA SER D 290 15.11 -5.74 -33.36
C SER D 290 15.76 -7.00 -33.94
N SER D 291 15.34 -7.37 -35.16
CA SER D 291 15.84 -8.55 -35.87
C SER D 291 15.72 -9.82 -35.03
N GLY D 292 14.67 -9.90 -34.22
CA GLY D 292 14.44 -11.07 -33.38
C GLY D 292 15.28 -11.14 -32.12
N GLN D 293 16.01 -10.09 -31.78
CA GLN D 293 16.89 -10.10 -30.61
C GLN D 293 16.23 -9.44 -29.41
N VAL D 294 15.11 -10.03 -28.98
CA VAL D 294 14.31 -9.51 -27.87
C VAL D 294 13.96 -10.67 -26.94
N CYS D 295 14.20 -10.50 -25.63
CA CYS D 295 14.04 -11.60 -24.70
C CYS D 295 12.59 -12.09 -24.63
N THR D 296 11.64 -11.18 -24.77
CA THR D 296 10.21 -11.45 -24.61
C THR D 296 9.55 -11.94 -25.89
N ASN D 297 10.32 -12.21 -26.94
CA ASN D 297 9.69 -12.53 -28.22
C ASN D 297 8.85 -13.80 -28.13
N GLY D 298 7.68 -13.77 -28.80
CA GLY D 298 6.77 -14.90 -28.86
C GLY D 298 7.20 -15.85 -29.97
N THR D 299 8.26 -16.61 -29.71
CA THR D 299 8.93 -17.40 -30.74
C THR D 299 8.28 -18.76 -30.95
N ARG D 300 7.35 -19.16 -30.09
CA ARG D 300 6.48 -20.32 -30.31
C ARG D 300 5.08 -19.81 -30.58
N VAL D 301 4.64 -19.88 -31.82
CA VAL D 301 3.33 -19.38 -32.22
C VAL D 301 2.41 -20.57 -32.39
N PHE D 302 1.41 -20.66 -31.51
CA PHE D 302 0.43 -21.73 -31.52
C PHE D 302 -0.80 -21.26 -32.30
N VAL D 303 -1.15 -22.00 -33.34
CA VAL D 303 -2.29 -21.66 -34.19
C VAL D 303 -3.21 -22.86 -34.29
N PRO D 304 -4.54 -22.67 -34.32
CA PRO D 304 -5.44 -23.81 -34.51
C PRO D 304 -5.18 -24.51 -35.85
N ALA D 305 -5.28 -25.84 -35.84
CA ALA D 305 -5.04 -26.60 -37.06
C ALA D 305 -5.94 -26.13 -38.19
N LYS D 306 -7.21 -25.84 -37.90
CA LYS D 306 -8.16 -25.46 -38.94
C LYS D 306 -7.78 -24.14 -39.61
N PHE D 307 -6.97 -23.31 -38.97
CA PHE D 307 -6.55 -22.02 -39.50
C PHE D 307 -5.09 -21.99 -39.92
N LYS D 308 -4.38 -23.12 -39.84
CA LYS D 308 -2.94 -23.13 -40.03
C LYS D 308 -2.54 -22.60 -41.40
N ALA D 309 -3.18 -23.10 -42.47
CA ALA D 309 -2.79 -22.73 -43.81
C ALA D 309 -2.99 -21.23 -44.05
N GLU D 310 -4.13 -20.70 -43.64
CA GLU D 310 -4.42 -19.28 -43.85
C GLU D 310 -3.45 -18.39 -43.07
N PHE D 311 -3.14 -18.76 -41.83
CA PHE D 311 -2.19 -17.99 -41.04
C PHE D 311 -0.81 -17.99 -41.70
N GLU D 312 -0.36 -19.15 -42.19
CA GLU D 312 0.93 -19.21 -42.88
C GLU D 312 0.95 -18.23 -44.06
N HIS D 313 -0.14 -18.19 -44.84
CA HIS D 313 -0.20 -17.27 -45.98
C HIS D 313 -0.09 -15.82 -45.52
N LYS D 314 -0.78 -15.46 -44.44
CA LYS D 314 -0.74 -14.10 -43.97
C LYS D 314 0.64 -13.73 -43.41
N ILE D 315 1.32 -14.68 -42.79
CA ILE D 315 2.68 -14.44 -42.32
C ILE D 315 3.62 -14.22 -43.50
N LEU D 316 3.51 -15.06 -44.52
CA LEU D 316 4.38 -14.90 -45.68
C LEU D 316 4.16 -13.56 -46.36
N GLU D 317 2.90 -13.13 -46.49
CA GLU D 317 2.62 -11.83 -47.09
C GLU D 317 3.30 -10.73 -46.28
N ARG D 318 3.24 -10.80 -44.95
CA ARG D 318 3.82 -9.73 -44.15
C ARG D 318 5.34 -9.79 -44.17
N VAL D 319 5.92 -11.00 -44.19
CA VAL D 319 7.37 -11.11 -44.26
C VAL D 319 7.90 -10.46 -45.54
N GLY D 320 7.13 -10.55 -46.64
CA GLY D 320 7.54 -9.94 -47.89
C GLY D 320 7.70 -8.43 -47.85
N ARG D 321 7.03 -7.75 -46.91
CA ARG D 321 7.13 -6.31 -46.76
C ARG D 321 8.29 -5.87 -45.87
N ILE D 322 9.00 -6.81 -45.23
CA ILE D 322 10.12 -6.43 -44.38
C ILE D 322 11.19 -5.76 -45.23
N ARG D 323 11.71 -4.63 -44.76
CA ARG D 323 12.63 -3.80 -45.54
C ARG D 323 13.99 -3.77 -44.83
N ALA D 324 14.91 -4.60 -45.30
CA ALA D 324 16.30 -4.56 -44.87
C ALA D 324 17.07 -3.59 -45.75
N GLY D 325 18.06 -2.92 -45.16
CA GLY D 325 18.84 -1.97 -45.93
C GLY D 325 19.59 -0.99 -45.03
N ASP D 326 19.87 0.18 -45.58
CA ASP D 326 20.55 1.26 -44.88
C ASP D 326 19.88 1.50 -43.53
N LEU D 327 20.63 1.30 -42.44
CA LEU D 327 20.02 1.40 -41.12
C LEU D 327 19.59 2.83 -40.77
N PHE D 328 20.08 3.81 -41.50
CA PHE D 328 19.67 5.20 -41.30
C PHE D 328 18.57 5.64 -42.26
N ALA D 329 18.12 4.76 -43.16
CA ALA D 329 17.00 5.08 -44.05
C ALA D 329 15.68 5.01 -43.30
N ASP D 330 14.75 5.90 -43.67
CA ASP D 330 13.49 6.01 -42.94
C ASP D 330 12.68 4.72 -43.02
N ASP D 331 12.63 4.09 -44.19
CA ASP D 331 11.76 2.95 -44.38
C ASP D 331 12.37 1.62 -43.94
N THR D 332 13.66 1.60 -43.58
CA THR D 332 14.27 0.37 -43.09
C THR D 332 13.68 0.00 -41.73
N ASN D 333 13.24 -1.27 -41.59
CA ASN D 333 12.68 -1.79 -40.35
C ASN D 333 13.28 -3.15 -39.95
N PHE D 334 14.41 -3.52 -40.53
CA PHE D 334 15.05 -4.79 -40.24
C PHE D 334 16.56 -4.58 -40.33
N GLY D 335 17.30 -5.07 -39.33
CA GLY D 335 18.72 -4.87 -39.30
C GLY D 335 19.51 -6.16 -39.26
N PRO D 336 20.84 -6.03 -39.33
CA PRO D 336 21.70 -7.19 -39.10
C PRO D 336 21.69 -7.59 -37.64
N LEU D 337 22.18 -8.78 -37.38
CA LEU D 337 22.39 -9.19 -35.99
C LEU D 337 23.58 -8.42 -35.40
N VAL D 338 23.64 -8.45 -34.07
CA VAL D 338 24.56 -7.56 -33.37
C VAL D 338 26.02 -7.87 -33.65
N SER D 339 26.33 -9.10 -34.08
CA SER D 339 27.71 -9.49 -34.30
C SER D 339 27.74 -10.73 -35.17
N PHE D 340 28.90 -10.96 -35.79
CA PHE D 340 29.08 -12.13 -36.64
C PHE D 340 29.13 -13.42 -35.81
N PRO D 341 29.78 -13.41 -34.64
CA PRO D 341 29.69 -14.60 -33.78
C PRO D 341 28.26 -14.95 -33.39
N HIS D 342 27.41 -13.94 -33.13
CA HIS D 342 26.02 -14.24 -32.81
C HIS D 342 25.28 -14.82 -34.02
N ARG D 343 25.55 -14.28 -35.20
CA ARG D 343 24.94 -14.84 -36.40
C ARG D 343 25.32 -16.30 -36.59
N GLN D 344 26.58 -16.66 -36.31
CA GLN D 344 26.97 -18.06 -36.44
C GLN D 344 26.11 -18.94 -35.54
N ASN D 345 25.85 -18.50 -34.30
CA ASN D 345 25.00 -19.27 -33.41
C ASN D 345 23.57 -19.33 -33.94
N VAL D 346 23.06 -18.24 -34.50
CA VAL D 346 21.69 -18.26 -35.02
C VAL D 346 21.59 -19.18 -36.23
N LEU D 347 22.60 -19.19 -37.10
CA LEU D 347 22.57 -20.05 -38.28
C LEU D 347 22.59 -21.53 -37.87
N ARG D 348 23.32 -21.87 -36.81
CA ARG D 348 23.34 -23.26 -36.37
C ARG D 348 21.95 -23.72 -35.92
N TYR D 349 21.20 -22.84 -35.25
CA TYR D 349 19.83 -23.19 -34.88
C TYR D 349 18.96 -23.39 -36.12
N ILE D 350 19.11 -22.54 -37.12
CA ILE D 350 18.31 -22.67 -38.34
C ILE D 350 18.61 -24.00 -39.02
N GLU D 351 19.88 -24.38 -39.09
CA GLU D 351 20.22 -25.66 -39.73
C GLU D 351 19.68 -26.83 -38.93
N SER D 352 19.61 -26.70 -37.59
CA SER D 352 19.00 -27.74 -36.77
C SER D 352 17.52 -27.88 -37.08
N GLY D 353 16.82 -26.77 -37.31
CA GLY D 353 15.42 -26.85 -37.68
C GLY D 353 15.22 -27.59 -38.99
N LYS D 354 16.07 -27.32 -39.97
CA LYS D 354 15.97 -28.03 -41.24
C LYS D 354 16.20 -29.52 -41.04
N SER D 355 17.24 -29.88 -40.28
CA SER D 355 17.62 -31.28 -40.19
C SER D 355 16.66 -32.10 -39.34
N GLU D 356 15.93 -31.46 -38.44
CA GLU D 356 14.95 -32.14 -37.57
C GLU D 356 13.57 -32.22 -38.20
N GLY D 357 13.41 -31.79 -39.44
CA GLY D 357 12.19 -32.02 -40.18
C GLY D 357 11.17 -30.90 -40.13
N ALA D 358 11.51 -29.77 -39.53
CA ALA D 358 10.63 -28.62 -39.62
C ALA D 358 10.59 -28.12 -41.06
N ARG D 359 9.43 -27.63 -41.48
CA ARG D 359 9.25 -27.14 -42.85
C ARG D 359 9.62 -25.66 -42.90
N LEU D 360 10.56 -25.32 -43.79
CA LEU D 360 11.01 -23.94 -43.93
C LEU D 360 9.99 -23.16 -44.75
N LEU D 361 9.36 -22.15 -44.13
CA LEU D 361 8.39 -21.33 -44.84
C LEU D 361 9.02 -20.19 -45.60
N CYS D 362 10.08 -19.60 -45.07
CA CYS D 362 10.79 -18.54 -45.77
C CYS D 362 12.10 -18.31 -45.04
N GLY D 363 13.02 -17.64 -45.72
CA GLY D 363 14.30 -17.28 -45.11
C GLY D 363 15.20 -18.48 -44.89
N GLY D 364 15.96 -18.43 -43.80
CA GLY D 364 16.85 -19.51 -43.42
C GLY D 364 18.28 -19.37 -43.88
N ASP D 365 18.62 -18.25 -44.52
CA ASP D 365 19.96 -18.03 -45.05
C ASP D 365 20.37 -16.60 -44.73
N VAL D 366 21.67 -16.33 -44.90
CA VAL D 366 22.14 -14.95 -44.86
C VAL D 366 21.62 -14.17 -46.07
N LEU D 367 21.64 -12.84 -45.94
CA LEU D 367 21.32 -11.94 -47.04
C LEU D 367 22.59 -11.62 -47.82
N LYS D 368 22.45 -11.47 -49.14
CA LYS D 368 23.57 -11.32 -50.06
C LYS D 368 23.36 -10.12 -50.97
N GLY D 369 24.47 -9.63 -51.52
CA GLY D 369 24.44 -8.54 -52.48
C GLY D 369 25.13 -7.31 -51.92
N GLU D 370 25.14 -6.27 -52.76
CA GLU D 370 25.76 -5.01 -52.36
C GLU D 370 25.06 -4.47 -51.12
N GLY D 371 25.85 -4.13 -50.10
CA GLY D 371 25.33 -3.60 -48.85
C GLY D 371 24.96 -4.64 -47.82
N PHE D 372 24.98 -5.92 -48.14
CA PHE D 372 24.67 -6.97 -47.19
C PHE D 372 25.84 -7.91 -46.95
N ASP D 373 26.75 -8.04 -47.93
CA ASP D 373 27.84 -9.00 -47.82
C ASP D 373 28.77 -8.67 -46.65
N ASN D 374 28.85 -7.40 -46.27
CA ASN D 374 29.74 -6.97 -45.19
C ASN D 374 29.04 -6.87 -43.84
N GLY D 375 27.74 -7.18 -43.77
CA GLY D 375 27.02 -7.11 -42.51
C GLY D 375 26.60 -8.47 -41.96
N ALA D 376 26.24 -8.55 -40.68
CA ALA D 376 25.90 -9.83 -40.07
C ALA D 376 24.40 -10.14 -40.23
N TRP D 377 23.96 -10.17 -41.48
CA TRP D 377 22.55 -10.30 -41.78
C TRP D 377 22.08 -11.76 -41.79
N VAL D 378 20.91 -11.98 -41.23
CA VAL D 378 20.14 -13.21 -41.40
C VAL D 378 18.75 -12.81 -41.86
N ALA D 379 18.26 -13.49 -42.90
CA ALA D 379 16.93 -13.24 -43.42
C ALA D 379 15.86 -13.61 -42.40
N PRO D 380 14.72 -12.91 -42.41
CA PRO D 380 13.58 -13.34 -41.57
C PRO D 380 13.17 -14.76 -41.93
N THR D 381 13.10 -15.62 -40.92
CA THR D 381 12.97 -17.05 -41.11
C THR D 381 11.75 -17.56 -40.35
N VAL D 382 10.96 -18.41 -41.01
CA VAL D 382 9.78 -19.01 -40.40
C VAL D 382 9.82 -20.52 -40.61
N PHE D 383 9.67 -21.28 -39.53
CA PHE D 383 9.46 -22.72 -39.60
C PHE D 383 8.02 -23.02 -39.21
N THR D 384 7.43 -24.00 -39.88
CA THR D 384 6.11 -24.51 -39.51
C THR D 384 6.18 -26.04 -39.46
N ASP D 385 5.05 -26.68 -39.16
CA ASP D 385 5.02 -28.12 -38.89
C ASP D 385 5.96 -28.47 -37.75
N CYS D 386 6.09 -27.58 -36.77
CA CYS D 386 7.02 -27.82 -35.68
C CYS D 386 6.39 -28.70 -34.62
N THR D 387 7.24 -29.42 -33.88
CA THR D 387 6.81 -30.28 -32.79
C THR D 387 7.62 -29.91 -31.55
N ASP D 388 7.06 -30.26 -30.39
CA ASP D 388 7.59 -29.79 -29.11
C ASP D 388 8.97 -30.33 -28.78
N ASP D 389 9.44 -31.37 -29.47
CA ASP D 389 10.75 -31.93 -29.19
C ASP D 389 11.88 -31.29 -30.00
N MET D 390 11.56 -30.43 -30.96
CA MET D 390 12.58 -29.87 -31.83
C MET D 390 13.45 -28.85 -31.08
N THR D 391 14.72 -28.79 -31.48
CA THR D 391 15.66 -27.87 -30.84
C THR D 391 15.21 -26.41 -31.01
N ILE D 392 14.76 -26.04 -32.22
CA ILE D 392 14.35 -24.65 -32.46
C ILE D 392 13.13 -24.29 -31.62
N VAL D 393 12.37 -25.28 -31.18
CA VAL D 393 11.18 -25.01 -30.38
C VAL D 393 11.51 -24.93 -28.90
N ARG D 394 12.51 -25.67 -28.45
CA ARG D 394 12.79 -25.76 -27.02
C ARG D 394 13.78 -24.69 -26.55
N GLU D 395 14.61 -24.16 -27.43
CA GLU D 395 15.71 -23.31 -27.01
C GLU D 395 15.58 -21.90 -27.58
N GLU D 396 15.99 -20.92 -26.79
CA GLU D 396 15.96 -19.54 -27.23
C GLU D 396 17.02 -19.33 -28.30
N ILE D 397 16.59 -18.78 -29.43
CA ILE D 397 17.48 -18.57 -30.56
C ILE D 397 18.07 -17.16 -30.53
N PHE D 398 17.24 -16.20 -30.12
CA PHE D 398 17.64 -14.80 -30.07
C PHE D 398 18.03 -14.32 -31.47
N GLY D 399 17.26 -14.76 -32.45
CA GLY D 399 17.37 -14.30 -33.81
C GLY D 399 16.00 -14.29 -34.45
N PRO D 400 15.92 -13.87 -35.72
CA PRO D 400 14.61 -13.74 -36.39
C PRO D 400 14.12 -15.08 -36.91
N VAL D 401 13.70 -15.94 -35.99
CA VAL D 401 13.27 -17.30 -36.31
C VAL D 401 11.95 -17.57 -35.60
N MET D 402 10.85 -17.58 -36.35
CA MET D 402 9.53 -17.90 -35.82
C MET D 402 9.23 -19.37 -36.02
N SER D 403 8.69 -20.01 -34.99
CA SER D 403 8.24 -21.40 -35.04
C SER D 403 6.72 -21.44 -34.90
N ILE D 404 6.04 -22.02 -35.90
CA ILE D 404 4.58 -22.16 -35.91
C ILE D 404 4.23 -23.60 -35.53
N LEU D 405 3.35 -23.75 -34.54
CA LEU D 405 2.91 -25.04 -34.03
C LEU D 405 1.39 -25.13 -34.08
N SER D 406 0.86 -26.22 -34.62
CA SER D 406 -0.57 -26.45 -34.69
CA SER D 406 -0.57 -26.43 -34.68
C SER D 406 -1.08 -27.09 -33.40
N TYR D 407 -2.31 -26.72 -33.03
CA TYR D 407 -2.98 -27.32 -31.87
C TYR D 407 -4.48 -27.47 -32.15
N ASP D 408 -5.11 -28.33 -31.36
CA ASP D 408 -6.50 -28.73 -31.54
C ASP D 408 -7.46 -28.23 -30.47
N ASP D 409 -7.05 -28.17 -29.19
CA ASP D 409 -7.95 -27.79 -28.11
C ASP D 409 -7.24 -26.94 -27.06
N GLU D 410 -8.07 -26.22 -26.28
CA GLU D 410 -7.58 -25.20 -25.36
C GLU D 410 -6.73 -25.82 -24.25
N ALA D 411 -7.16 -26.95 -23.70
CA ALA D 411 -6.38 -27.60 -22.66
C ALA D 411 -5.01 -28.00 -23.16
N GLU D 412 -4.95 -28.51 -24.38
CA GLU D 412 -3.68 -28.94 -24.96
C GLU D 412 -2.72 -27.77 -25.11
N VAL D 413 -3.20 -26.66 -25.65
CA VAL D 413 -2.30 -25.55 -25.95
C VAL D 413 -1.78 -24.92 -24.66
N ILE D 414 -2.59 -24.92 -23.61
CA ILE D 414 -2.12 -24.41 -22.33
C ILE D 414 -1.01 -25.31 -21.78
N ARG D 415 -1.23 -26.63 -21.78
CA ARG D 415 -0.18 -27.56 -21.35
C ARG D 415 1.10 -27.37 -22.16
N ARG D 416 0.98 -27.29 -23.49
CA ARG D 416 2.19 -27.18 -24.31
C ARG D 416 2.86 -25.82 -24.11
N ALA D 417 2.07 -24.74 -23.97
CA ALA D 417 2.67 -23.45 -23.70
C ALA D 417 3.47 -23.46 -22.41
N ASN D 418 2.97 -24.14 -21.38
CA ASN D 418 3.60 -24.18 -20.08
C ASN D 418 4.72 -25.21 -19.95
N ALA D 419 4.85 -26.12 -20.92
CA ALA D 419 5.78 -27.24 -20.82
C ALA D 419 7.18 -26.78 -21.24
N THR D 420 7.78 -25.97 -20.37
CA THR D 420 9.07 -25.38 -20.66
C THR D 420 9.70 -24.90 -19.36
N GLU D 421 11.04 -24.84 -19.35
CA GLU D 421 11.77 -24.26 -18.24
C GLU D 421 11.77 -22.73 -18.27
N TYR D 422 11.46 -22.13 -19.43
CA TYR D 422 11.38 -20.69 -19.58
C TYR D 422 10.03 -20.18 -19.05
N GLY D 423 10.01 -18.90 -18.68
CA GLY D 423 8.83 -18.33 -18.06
C GLY D 423 8.63 -16.84 -18.22
N LEU D 424 9.15 -16.24 -19.30
CA LEU D 424 9.25 -14.80 -19.34
C LEU D 424 7.93 -14.13 -19.71
N ALA D 425 7.45 -14.39 -20.91
CA ALA D 425 6.27 -13.72 -21.43
C ALA D 425 5.34 -14.75 -22.05
N ALA D 426 4.13 -14.28 -22.39
CA ALA D 426 3.11 -15.07 -23.06
C ALA D 426 2.03 -14.13 -23.56
N GLY D 427 1.20 -14.62 -24.48
CA GLY D 427 0.11 -13.82 -24.98
C GLY D 427 -0.97 -14.68 -25.60
N VAL D 428 -2.17 -14.10 -25.70
CA VAL D 428 -3.31 -14.74 -26.33
C VAL D 428 -3.98 -13.71 -27.25
N VAL D 429 -4.48 -14.18 -28.39
CA VAL D 429 -5.27 -13.36 -29.30
C VAL D 429 -6.68 -13.94 -29.34
N THR D 430 -7.65 -13.19 -28.82
CA THR D 430 -9.05 -13.62 -28.83
C THR D 430 -9.96 -12.45 -28.49
N PRO D 431 -11.12 -12.33 -29.14
CA PRO D 431 -12.10 -11.30 -28.76
C PRO D 431 -13.02 -11.70 -27.61
N ASP D 432 -12.92 -12.92 -27.12
CA ASP D 432 -13.87 -13.44 -26.14
C ASP D 432 -13.40 -13.07 -24.72
N LEU D 433 -14.31 -12.48 -23.94
CA LEU D 433 -13.97 -12.05 -22.59
C LEU D 433 -13.45 -13.20 -21.75
N ASN D 434 -14.21 -14.29 -21.70
CA ASN D 434 -13.86 -15.40 -20.80
C ASN D 434 -12.58 -16.07 -21.25
N ARG D 435 -12.42 -16.29 -22.54
CA ARG D 435 -11.27 -17.01 -23.05
C ARG D 435 -9.99 -16.23 -22.77
N ALA D 436 -10.02 -14.91 -22.96
CA ALA D 436 -8.80 -14.14 -22.76
C ALA D 436 -8.31 -14.25 -21.32
N HIS D 437 -9.19 -13.96 -20.34
CA HIS D 437 -8.77 -13.98 -18.94
C HIS D 437 -8.52 -15.41 -18.46
N ARG D 438 -9.38 -16.36 -18.86
CA ARG D 438 -9.22 -17.74 -18.42
C ARG D 438 -7.89 -18.36 -18.87
N ILE D 439 -7.53 -18.15 -20.13
CA ILE D 439 -6.28 -18.70 -20.63
C ILE D 439 -5.09 -18.02 -19.96
N ILE D 440 -5.12 -16.68 -19.91
CA ILE D 440 -3.98 -15.95 -19.36
C ILE D 440 -3.73 -16.34 -17.92
N HIS D 441 -4.79 -16.57 -17.14
CA HIS D 441 -4.59 -16.88 -15.74
C HIS D 441 -3.85 -18.19 -15.55
N GLN D 442 -3.90 -19.09 -16.53
CA GLN D 442 -3.26 -20.39 -16.41
C GLN D 442 -1.85 -20.44 -16.98
N LEU D 443 -1.38 -19.40 -17.65
CA LEU D 443 -0.06 -19.44 -18.27
C LEU D 443 1.01 -19.10 -17.23
N GLU D 444 2.12 -19.80 -17.31
CA GLU D 444 3.20 -19.65 -16.33
C GLU D 444 4.27 -18.71 -16.90
N ALA D 445 3.92 -17.42 -16.89
CA ALA D 445 4.78 -16.36 -17.41
C ALA D 445 4.51 -15.09 -16.61
N GLY D 446 5.54 -14.26 -16.47
CA GLY D 446 5.43 -13.04 -15.70
C GLY D 446 4.86 -11.86 -16.48
N ILE D 447 4.94 -11.90 -17.81
CA ILE D 447 4.56 -10.80 -18.67
C ILE D 447 3.55 -11.35 -19.68
N CYS D 448 2.30 -10.91 -19.60
CA CYS D 448 1.21 -11.47 -20.39
C CYS D 448 0.49 -10.39 -21.17
N TRP D 449 0.33 -10.58 -22.47
CA TRP D 449 -0.29 -9.61 -23.36
C TRP D 449 -1.55 -10.21 -23.98
N ILE D 450 -2.66 -9.46 -23.93
CA ILE D 450 -3.92 -9.84 -24.54
C ILE D 450 -4.14 -8.93 -25.75
N ASN D 451 -4.18 -9.54 -26.93
CA ASN D 451 -4.46 -8.84 -28.20
C ASN D 451 -3.44 -7.75 -28.49
N SER D 452 -2.19 -8.03 -28.15
CA SER D 452 -1.08 -7.11 -28.39
CA SER D 452 -1.08 -7.12 -28.43
C SER D 452 0.22 -7.87 -28.10
N TRP D 453 1.34 -7.17 -28.27
CA TRP D 453 2.62 -7.74 -27.86
C TRP D 453 3.62 -6.60 -27.67
N GLY D 454 4.48 -6.75 -26.66
CA GLY D 454 5.72 -6.00 -26.55
C GLY D 454 5.66 -4.77 -25.67
N GLU D 455 4.47 -4.19 -25.43
CA GLU D 455 4.42 -2.93 -24.71
C GLU D 455 4.78 -3.16 -23.25
N SER D 456 5.66 -2.33 -22.71
CA SER D 456 6.24 -2.53 -21.38
C SER D 456 6.18 -1.21 -20.61
N PRO D 457 4.99 -0.82 -20.15
CA PRO D 457 4.85 0.48 -19.49
C PRO D 457 5.72 0.56 -18.25
N ALA D 458 6.20 1.77 -17.95
CA ALA D 458 7.05 1.97 -16.78
C ALA D 458 6.38 1.50 -15.51
N GLU D 459 5.04 1.55 -15.46
CA GLU D 459 4.26 1.19 -14.28
C GLU D 459 4.14 -0.32 -14.07
N MET D 460 4.46 -1.11 -15.09
CA MET D 460 4.12 -2.52 -15.09
C MET D 460 5.34 -3.35 -14.72
N PRO D 461 5.34 -4.06 -13.60
CA PRO D 461 6.47 -4.94 -13.27
C PRO D 461 6.63 -6.03 -14.30
N VAL D 462 7.88 -6.30 -14.69
CA VAL D 462 8.19 -7.31 -15.71
C VAL D 462 9.36 -8.18 -15.26
N GLY D 463 9.24 -9.48 -15.53
CA GLY D 463 10.28 -10.42 -15.17
C GLY D 463 9.78 -11.83 -15.36
N GLY D 464 10.68 -12.78 -15.08
CA GLY D 464 10.43 -14.16 -15.45
C GLY D 464 10.01 -15.11 -14.34
N TYR D 465 9.14 -16.05 -14.71
CA TYR D 465 8.93 -17.26 -13.94
C TYR D 465 10.07 -18.24 -14.23
N LYS D 466 10.26 -19.21 -13.32
CA LYS D 466 11.11 -20.40 -13.52
C LYS D 466 12.51 -19.96 -13.94
N HIS D 467 13.05 -20.47 -15.03
CA HIS D 467 14.44 -20.18 -15.37
C HIS D 467 14.60 -18.83 -16.06
N SER D 468 13.52 -18.08 -16.26
CA SER D 468 13.61 -16.83 -17.00
C SER D 468 13.95 -15.62 -16.14
N GLY D 469 13.99 -15.73 -14.83
CA GLY D 469 14.48 -14.60 -14.07
C GLY D 469 14.28 -14.76 -12.58
N ILE D 470 14.84 -13.79 -11.87
CA ILE D 470 14.66 -13.59 -10.44
C ILE D 470 14.28 -12.14 -10.26
N GLY D 471 13.22 -11.89 -9.50
CA GLY D 471 12.82 -10.51 -9.27
C GLY D 471 12.15 -9.88 -10.49
N ARG D 472 11.98 -8.57 -10.39
CA ARG D 472 11.24 -7.82 -11.40
C ARG D 472 11.96 -6.51 -11.66
N GLU D 473 11.64 -5.92 -12.80
CA GLU D 473 12.01 -4.54 -13.13
C GLU D 473 10.73 -3.75 -13.38
N ASN D 474 10.82 -2.42 -13.21
CA ASN D 474 9.73 -1.46 -13.42
C ASN D 474 8.65 -1.62 -12.37
N GLY D 475 7.70 -0.67 -12.36
CA GLY D 475 6.67 -0.63 -11.34
C GLY D 475 7.18 -0.12 -10.02
N VAL D 476 6.23 0.12 -9.12
CA VAL D 476 6.57 0.61 -7.78
CA VAL D 476 6.59 0.62 -7.79
C VAL D 476 7.44 -0.41 -7.04
N MET D 477 7.12 -1.69 -7.21
CA MET D 477 7.82 -2.74 -6.46
C MET D 477 9.31 -2.73 -6.74
N THR D 478 9.74 -2.32 -7.93
CA THR D 478 11.17 -2.35 -8.22
C THR D 478 11.91 -1.22 -7.51
N LEU D 479 11.27 -0.06 -7.33
CA LEU D 479 11.84 0.96 -6.46
C LEU D 479 12.05 0.42 -5.05
N GLN D 480 11.05 -0.29 -4.53
CA GLN D 480 11.17 -0.81 -3.18
C GLN D 480 12.26 -1.88 -3.09
N SER D 481 12.42 -2.68 -4.14
CA SER D 481 13.41 -3.77 -4.12
C SER D 481 14.86 -3.27 -4.22
N TYR D 482 15.07 -1.99 -4.50
CA TYR D 482 16.38 -1.38 -4.40
C TYR D 482 16.59 -0.70 -3.06
N THR D 483 15.71 -0.93 -2.10
CA THR D 483 15.91 -0.56 -0.72
C THR D 483 15.93 -1.82 0.13
N GLN D 484 16.45 -1.68 1.35
CA GLN D 484 16.38 -2.75 2.32
C GLN D 484 15.64 -2.24 3.55
N VAL D 485 14.86 -3.13 4.13
CA VAL D 485 14.02 -2.76 5.26
C VAL D 485 14.82 -2.86 6.55
N LYS D 486 14.78 -1.79 7.36
CA LYS D 486 15.24 -1.82 8.74
C LYS D 486 14.03 -1.67 9.66
N SER D 487 13.83 -2.63 10.56
CA SER D 487 12.78 -2.58 11.55
C SER D 487 13.35 -2.07 12.87
N ILE D 488 12.65 -1.12 13.48
CA ILE D 488 13.11 -0.44 14.69
C ILE D 488 11.99 -0.55 15.71
N GLN D 489 12.27 -1.17 16.85
CA GLN D 489 11.32 -1.24 17.94
C GLN D 489 11.68 -0.20 18.99
N VAL D 490 10.70 0.63 19.37
CA VAL D 490 10.81 1.55 20.48
C VAL D 490 10.08 0.93 21.66
N GLU D 491 10.85 0.51 22.67
CA GLU D 491 10.27 -0.03 23.90
C GLU D 491 10.30 1.07 24.95
N MET D 492 9.12 1.58 25.30
CA MET D 492 9.00 2.63 26.31
C MET D 492 8.66 2.08 27.69
N GLY D 493 8.35 0.80 27.79
CA GLY D 493 8.08 0.17 29.06
C GLY D 493 9.35 -0.36 29.69
N PRO D 494 9.25 -0.80 30.95
CA PRO D 494 10.43 -1.37 31.62
C PRO D 494 10.79 -2.73 31.05
N PHE D 495 12.06 -2.89 30.69
CA PHE D 495 12.55 -4.14 30.15
C PHE D 495 12.75 -5.17 31.26
N GLN D 496 12.29 -6.40 31.02
CA GLN D 496 12.31 -7.47 32.00
C GLN D 496 13.36 -8.49 31.58
N SER D 497 14.31 -8.76 32.46
CA SER D 497 15.25 -9.85 32.27
C SER D 497 14.86 -11.02 33.15
N ILE D 498 15.01 -12.23 32.61
CA ILE D 498 14.77 -13.44 33.40
C ILE D 498 15.99 -13.89 34.18
N PHE D 499 17.13 -13.18 34.06
CA PHE D 499 18.36 -13.57 34.79
C PHE D 499 18.62 -12.73 36.04
#